data_5XMS
#
_entry.id   5XMS
#
_cell.length_a   101.808
_cell.length_b   58.794
_cell.length_c   235.131
_cell.angle_alpha   90.000
_cell.angle_beta   89.990
_cell.angle_gamma   90.000
#
_symmetry.space_group_name_H-M   'C 1 2 1'
#
loop_
_entity.id
_entity.type
_entity.pdbx_description
1 polymer 'Serine hydroxymethyltransferase'
2 non-polymer N-GLYCINE-[3-HYDROXY-2-METHYL-5-PHOSPHONOOXYMETHYL-PYRIDIN-4-YL-METHANE]
3 non-polymer '(4~{S})-6-azanyl-4-[3-(2-fluorophenyl)-5-(trifluoromethyl)phenyl]-3-methyl-4-propan-2-yl-2~{H}-pyrano[2,3-c]pyrazole-5- carbonitrile'
4 non-polymer 'CHLORIDE ION'
5 water water
#
_entity_poly.entity_id   1
_entity_poly.type   'polypeptide(L)'
_entity_poly.pdbx_seq_one_letter_code
;MFNNEPLEQIDKELHDILADEEKRQRETINLIASENLTNGAVRECLGNRVSNKYSEGYPKKRYYGGNDFIDKIEELCQKR
ALEAFNVSDEEWGVNVQPLSGSAANVQALYALVGVKGKIMGMHLCSGGHLTHGFFDEKKKVSITSDMFESKLYKCNSQGY
VDLDAVREMALSFKPKVIICGYTSYPRDIDYQQFRQICDEVNAYLFADISHISSFVACNILNNPFLHADVVTTTTHKILR
GPRSALIFFNKKRNPGIEQKINSAVFPSFQGGPHNNKIAAVACQLKEVHSPAFKEYTQQVLLNSKALAKALISKQIDLVT
NGTDNHLIVVDLRKFSITGSKLQETCNAINVSLNKNTIPSDVDCVSPSGVRIGTPAMTTRGAKEKDMEFIADVLARAIKI
TVDLQEQYGKKLVDFKKGLPGNAQLQQLKQEVVTWAGALPFP
;
_entity_poly.pdbx_strand_id   A,B,C
#
# COMPACT_ATOMS: atom_id res chain seq x y z
N MET A 1 -19.18 14.06 12.02
CA MET A 1 -19.62 13.65 10.63
C MET A 1 -19.96 12.13 10.60
N PHE A 2 -20.90 11.75 11.46
CA PHE A 2 -21.35 10.36 11.60
C PHE A 2 -22.85 10.27 11.84
N ASN A 3 -23.39 9.07 11.63
CA ASN A 3 -24.81 8.82 11.88
C ASN A 3 -25.02 8.17 13.24
N ASN A 4 -25.73 8.86 14.14
CA ASN A 4 -25.98 8.33 15.47
C ASN A 4 -27.38 7.71 15.69
N GLU A 5 -28.18 7.60 14.62
CA GLU A 5 -29.49 6.93 14.69
C GLU A 5 -29.33 5.49 15.24
N PRO A 6 -30.33 5.00 16.03
CA PRO A 6 -30.18 3.61 16.51
C PRO A 6 -30.25 2.57 15.42
N LEU A 7 -29.84 1.36 15.76
CA LEU A 7 -29.81 0.21 14.86
C LEU A 7 -31.16 0.01 14.15
N GLU A 8 -32.25 0.15 14.91
CA GLU A 8 -33.60 0.01 14.35
C GLU A 8 -33.93 1.05 13.26
N GLN A 9 -33.58 2.32 13.50
CA GLN A 9 -33.79 3.36 12.49
C GLN A 9 -32.77 3.24 11.37
N ILE A 10 -31.50 3.08 11.73
CA ILE A 10 -30.37 3.01 10.77
C ILE A 10 -30.41 1.83 9.81
N ASP A 11 -30.76 0.65 10.30
CA ASP A 11 -30.80 -0.55 9.46
C ASP A 11 -31.93 -1.45 9.93
N LYS A 12 -33.14 -1.13 9.47
CA LYS A 12 -34.34 -1.85 9.86
C LYS A 12 -34.27 -3.28 9.35
N GLU A 13 -33.72 -3.47 8.15
CA GLU A 13 -33.56 -4.81 7.58
C GLU A 13 -32.77 -5.75 8.50
N LEU A 14 -31.65 -5.27 9.04
CA LEU A 14 -30.78 -6.06 9.93
C LEU A 14 -31.39 -6.29 11.30
N HIS A 15 -32.05 -5.26 11.79
CA HIS A 15 -32.65 -5.27 13.11
C HIS A 15 -33.81 -6.27 13.23
N ASP A 16 -34.51 -6.51 12.14
CA ASP A 16 -35.61 -7.47 12.14
C ASP A 16 -35.07 -8.87 12.36
N ILE A 17 -34.04 -9.22 11.60
CA ILE A 17 -33.42 -10.55 11.65
C ILE A 17 -32.81 -10.83 13.03
N LEU A 18 -32.19 -9.81 13.61
CA LEU A 18 -31.61 -9.96 14.95
C LEU A 18 -32.71 -10.23 15.96
N ALA A 19 -33.83 -9.50 15.85
CA ALA A 19 -35.00 -9.72 16.70
C ALA A 19 -35.61 -11.10 16.43
N ASP A 20 -35.56 -11.53 15.17
CA ASP A 20 -35.94 -12.89 14.81
C ASP A 20 -35.05 -13.92 15.51
N GLU A 21 -33.74 -13.69 15.43
CA GLU A 21 -32.72 -14.53 16.07
C GLU A 21 -32.97 -14.61 17.58
N GLU A 22 -33.29 -13.47 18.17
CA GLU A 22 -33.55 -13.38 19.59
C GLU A 22 -34.72 -14.27 19.98
N LYS A 23 -35.78 -14.19 19.20
CA LYS A 23 -37.00 -14.98 19.42
C LYS A 23 -36.72 -16.48 19.27
N ARG A 24 -35.97 -16.88 18.27
CA ARG A 24 -35.63 -18.27 18.10
C ARG A 24 -34.78 -18.85 19.29
N GLN A 25 -33.82 -18.08 19.79
CA GLN A 25 -33.03 -18.52 20.94
C GLN A 25 -33.88 -18.76 22.18
N ARG A 26 -34.76 -17.80 22.47
CA ARG A 26 -35.62 -17.83 23.64
C ARG A 26 -36.75 -18.87 23.51
N GLU A 27 -36.95 -19.37 22.30
CA GLU A 27 -37.99 -20.33 22.04
C GLU A 27 -37.45 -21.70 21.68
N THR A 28 -36.20 -21.95 22.02
CA THR A 28 -35.54 -23.16 21.59
C THR A 28 -35.05 -23.90 22.82
N ILE A 29 -35.06 -25.23 22.75
CA ILE A 29 -34.41 -26.05 23.76
C ILE A 29 -32.99 -26.29 23.21
N ASN A 30 -32.03 -25.56 23.78
CA ASN A 30 -30.65 -25.55 23.28
C ASN A 30 -29.81 -26.58 24.01
N LEU A 31 -29.58 -27.70 23.34
CA LEU A 31 -28.74 -28.75 23.87
C LEU A 31 -27.35 -28.77 23.23
N ILE A 32 -26.92 -27.70 22.54
CA ILE A 32 -25.56 -27.65 21.98
C ILE A 32 -24.61 -27.62 23.16
N ALA A 33 -23.71 -28.57 23.26
CA ALA A 33 -22.85 -28.70 24.45
C ALA A 33 -21.93 -27.49 24.60
N SER A 34 -21.55 -26.91 23.47
CA SER A 34 -20.65 -25.74 23.43
C SER A 34 -21.29 -24.36 23.51
N GLU A 35 -22.62 -24.28 23.57
CA GLU A 35 -23.31 -23.00 23.59
C GLU A 35 -23.70 -22.60 24.97
N ASN A 36 -23.89 -21.30 25.16
CA ASN A 36 -24.35 -20.73 26.44
C ASN A 36 -25.02 -19.40 26.19
N LEU A 37 -25.52 -18.76 27.23
CA LEU A 37 -26.16 -17.46 27.06
C LEU A 37 -25.51 -16.45 27.97
N THR A 38 -24.99 -15.38 27.39
CA THR A 38 -24.28 -14.36 28.16
C THR A 38 -25.21 -13.36 28.77
N ASN A 39 -24.82 -12.82 29.92
CA ASN A 39 -25.62 -11.81 30.61
C ASN A 39 -25.44 -10.44 29.97
N GLY A 40 -26.28 -9.51 30.40
CA GLY A 40 -26.27 -8.15 29.88
C GLY A 40 -24.95 -7.43 30.11
N ALA A 41 -24.31 -7.68 31.23
CA ALA A 41 -23.05 -7.03 31.54
C ALA A 41 -21.91 -7.41 30.60
N VAL A 42 -21.83 -8.69 30.24
CA VAL A 42 -20.88 -9.17 29.26
C VAL A 42 -21.17 -8.56 27.89
N ARG A 43 -22.45 -8.42 27.54
CA ARG A 43 -22.83 -7.77 26.28
C ARG A 43 -22.61 -6.24 26.26
N GLU A 44 -22.58 -5.61 27.42
CA GLU A 44 -22.23 -4.19 27.56
C GLU A 44 -20.76 -3.95 27.29
N CYS A 45 -19.92 -4.91 27.67
CA CYS A 45 -18.49 -4.85 27.44
C CYS A 45 -18.16 -5.01 25.97
N LEU A 46 -18.88 -5.93 25.31
CA LEU A 46 -18.67 -6.25 23.91
C LEU A 46 -19.07 -5.07 23.02
N GLY A 47 -20.09 -4.32 23.45
CA GLY A 47 -20.47 -3.08 22.78
C GLY A 47 -19.71 -1.83 23.21
N ASN A 48 -18.70 -1.98 24.08
CA ASN A 48 -18.01 -0.82 24.63
C ASN A 48 -17.05 -0.16 23.65
N ARG A 49 -16.82 1.15 23.83
CA ARG A 49 -15.84 1.91 23.00
C ARG A 49 -14.41 1.54 23.20
N VAL A 50 -14.11 0.70 24.16
CA VAL A 50 -12.77 0.20 24.34
C VAL A 50 -12.22 -0.49 23.06
N SER A 51 -13.11 -1.07 22.25
CA SER A 51 -12.75 -1.72 20.97
C SER A 51 -12.17 -0.77 19.94
N ASN A 52 -12.44 0.53 20.10
CA ASN A 52 -11.80 1.56 19.29
C ASN A 52 -10.26 1.58 19.33
N LYS A 53 -9.67 1.18 20.44
CA LYS A 53 -8.25 1.36 20.67
C LYS A 53 -7.38 0.27 20.09
N TYR A 54 -6.30 0.69 19.44
CA TYR A 54 -5.28 -0.20 18.94
C TYR A 54 -4.22 -0.27 20.02
N SER A 55 -3.95 -1.46 20.54
CA SER A 55 -2.96 -1.63 21.57
C SER A 55 -2.09 -2.83 21.34
N GLU A 56 -1.46 -2.89 20.16
CA GLU A 56 -0.46 -3.90 19.86
C GLU A 56 0.66 -3.98 20.91
N GLY A 57 1.02 -5.18 21.30
CA GLY A 57 2.04 -5.42 22.30
C GLY A 57 1.41 -5.99 23.53
N TYR A 58 2.02 -5.69 24.67
CA TYR A 58 1.53 -6.18 25.97
C TYR A 58 1.50 -5.05 26.98
N PRO A 59 0.81 -5.22 28.14
CA PRO A 59 0.75 -4.13 29.14
C PRO A 59 2.12 -3.61 29.58
N LYS A 60 2.30 -2.28 29.50
CA LYS A 60 3.56 -1.61 29.81
C LYS A 60 4.62 -1.80 28.71
N LYS A 61 4.25 -2.52 27.65
CA LYS A 61 5.13 -2.76 26.48
C LYS A 61 4.32 -2.54 25.21
N ARG A 62 3.50 -1.50 25.24
CA ARG A 62 2.64 -1.16 24.12
C ARG A 62 3.47 -0.46 23.10
N TYR A 63 3.11 -0.65 21.84
CA TYR A 63 3.72 0.13 20.78
C TYR A 63 3.28 1.56 20.90
N TYR A 64 1.99 1.79 21.16
CA TYR A 64 1.42 3.15 21.25
C TYR A 64 1.17 3.54 22.69
N GLY A 65 1.09 4.84 22.95
CA GLY A 65 0.67 5.39 24.26
C GLY A 65 -0.83 5.52 24.30
N GLY A 66 -1.35 6.13 25.35
CA GLY A 66 -2.78 6.26 25.53
C GLY A 66 -3.42 4.93 25.90
N ASN A 67 -2.61 4.01 26.41
CA ASN A 67 -3.04 2.68 26.74
C ASN A 67 -3.10 2.45 28.27
N ASP A 68 -3.26 3.52 29.02
CA ASP A 68 -3.25 3.42 30.48
C ASP A 68 -4.45 2.65 31.01
N PHE A 69 -5.63 3.02 30.54
CA PHE A 69 -6.84 2.35 30.95
C PHE A 69 -6.97 0.95 30.32
N ILE A 70 -6.53 0.81 29.07
CA ILE A 70 -6.42 -0.51 28.41
C ILE A 70 -5.49 -1.47 29.16
N ASP A 71 -4.36 -0.95 29.62
CA ASP A 71 -3.40 -1.76 30.41
C ASP A 71 -3.99 -2.25 31.71
N LYS A 72 -4.82 -1.43 32.36
CA LYS A 72 -5.48 -1.87 33.61
C LYS A 72 -6.44 -3.01 33.33
N ILE A 73 -7.20 -2.91 32.23
CA ILE A 73 -8.16 -3.95 31.87
C ILE A 73 -7.43 -5.24 31.49
N GLU A 74 -6.34 -5.16 30.73
CA GLU A 74 -5.63 -6.39 30.38
C GLU A 74 -4.99 -7.02 31.60
N GLU A 75 -4.49 -6.21 32.54
CA GLU A 75 -3.89 -6.75 33.81
C GLU A 75 -4.95 -7.26 34.76
N LEU A 76 -6.04 -6.53 34.88
CA LEU A 76 -7.20 -7.03 35.65
C LEU A 76 -7.73 -8.38 35.15
N CYS A 77 -7.68 -8.60 33.83
CA CYS A 77 -8.15 -9.84 33.22
C CYS A 77 -7.22 -11.01 33.51
N GLN A 78 -5.92 -10.78 33.40
CA GLN A 78 -4.92 -11.83 33.67
C GLN A 78 -4.90 -12.28 35.15
N LYS A 79 -5.11 -11.33 36.06
CA LYS A 79 -5.16 -11.62 37.50
C LYS A 79 -6.37 -12.53 37.75
N ARG A 80 -7.55 -12.03 37.35
CA ARG A 80 -8.81 -12.76 37.53
C ARG A 80 -8.82 -14.16 36.92
N ALA A 81 -8.05 -14.36 35.84
CA ALA A 81 -7.97 -15.66 35.18
C ALA A 81 -7.17 -16.66 35.98
N LEU A 82 -6.04 -16.19 36.48
CA LEU A 82 -5.14 -17.03 37.28
C LEU A 82 -5.79 -17.35 38.63
N GLU A 83 -6.48 -16.37 39.18
CA GLU A 83 -7.27 -16.58 40.38
C GLU A 83 -8.39 -17.60 40.15
N ALA A 84 -9.14 -17.45 39.07
CA ALA A 84 -10.30 -18.31 38.77
C ALA A 84 -9.90 -19.75 38.60
N PHE A 85 -8.75 -19.96 37.94
CA PHE A 85 -8.23 -21.31 37.73
C PHE A 85 -7.24 -21.78 38.81
N ASN A 86 -7.27 -21.10 39.96
CA ASN A 86 -6.54 -21.54 41.15
C ASN A 86 -5.04 -21.77 40.91
N VAL A 87 -4.39 -20.77 40.34
CA VAL A 87 -2.97 -20.86 40.06
C VAL A 87 -2.34 -19.56 40.57
N SER A 88 -1.06 -19.68 40.93
CA SER A 88 -0.29 -18.54 41.44
C SER A 88 0.39 -17.84 40.29
N ASP A 89 0.29 -16.51 40.27
CA ASP A 89 0.93 -15.73 39.22
C ASP A 89 2.45 -15.86 39.17
N GLU A 90 3.04 -16.31 40.27
CA GLU A 90 4.49 -16.58 40.30
C GLU A 90 4.76 -17.84 39.51
N GLU A 91 3.94 -18.87 39.71
CA GLU A 91 4.05 -20.15 39.00
C GLU A 91 3.44 -20.22 37.58
N TRP A 92 2.32 -19.52 37.35
CA TRP A 92 1.63 -19.60 36.05
C TRP A 92 1.48 -18.25 35.38
N GLY A 93 1.60 -18.26 34.06
CA GLY A 93 1.26 -17.11 33.25
C GLY A 93 0.07 -17.40 32.34
N VAL A 94 -0.62 -16.32 31.96
CA VAL A 94 -1.75 -16.39 31.04
C VAL A 94 -1.77 -15.26 30.00
N ASN A 95 -2.12 -15.62 28.76
CA ASN A 95 -2.32 -14.63 27.68
C ASN A 95 -3.81 -14.48 27.35
N VAL A 96 -4.27 -13.23 27.34
CA VAL A 96 -5.69 -12.91 27.14
C VAL A 96 -6.01 -12.35 25.73
N GLN A 97 -5.00 -12.30 24.86
CA GLN A 97 -5.17 -11.75 23.54
C GLN A 97 -5.79 -12.67 22.48
N PRO A 98 -5.68 -14.03 22.61
CA PRO A 98 -6.27 -14.83 21.52
C PRO A 98 -7.77 -14.63 21.27
N LEU A 99 -8.09 -14.44 20.00
CA LEU A 99 -9.44 -14.07 19.58
C LEU A 99 -10.44 -15.20 19.69
N SER A 100 -9.98 -16.42 19.55
CA SER A 100 -10.85 -17.57 19.67
C SER A 100 -10.06 -18.82 20.00
N GLY A 101 -10.76 -19.88 20.33
CA GLY A 101 -10.13 -21.11 20.76
C GLY A 101 -9.15 -21.69 19.78
N SER A 102 -9.54 -21.65 18.51
CA SER A 102 -8.74 -22.25 17.46
C SER A 102 -7.43 -21.47 17.24
N ALA A 103 -7.53 -20.15 17.31
CA ALA A 103 -6.36 -19.30 17.18
C ALA A 103 -5.37 -19.54 18.34
N ALA A 104 -5.90 -19.58 19.55
CA ALA A 104 -5.14 -19.84 20.73
C ALA A 104 -4.43 -21.20 20.71
N ASN A 105 -5.11 -22.26 20.29
CA ASN A 105 -4.45 -23.56 20.23
C ASN A 105 -3.34 -23.58 19.17
N VAL A 106 -3.58 -22.97 18.00
CA VAL A 106 -2.56 -22.87 16.95
C VAL A 106 -1.35 -22.01 17.41
N GLN A 107 -1.64 -20.88 18.03
CA GLN A 107 -0.61 -20.02 18.56
C GLN A 107 0.21 -20.77 19.61
N ALA A 108 -0.47 -21.37 20.59
CA ALA A 108 0.20 -22.14 21.66
C ALA A 108 1.03 -23.31 21.13
N LEU A 109 0.49 -24.05 20.16
CA LEU A 109 1.20 -25.16 19.59
C LEU A 109 2.46 -24.69 18.90
N TYR A 110 2.36 -23.58 18.17
CA TYR A 110 3.51 -23.06 17.47
C TYR A 110 4.64 -22.67 18.44
N ALA A 111 4.27 -21.94 19.49
CA ALA A 111 5.19 -21.55 20.52
C ALA A 111 5.99 -22.75 21.05
N LEU A 112 5.29 -23.85 21.35
CA LEU A 112 5.93 -25.04 21.91
C LEU A 112 6.86 -25.80 20.97
N VAL A 113 6.44 -25.98 19.73
CA VAL A 113 7.12 -26.87 18.81
C VAL A 113 7.61 -26.27 17.51
N GLY A 114 7.00 -25.17 17.08
CA GLY A 114 7.39 -24.51 15.84
C GLY A 114 6.94 -25.26 14.60
N VAL A 115 7.28 -24.69 13.44
CA VAL A 115 6.88 -25.26 12.18
C VAL A 115 7.61 -26.59 12.02
N LYS A 116 6.91 -27.53 11.37
CA LYS A 116 7.32 -28.92 11.23
C LYS A 116 7.35 -29.67 12.57
N GLY A 117 7.06 -29.00 13.69
CA GLY A 117 7.02 -29.66 15.00
C GLY A 117 6.10 -30.88 15.02
N LYS A 118 6.41 -31.84 15.89
CA LYS A 118 5.63 -33.06 16.00
C LYS A 118 4.60 -32.93 17.12
N ILE A 119 3.33 -33.20 16.79
CA ILE A 119 2.25 -33.16 17.80
C ILE A 119 1.35 -34.41 17.78
N MET A 120 0.80 -34.73 18.92
CA MET A 120 -0.11 -35.83 19.05
C MET A 120 -1.39 -35.28 19.64
N GLY A 121 -2.52 -35.70 19.10
CA GLY A 121 -3.82 -35.30 19.64
C GLY A 121 -4.88 -36.36 19.40
N MET A 122 -6.00 -36.23 20.09
CA MET A 122 -7.12 -37.11 19.82
C MET A 122 -7.75 -36.79 18.48
N HIS A 123 -8.15 -37.84 17.78
CA HIS A 123 -8.82 -37.77 16.49
C HIS A 123 -10.19 -37.10 16.63
N LEU A 124 -10.59 -36.34 15.61
CA LEU A 124 -11.88 -35.65 15.58
C LEU A 124 -13.04 -36.62 15.78
N CYS A 125 -13.04 -37.69 15.00
CA CYS A 125 -14.00 -38.82 15.11
C CYS A 125 -14.13 -39.47 16.49
N SER A 126 -13.08 -39.46 17.29
CA SER A 126 -13.11 -39.97 18.64
C SER A 126 -13.37 -38.91 19.69
N GLY A 127 -13.58 -37.66 19.29
CA GLY A 127 -13.87 -36.57 20.23
C GLY A 127 -12.82 -35.44 20.32
N GLY A 128 -11.77 -35.52 19.53
CA GLY A 128 -10.79 -34.46 19.48
C GLY A 128 -11.24 -33.24 18.68
N HIS A 129 -10.54 -32.12 18.89
CA HIS A 129 -10.81 -30.93 18.10
C HIS A 129 -10.02 -30.89 16.82
N LEU A 130 -10.50 -30.06 15.90
CA LEU A 130 -9.82 -29.82 14.62
C LEU A 130 -8.41 -29.28 14.81
N THR A 131 -8.24 -28.42 15.83
CA THR A 131 -6.96 -27.78 16.12
C THR A 131 -5.99 -28.71 16.86
N HIS A 132 -6.34 -29.98 17.01
CA HIS A 132 -5.48 -30.96 17.64
C HIS A 132 -4.76 -31.83 16.63
N GLY A 133 -4.59 -31.34 15.42
CA GLY A 133 -3.83 -32.08 14.41
C GLY A 133 -4.64 -32.82 13.37
N PHE A 134 -5.93 -32.53 13.29
CA PHE A 134 -6.81 -33.28 12.42
C PHE A 134 -6.51 -33.17 10.92
N PHE A 135 -6.38 -34.35 10.30
CA PHE A 135 -6.24 -34.48 8.88
C PHE A 135 -7.04 -35.69 8.39
N ASP A 136 -7.13 -35.81 7.07
CA ASP A 136 -7.82 -36.89 6.38
C ASP A 136 -6.93 -37.40 5.23
N GLU A 137 -7.17 -38.61 4.78
CA GLU A 137 -6.41 -39.17 3.66
C GLU A 137 -6.38 -38.14 2.52
N LYS A 138 -7.57 -37.65 2.19
CA LYS A 138 -7.77 -36.68 1.10
C LYS A 138 -7.12 -35.31 1.30
N LYS A 139 -7.08 -34.83 2.55
CA LYS A 139 -6.56 -33.49 2.83
C LYS A 139 -6.05 -33.30 4.26
N LYS A 140 -5.10 -32.41 4.42
CA LYS A 140 -4.68 -31.92 5.72
C LYS A 140 -5.69 -30.86 6.09
N VAL A 141 -6.76 -31.32 6.74
CA VAL A 141 -7.94 -30.52 7.01
C VAL A 141 -7.66 -29.35 7.94
N SER A 142 -6.80 -29.55 8.93
CA SER A 142 -6.47 -28.49 9.86
C SER A 142 -5.08 -27.99 9.58
N ILE A 143 -4.86 -26.70 9.80
CA ILE A 143 -3.51 -26.12 9.76
C ILE A 143 -2.62 -26.85 10.76
N THR A 144 -3.20 -27.35 11.85
CA THR A 144 -2.45 -28.06 12.86
C THR A 144 -1.86 -29.38 12.36
N SER A 145 -2.38 -29.91 11.25
CA SER A 145 -1.79 -31.08 10.62
C SER A 145 -0.87 -30.76 9.45
N ASP A 146 -0.82 -29.48 9.06
CA ASP A 146 -0.07 -29.03 7.89
C ASP A 146 1.19 -28.24 8.27
N MET A 147 1.09 -27.35 9.24
CA MET A 147 2.26 -26.63 9.72
C MET A 147 2.98 -27.38 10.84
N PHE A 148 2.40 -28.50 11.25
CA PHE A 148 2.95 -29.37 12.27
C PHE A 148 2.83 -30.77 11.71
N GLU A 149 3.59 -31.69 12.30
CA GLU A 149 3.50 -33.11 11.95
C GLU A 149 2.66 -33.75 13.03
N SER A 150 1.50 -34.29 12.64
CA SER A 150 0.53 -34.76 13.63
C SER A 150 0.20 -36.25 13.55
N LYS A 151 0.01 -36.83 14.72
CA LYS A 151 -0.36 -38.23 14.85
C LYS A 151 -1.64 -38.23 15.65
N LEU A 152 -2.56 -39.11 15.31
CA LEU A 152 -3.87 -39.08 15.97
C LEU A 152 -4.18 -40.38 16.66
N TYR A 153 -4.60 -40.29 17.92
CA TYR A 153 -4.94 -41.46 18.70
C TYR A 153 -6.44 -41.65 18.90
N LYS A 154 -6.93 -42.83 18.51
CA LYS A 154 -8.33 -43.21 18.67
C LYS A 154 -8.66 -43.65 20.09
N CYS A 155 -9.90 -43.41 20.50
CA CYS A 155 -10.46 -43.94 21.74
C CYS A 155 -10.85 -45.37 21.45
N ASN A 156 -11.06 -46.16 22.49
CA ASN A 156 -11.47 -47.56 22.34
C ASN A 156 -12.92 -47.74 21.91
N SER A 157 -13.34 -48.98 21.69
CA SER A 157 -14.70 -49.28 21.20
C SER A 157 -15.82 -48.92 22.20
N GLN A 158 -15.49 -48.79 23.49
CA GLN A 158 -16.46 -48.32 24.48
C GLN A 158 -16.43 -46.80 24.64
N GLY A 159 -15.62 -46.10 23.82
CA GLY A 159 -15.54 -44.63 23.85
C GLY A 159 -14.63 -43.94 24.87
N TYR A 160 -13.78 -44.69 25.56
CA TYR A 160 -12.84 -44.14 26.54
C TYR A 160 -11.47 -43.98 25.89
N VAL A 161 -10.71 -42.98 26.34
CA VAL A 161 -9.32 -42.83 25.89
C VAL A 161 -8.53 -44.07 26.33
N ASP A 162 -7.78 -44.65 25.42
CA ASP A 162 -7.03 -45.84 25.72
C ASP A 162 -5.57 -45.45 25.86
N LEU A 163 -5.10 -45.34 27.09
CA LEU A 163 -3.74 -44.86 27.38
C LEU A 163 -2.63 -45.74 26.84
N ASP A 164 -2.82 -47.04 26.85
CA ASP A 164 -1.84 -47.96 26.28
C ASP A 164 -1.56 -47.65 24.81
N ALA A 165 -2.61 -47.34 24.08
CA ALA A 165 -2.49 -46.95 22.68
C ALA A 165 -1.75 -45.61 22.53
N VAL A 166 -2.02 -44.68 23.46
CA VAL A 166 -1.36 -43.38 23.50
C VAL A 166 0.14 -43.49 23.71
N ARG A 167 0.54 -44.27 24.74
CA ARG A 167 1.95 -44.51 25.04
C ARG A 167 2.66 -45.26 23.89
N GLU A 168 1.98 -46.26 23.33
CA GLU A 168 2.50 -47.00 22.17
C GLU A 168 2.82 -46.02 21.05
N MET A 169 1.93 -45.06 20.85
CA MET A 169 2.10 -44.04 19.83
C MET A 169 3.19 -43.06 20.21
N ALA A 170 3.16 -42.54 21.42
CA ALA A 170 4.20 -41.59 21.84
C ALA A 170 5.66 -42.12 21.68
N LEU A 171 5.92 -43.37 22.09
CA LEU A 171 7.27 -43.96 22.01
C LEU A 171 7.72 -44.15 20.56
N SER A 172 6.82 -44.63 19.72
CA SER A 172 7.14 -44.80 18.31
C SER A 172 7.21 -43.44 17.56
N PHE A 173 6.23 -42.57 17.80
CA PHE A 173 6.13 -41.28 17.13
C PHE A 173 7.06 -40.19 17.68
N LYS A 174 7.30 -40.21 18.99
CA LYS A 174 8.26 -39.31 19.63
C LYS A 174 7.90 -37.85 19.44
N PRO A 175 6.67 -37.46 19.79
CA PRO A 175 6.30 -36.06 19.57
C PRO A 175 6.86 -35.10 20.60
N LYS A 176 6.92 -33.82 20.26
CA LYS A 176 7.23 -32.76 21.24
C LYS A 176 6.02 -32.31 22.05
N VAL A 177 4.79 -32.55 21.56
CA VAL A 177 3.60 -32.22 22.35
C VAL A 177 2.55 -33.30 22.24
N ILE A 178 1.84 -33.51 23.34
CA ILE A 178 0.71 -34.41 23.36
C ILE A 178 -0.46 -33.61 23.87
N ILE A 179 -1.57 -33.59 23.14
CA ILE A 179 -2.76 -32.83 23.53
C ILE A 179 -3.89 -33.68 24.12
N CYS A 180 -4.44 -33.24 25.26
CA CYS A 180 -5.62 -33.83 25.83
C CYS A 180 -6.60 -32.73 26.19
N GLY A 181 -7.84 -33.13 26.50
CA GLY A 181 -8.97 -32.20 26.63
C GLY A 181 -9.60 -32.18 25.25
N TYR A 182 -10.92 -32.37 25.19
CA TYR A 182 -11.55 -32.67 23.90
C TYR A 182 -12.86 -31.96 23.64
N THR A 183 -13.36 -32.08 22.41
CA THR A 183 -14.58 -31.36 22.01
C THR A 183 -15.86 -32.13 22.34
N SER A 184 -15.85 -33.44 22.16
CA SER A 184 -17.02 -34.25 22.51
C SER A 184 -16.68 -35.49 23.31
N TYR A 185 -16.04 -35.28 24.45
CA TYR A 185 -15.70 -36.35 25.34
C TYR A 185 -16.53 -36.21 26.59
N PRO A 186 -17.38 -37.21 26.88
CA PRO A 186 -18.29 -37.23 28.04
C PRO A 186 -17.68 -37.65 29.38
N ARG A 187 -16.39 -38.00 29.42
CA ARG A 187 -15.75 -38.39 30.68
C ARG A 187 -14.55 -37.52 31.07
N ASP A 188 -14.19 -37.64 32.35
CA ASP A 188 -13.05 -36.93 32.91
C ASP A 188 -11.75 -37.50 32.33
N ILE A 189 -10.69 -36.74 32.46
CA ILE A 189 -9.38 -37.10 31.93
C ILE A 189 -8.37 -37.41 33.05
N ASP A 190 -7.56 -38.44 32.84
CA ASP A 190 -6.45 -38.75 33.76
C ASP A 190 -5.19 -37.99 33.30
N TYR A 191 -5.04 -36.77 33.77
CA TYR A 191 -3.93 -35.91 33.37
C TYR A 191 -2.60 -36.48 33.85
N GLN A 192 -2.61 -37.02 35.08
CA GLN A 192 -1.44 -37.63 35.67
C GLN A 192 -0.84 -38.68 34.77
N GLN A 193 -1.68 -39.55 34.24
CA GLN A 193 -1.18 -40.53 33.30
C GLN A 193 -0.66 -39.92 32.03
N PHE A 194 -1.24 -38.80 31.61
CA PHE A 194 -0.70 -38.11 30.43
C PHE A 194 0.68 -37.55 30.72
N ARG A 195 0.82 -36.91 31.89
CA ARG A 195 2.11 -36.37 32.37
C ARG A 195 3.20 -37.44 32.47
N GLN A 196 2.82 -38.63 32.91
CA GLN A 196 3.73 -39.78 32.93
C GLN A 196 4.17 -40.16 31.53
N ILE A 197 3.26 -40.17 30.56
CA ILE A 197 3.62 -40.54 29.19
C ILE A 197 4.51 -39.49 28.50
N CYS A 198 4.20 -38.22 28.76
CA CYS A 198 4.95 -37.12 28.17
C CYS A 198 6.39 -37.11 28.64
N ASP A 199 6.60 -37.42 29.91
CA ASP A 199 7.94 -37.52 30.50
C ASP A 199 8.80 -38.61 29.88
N GLU A 200 8.20 -39.76 29.62
CA GLU A 200 8.91 -40.88 28.99
C GLU A 200 9.49 -40.55 27.63
N VAL A 201 8.81 -39.66 26.91
CA VAL A 201 9.20 -39.22 25.58
C VAL A 201 9.78 -37.81 25.58
N ASN A 202 9.76 -37.16 26.74
CA ASN A 202 10.20 -35.77 26.89
C ASN A 202 9.37 -34.80 26.04
N ALA A 203 8.05 -34.99 26.05
CA ALA A 203 7.12 -34.13 25.31
C ALA A 203 6.36 -33.20 26.23
N TYR A 204 5.91 -32.08 25.70
CA TYR A 204 5.06 -31.16 26.48
C TYR A 204 3.65 -31.75 26.71
N LEU A 205 3.02 -31.39 27.82
CA LEU A 205 1.64 -31.77 28.12
C LEU A 205 0.69 -30.59 27.87
N PHE A 206 -0.23 -30.75 26.92
CA PHE A 206 -1.17 -29.70 26.51
C PHE A 206 -2.57 -30.17 26.84
N ALA A 207 -3.24 -29.41 27.70
CA ALA A 207 -4.61 -29.66 28.09
C ALA A 207 -5.54 -28.58 27.55
N ASP A 208 -6.50 -28.98 26.71
CA ASP A 208 -7.50 -28.04 26.14
C ASP A 208 -8.81 -28.31 26.88
N ILE A 209 -9.14 -27.40 27.80
CA ILE A 209 -10.27 -27.58 28.71
C ILE A 209 -11.50 -26.69 28.46
N SER A 210 -11.65 -26.19 27.24
CA SER A 210 -12.76 -25.29 26.83
C SER A 210 -14.15 -25.79 27.15
N HIS A 211 -14.39 -27.06 26.87
CA HIS A 211 -15.66 -27.70 27.21
C HIS A 211 -15.95 -27.88 28.70
N ILE A 212 -14.90 -28.11 29.46
CA ILE A 212 -15.04 -28.43 30.88
C ILE A 212 -14.43 -27.37 31.81
N SER A 213 -14.14 -26.20 31.26
CA SER A 213 -13.33 -25.20 32.00
C SER A 213 -13.90 -24.86 33.35
N SER A 214 -15.20 -24.65 33.42
CA SER A 214 -15.90 -24.35 34.67
C SER A 214 -15.72 -25.43 35.70
N PHE A 215 -15.67 -26.68 35.27
CA PHE A 215 -15.53 -27.78 36.19
C PHE A 215 -14.17 -27.77 36.85
N VAL A 216 -13.16 -27.43 36.05
CA VAL A 216 -11.79 -27.39 36.47
C VAL A 216 -11.57 -26.22 37.42
N ALA A 217 -12.15 -25.07 37.09
CA ALA A 217 -12.02 -23.92 37.94
C ALA A 217 -12.61 -24.13 39.32
N CYS A 218 -13.76 -24.79 39.40
CA CYS A 218 -14.48 -24.95 40.64
C CYS A 218 -14.14 -26.27 41.30
N ASN A 219 -13.13 -26.98 40.82
CA ASN A 219 -12.64 -28.21 41.46
C ASN A 219 -13.67 -29.35 41.64
N ILE A 220 -14.53 -29.53 40.63
CA ILE A 220 -15.46 -30.65 40.57
C ILE A 220 -14.87 -31.77 39.71
N LEU A 221 -13.92 -31.44 38.86
CA LEU A 221 -13.25 -32.42 38.04
C LEU A 221 -11.74 -32.36 38.22
N ASN A 222 -11.05 -33.34 37.66
CA ASN A 222 -9.58 -33.37 37.73
C ASN A 222 -8.95 -32.06 37.25
N ASN A 223 -7.81 -31.73 37.87
CA ASN A 223 -7.15 -30.46 37.65
C ASN A 223 -5.94 -30.64 36.79
N PRO A 224 -5.96 -30.06 35.57
CA PRO A 224 -4.79 -30.30 34.73
C PRO A 224 -3.61 -29.37 35.07
N PHE A 225 -3.88 -28.32 35.84
CA PHE A 225 -2.83 -27.38 36.24
C PHE A 225 -1.74 -28.06 37.08
N LEU A 226 -2.11 -29.12 37.79
CA LEU A 226 -1.17 -29.91 38.53
C LEU A 226 -0.12 -30.60 37.66
N HIS A 227 -0.47 -30.99 36.44
CA HIS A 227 0.45 -31.75 35.59
C HIS A 227 0.82 -31.11 34.25
N ALA A 228 0.00 -30.19 33.73
CA ALA A 228 0.22 -29.68 32.37
C ALA A 228 1.18 -28.49 32.27
N ASP A 229 1.93 -28.47 31.18
CA ASP A 229 2.77 -27.33 30.82
C ASP A 229 1.95 -26.19 30.26
N VAL A 230 0.95 -26.52 29.43
CA VAL A 230 0.05 -25.49 28.86
C VAL A 230 -1.41 -25.85 29.03
N VAL A 231 -2.21 -24.88 29.42
CA VAL A 231 -3.65 -25.09 29.43
C VAL A 231 -4.36 -24.03 28.60
N THR A 232 -5.20 -24.47 27.67
CA THR A 232 -6.00 -23.53 26.85
C THR A 232 -7.47 -23.73 27.08
N THR A 233 -8.22 -22.64 26.98
CA THR A 233 -9.64 -22.69 27.05
C THR A 233 -10.29 -21.52 26.32
N THR A 234 -11.48 -21.77 25.79
CA THR A 234 -12.33 -20.72 25.27
C THR A 234 -13.11 -20.18 26.45
N THR A 235 -13.71 -19.01 26.28
CA THR A 235 -14.52 -18.40 27.36
C THR A 235 -16.05 -18.40 27.10
N HIS A 236 -16.48 -18.94 25.95
CA HIS A 236 -17.91 -18.80 25.53
C HIS A 236 -18.78 -20.03 25.77
N LYS A 237 -18.18 -21.11 26.24
CA LYS A 237 -18.94 -22.34 26.46
C LYS A 237 -19.45 -22.39 27.90
N ILE A 238 -19.10 -23.44 28.63
CA ILE A 238 -19.53 -23.63 30.02
C ILE A 238 -19.12 -22.45 30.91
N LEU A 239 -17.98 -21.82 30.59
CA LEU A 239 -17.54 -20.62 31.30
C LEU A 239 -18.50 -19.44 31.17
N ARG A 240 -19.25 -19.37 30.08
CA ARG A 240 -20.31 -18.37 29.93
C ARG A 240 -19.81 -16.95 29.67
N GLY A 241 -18.63 -16.82 29.09
CA GLY A 241 -18.08 -15.52 28.73
C GLY A 241 -18.32 -15.20 27.27
N PRO A 242 -17.58 -14.22 26.74
CA PRO A 242 -17.65 -13.91 25.30
C PRO A 242 -16.87 -14.92 24.48
N ARG A 243 -16.89 -14.72 23.18
CA ARG A 243 -16.10 -15.57 22.33
C ARG A 243 -14.64 -15.08 22.35
N SER A 244 -13.81 -15.81 23.08
CA SER A 244 -12.40 -15.50 23.26
C SER A 244 -11.69 -16.73 23.74
N ALA A 245 -10.38 -16.62 23.87
CA ALA A 245 -9.60 -17.72 24.39
C ALA A 245 -8.49 -17.24 25.34
N LEU A 246 -8.05 -18.20 26.17
CA LEU A 246 -7.05 -17.99 27.21
C LEU A 246 -5.98 -19.04 27.03
N ILE A 247 -4.73 -18.62 27.17
CA ILE A 247 -3.62 -19.57 27.15
C ILE A 247 -2.82 -19.47 28.45
N PHE A 248 -2.77 -20.59 29.16
CA PHE A 248 -2.05 -20.72 30.40
C PHE A 248 -0.74 -21.45 30.18
N PHE A 249 0.33 -21.02 30.86
CA PHE A 249 1.63 -21.68 30.73
C PHE A 249 2.33 -21.87 32.08
N ASN A 250 2.98 -23.00 32.24
CA ASN A 250 3.66 -23.31 33.50
C ASN A 250 5.12 -22.83 33.48
N LYS A 251 5.35 -21.67 34.08
CA LYS A 251 6.68 -21.05 34.14
C LYS A 251 7.66 -21.89 34.98
N LYS A 252 7.19 -22.35 36.14
CA LYS A 252 7.96 -23.23 37.04
C LYS A 252 8.49 -24.45 36.31
N ARG A 253 7.64 -25.09 35.51
CA ARG A 253 8.06 -26.26 34.78
C ARG A 253 8.98 -25.88 33.61
N ASN A 254 8.68 -24.77 32.94
CA ASN A 254 9.44 -24.31 31.76
C ASN A 254 9.74 -22.81 31.83
N PRO A 255 10.91 -22.42 32.39
CA PRO A 255 11.19 -20.99 32.38
C PRO A 255 11.53 -20.55 30.96
N GLY A 256 11.20 -19.31 30.61
CA GLY A 256 11.35 -18.84 29.23
C GLY A 256 10.22 -19.23 28.27
N ILE A 257 9.19 -19.90 28.83
CA ILE A 257 7.99 -20.29 28.08
C ILE A 257 7.06 -19.09 27.87
N GLU A 258 7.03 -18.17 28.83
CA GLU A 258 6.24 -16.95 28.74
C GLU A 258 6.51 -16.14 27.48
N GLN A 259 7.79 -15.94 27.18
CA GLN A 259 8.20 -15.22 25.99
C GLN A 259 7.73 -15.93 24.70
N LYS A 260 7.94 -17.24 24.62
CA LYS A 260 7.56 -18.02 23.45
C LYS A 260 6.05 -17.95 23.14
N ILE A 261 5.24 -18.07 24.18
CA ILE A 261 3.80 -17.97 24.09
C ILE A 261 3.36 -16.55 23.75
N ASN A 262 3.87 -15.57 24.50
CA ASN A 262 3.48 -14.21 24.29
C ASN A 262 3.86 -13.71 22.90
N SER A 263 5.04 -14.12 22.42
CA SER A 263 5.50 -13.72 21.10
C SER A 263 4.74 -14.43 19.99
N ALA A 264 4.29 -15.65 20.26
CA ALA A 264 3.43 -16.42 19.34
C ALA A 264 2.08 -15.77 19.11
N VAL A 265 1.45 -15.29 20.16
CA VAL A 265 0.18 -14.60 20.00
C VAL A 265 0.39 -13.30 19.25
N PHE A 266 1.40 -12.55 19.68
CA PHE A 266 1.83 -11.34 18.98
C PHE A 266 3.32 -11.19 19.08
N PRO A 267 4.04 -10.85 18.01
CA PRO A 267 3.44 -10.54 16.72
C PRO A 267 3.43 -11.69 15.72
N SER A 268 3.65 -12.92 16.14
CA SER A 268 3.71 -14.00 15.18
C SER A 268 2.38 -14.23 14.42
N PHE A 269 1.24 -14.22 15.12
CA PHE A 269 -0.04 -14.59 14.54
C PHE A 269 -1.03 -13.45 14.44
N GLN A 270 -1.30 -12.81 15.57
CA GLN A 270 -2.27 -11.74 15.63
C GLN A 270 -1.64 -10.36 15.56
N GLY A 271 -2.46 -9.35 15.28
CA GLY A 271 -2.08 -7.93 15.35
C GLY A 271 -2.69 -7.31 16.61
N GLY A 272 -3.44 -6.24 16.43
CA GLY A 272 -4.12 -5.56 17.53
C GLY A 272 -5.03 -6.49 18.33
N PRO A 273 -5.06 -6.33 19.69
CA PRO A 273 -6.02 -7.12 20.46
C PRO A 273 -7.40 -6.52 20.35
N HIS A 274 -8.41 -7.31 20.70
CA HIS A 274 -9.78 -6.82 20.69
C HIS A 274 -10.14 -6.52 22.11
N ASN A 275 -10.07 -5.23 22.44
CA ASN A 275 -10.23 -4.79 23.80
C ASN A 275 -11.60 -5.03 24.40
N ASN A 276 -12.64 -4.95 23.58
CA ASN A 276 -14.00 -5.28 24.04
C ASN A 276 -14.09 -6.74 24.49
N LYS A 277 -13.41 -7.64 23.78
CA LYS A 277 -13.35 -9.04 24.20
C LYS A 277 -12.70 -9.14 25.59
N ILE A 278 -11.58 -8.45 25.75
CA ILE A 278 -10.81 -8.53 26.97
C ILE A 278 -11.62 -7.98 28.17
N ALA A 279 -12.26 -6.84 27.99
CA ALA A 279 -13.13 -6.28 29.00
C ALA A 279 -14.25 -7.26 29.35
N ALA A 280 -14.86 -7.88 28.34
CA ALA A 280 -15.93 -8.83 28.56
C ALA A 280 -15.43 -10.06 29.28
N VAL A 281 -14.25 -10.52 28.93
CA VAL A 281 -13.69 -11.68 29.60
C VAL A 281 -13.42 -11.39 31.06
N ALA A 282 -12.88 -10.21 31.34
CA ALA A 282 -12.61 -9.81 32.72
C ALA A 282 -13.89 -9.86 33.53
N CYS A 283 -14.94 -9.31 32.96
CA CYS A 283 -16.23 -9.25 33.61
C CYS A 283 -16.81 -10.62 33.98
N GLN A 284 -16.63 -11.61 33.11
CA GLN A 284 -17.12 -12.96 33.40
C GLN A 284 -16.23 -13.69 34.39
N LEU A 285 -14.92 -13.48 34.31
CA LEU A 285 -14.00 -14.12 35.25
C LEU A 285 -14.32 -13.76 36.72
N LYS A 286 -14.81 -12.55 36.97
CA LYS A 286 -15.25 -12.18 38.30
C LYS A 286 -16.47 -12.99 38.73
N GLU A 287 -17.44 -13.13 37.85
CA GLU A 287 -18.57 -14.01 38.13
C GLU A 287 -18.09 -15.44 38.35
N VAL A 288 -17.12 -15.91 37.56
CA VAL A 288 -16.65 -17.29 37.68
C VAL A 288 -16.13 -17.57 39.05
N HIS A 289 -15.46 -16.59 39.65
CA HIS A 289 -14.89 -16.73 40.99
C HIS A 289 -15.86 -16.22 42.07
N SER A 290 -17.00 -16.88 42.15
CA SER A 290 -17.99 -16.54 43.15
C SER A 290 -18.61 -17.86 43.56
N PRO A 291 -19.09 -17.97 44.83
CA PRO A 291 -19.73 -19.24 45.20
C PRO A 291 -21.01 -19.56 44.38
N ALA A 292 -21.70 -18.52 43.90
CA ALA A 292 -22.87 -18.69 43.04
C ALA A 292 -22.60 -19.43 41.73
N PHE A 293 -21.51 -19.08 41.05
CA PHE A 293 -21.17 -19.70 39.78
C PHE A 293 -20.81 -21.17 39.97
N LYS A 294 -20.20 -21.49 41.11
CA LYS A 294 -19.89 -22.87 41.47
C LYS A 294 -21.19 -23.64 41.59
N GLU A 295 -22.18 -22.99 42.20
CA GLU A 295 -23.52 -23.55 42.31
C GLU A 295 -24.09 -23.90 40.93
N TYR A 296 -24.00 -22.93 40.01
CA TYR A 296 -24.49 -23.10 38.66
C TYR A 296 -23.80 -24.24 37.96
N THR A 297 -22.48 -24.31 38.12
CA THR A 297 -21.66 -25.38 37.50
C THR A 297 -22.07 -26.72 38.06
N GLN A 298 -22.32 -26.75 39.36
CA GLN A 298 -22.79 -27.98 40.02
C GLN A 298 -24.12 -28.37 39.40
N GLN A 299 -24.99 -27.38 39.23
CA GLN A 299 -26.27 -27.60 38.61
C GLN A 299 -26.15 -28.22 37.19
N VAL A 300 -25.17 -27.77 36.41
CA VAL A 300 -24.94 -28.27 35.05
C VAL A 300 -24.61 -29.76 35.11
N LEU A 301 -23.80 -30.14 36.08
CA LEU A 301 -23.45 -31.56 36.22
C LEU A 301 -24.64 -32.39 36.69
N LEU A 302 -25.40 -31.88 37.65
CA LEU A 302 -26.60 -32.56 38.16
C LEU A 302 -27.59 -32.81 37.05
N ASN A 303 -27.88 -31.76 36.27
CA ASN A 303 -28.73 -31.85 35.08
C ASN A 303 -28.22 -32.85 34.04
N SER A 304 -26.91 -32.88 33.83
CA SER A 304 -26.35 -33.83 32.89
C SER A 304 -26.49 -35.29 33.35
N LYS A 305 -26.35 -35.53 34.63
CA LYS A 305 -26.46 -36.88 35.18
C LYS A 305 -27.92 -37.32 35.05
N ALA A 306 -28.82 -36.42 35.45
CA ALA A 306 -30.25 -36.67 35.38
C ALA A 306 -30.71 -36.91 33.95
N LEU A 307 -30.19 -36.11 33.01
CA LEU A 307 -30.51 -36.29 31.61
C LEU A 307 -30.06 -37.64 31.10
N ALA A 308 -28.86 -38.05 31.48
CA ALA A 308 -28.33 -39.33 31.05
C ALA A 308 -29.15 -40.48 31.58
N LYS A 309 -29.46 -40.40 32.85
CA LYS A 309 -30.22 -41.44 33.54
C LYS A 309 -31.65 -41.58 32.93
N ALA A 310 -32.29 -40.47 32.60
CA ALA A 310 -33.61 -40.50 31.98
C ALA A 310 -33.59 -41.10 30.56
N LEU A 311 -32.56 -40.75 29.79
CA LEU A 311 -32.42 -41.30 28.44
C LEU A 311 -32.28 -42.82 28.49
N ILE A 312 -31.47 -43.31 29.44
CA ILE A 312 -31.28 -44.73 29.68
C ILE A 312 -32.57 -45.42 30.13
N SER A 313 -33.33 -44.80 31.02
CA SER A 313 -34.67 -45.30 31.36
C SER A 313 -35.63 -45.48 30.15
N LYS A 314 -35.43 -44.68 29.11
CA LYS A 314 -36.19 -44.78 27.84
C LYS A 314 -35.43 -45.60 26.84
N GLN A 315 -34.50 -46.41 27.30
CA GLN A 315 -33.79 -47.35 26.43
C GLN A 315 -32.91 -46.71 25.37
N ILE A 316 -32.37 -45.54 25.68
CA ILE A 316 -31.43 -44.88 24.79
C ILE A 316 -30.01 -45.17 25.27
N ASP A 317 -29.18 -45.65 24.35
CA ASP A 317 -27.75 -45.88 24.63
C ASP A 317 -26.89 -44.62 24.57
N LEU A 318 -26.04 -44.43 25.59
CA LEU A 318 -25.08 -43.33 25.65
C LEU A 318 -23.64 -43.83 25.53
N VAL A 319 -22.78 -43.08 24.86
CA VAL A 319 -21.38 -43.50 24.71
C VAL A 319 -20.70 -43.43 26.06
N THR A 320 -19.99 -44.52 26.40
CA THR A 320 -19.47 -44.79 27.76
C THR A 320 -20.58 -45.02 28.79
N ASN A 321 -21.81 -45.16 28.34
CA ASN A 321 -22.97 -45.34 29.20
C ASN A 321 -23.27 -44.26 30.24
N GLY A 322 -22.89 -43.03 29.97
CA GLY A 322 -23.14 -41.96 30.93
C GLY A 322 -22.16 -40.82 30.81
N THR A 323 -22.12 -40.00 31.83
CA THR A 323 -21.29 -38.84 31.78
C THR A 323 -20.67 -38.39 33.12
N ASP A 324 -19.46 -37.85 33.06
CA ASP A 324 -18.87 -37.22 34.23
C ASP A 324 -18.89 -35.73 34.11
N ASN A 325 -19.55 -35.22 33.06
CA ASN A 325 -19.56 -33.79 32.81
C ASN A 325 -20.86 -33.26 32.25
N HIS A 326 -20.78 -32.10 31.62
CA HIS A 326 -21.88 -31.34 31.01
C HIS A 326 -22.47 -31.96 29.75
N LEU A 327 -21.79 -32.94 29.15
CA LEU A 327 -22.20 -33.46 27.85
C LEU A 327 -22.42 -34.97 27.76
N ILE A 328 -23.28 -35.35 26.81
CA ILE A 328 -23.64 -36.73 26.58
C ILE A 328 -23.54 -36.97 25.10
N VAL A 329 -23.18 -38.16 24.67
CA VAL A 329 -23.25 -38.52 23.25
C VAL A 329 -24.16 -39.72 23.13
N VAL A 330 -25.23 -39.59 22.35
CA VAL A 330 -26.18 -40.68 22.14
C VAL A 330 -25.79 -41.53 20.94
N ASP A 331 -25.62 -42.82 21.19
CA ASP A 331 -25.43 -43.82 20.16
C ASP A 331 -26.80 -44.22 19.55
N LEU A 332 -27.03 -43.89 18.28
CA LEU A 332 -28.35 -44.09 17.67
C LEU A 332 -28.44 -45.34 16.78
N ARG A 333 -27.46 -46.25 16.86
CA ARG A 333 -27.45 -47.45 15.98
C ARG A 333 -28.64 -48.42 16.13
N LYS A 334 -29.15 -48.63 17.34
CA LYS A 334 -30.31 -49.54 17.57
C LYS A 334 -31.62 -49.09 16.88
N PHE A 335 -31.73 -47.80 16.63
CA PHE A 335 -32.86 -47.21 15.92
C PHE A 335 -32.65 -47.11 14.41
N SER A 336 -31.46 -47.42 13.92
CA SER A 336 -31.14 -47.39 12.49
C SER A 336 -31.42 -46.02 11.82
N ILE A 337 -31.27 -44.94 12.59
CA ILE A 337 -31.37 -43.58 12.06
C ILE A 337 -30.02 -42.90 12.27
N THR A 338 -29.63 -42.04 11.33
CA THR A 338 -28.35 -41.34 11.43
C THR A 338 -28.52 -40.12 12.30
N GLY A 339 -27.39 -39.53 12.70
CA GLY A 339 -27.40 -38.29 13.49
C GLY A 339 -27.89 -37.08 12.71
N SER A 340 -27.56 -37.01 11.42
CA SER A 340 -28.05 -35.93 10.55
C SER A 340 -29.57 -35.94 10.45
N LYS A 341 -30.16 -37.11 10.34
CA LYS A 341 -31.62 -37.23 10.34
C LYS A 341 -32.26 -36.71 11.62
N LEU A 342 -31.71 -37.10 12.78
CA LEU A 342 -32.26 -36.65 14.06
C LEU A 342 -32.05 -35.15 14.25
N GLN A 343 -30.91 -34.64 13.79
CA GLN A 343 -30.65 -33.20 13.88
C GLN A 343 -31.70 -32.42 13.07
N GLU A 344 -31.97 -32.91 11.87
CA GLU A 344 -33.00 -32.30 11.04
C GLU A 344 -34.34 -32.33 11.78
N THR A 345 -34.66 -33.48 12.36
CA THR A 345 -35.91 -33.61 13.08
C THR A 345 -35.97 -32.66 14.24
N CYS A 346 -34.85 -32.51 14.93
CA CYS A 346 -34.82 -31.67 16.12
C CYS A 346 -34.94 -30.19 15.79
N ASN A 347 -34.36 -29.74 14.68
CA ASN A 347 -34.55 -28.36 14.21
C ASN A 347 -36.02 -28.03 14.01
N ALA A 348 -36.76 -28.96 13.40
CA ALA A 348 -38.19 -28.79 13.15
C ALA A 348 -38.98 -28.59 14.44
N ILE A 349 -38.48 -29.14 15.54
CA ILE A 349 -39.14 -28.98 16.85
C ILE A 349 -38.47 -27.96 17.74
N ASN A 350 -37.59 -27.15 17.15
CA ASN A 350 -36.83 -26.12 17.87
C ASN A 350 -35.95 -26.70 19.02
N VAL A 351 -35.34 -27.85 18.75
CA VAL A 351 -34.40 -28.46 19.67
C VAL A 351 -33.05 -28.37 18.99
N SER A 352 -32.11 -27.70 19.65
CA SER A 352 -30.76 -27.57 19.08
C SER A 352 -29.80 -28.62 19.62
N LEU A 353 -29.30 -29.44 18.72
CA LEU A 353 -28.27 -30.39 19.04
C LEU A 353 -27.38 -30.55 17.79
N ASN A 354 -26.36 -31.40 17.86
CA ASN A 354 -25.49 -31.60 16.71
C ASN A 354 -25.20 -33.06 16.48
N LYS A 355 -25.14 -33.43 15.21
CA LYS A 355 -24.70 -34.76 14.83
C LYS A 355 -23.26 -34.99 15.30
N ASN A 356 -22.95 -36.20 15.72
CA ASN A 356 -21.66 -36.47 16.29
C ASN A 356 -21.25 -37.87 15.96
N THR A 357 -19.97 -38.08 15.72
CA THR A 357 -19.45 -39.42 15.47
C THR A 357 -19.45 -40.28 16.73
N ILE A 358 -19.41 -41.61 16.54
CA ILE A 358 -19.32 -42.56 17.66
C ILE A 358 -18.15 -43.49 17.38
N PRO A 359 -17.73 -44.29 18.42
CA PRO A 359 -16.53 -45.11 18.19
C PRO A 359 -16.62 -46.05 16.99
N SER A 360 -17.79 -46.61 16.73
CA SER A 360 -17.94 -47.51 15.60
C SER A 360 -17.81 -46.78 14.24
N ASP A 361 -18.13 -45.49 14.18
CA ASP A 361 -18.12 -44.75 12.89
C ASP A 361 -16.74 -44.65 12.23
N VAL A 362 -16.74 -44.93 10.91
CA VAL A 362 -15.57 -44.85 10.05
C VAL A 362 -15.66 -43.61 9.14
N ASP A 363 -16.71 -42.80 9.27
CA ASP A 363 -16.89 -41.66 8.36
C ASP A 363 -17.53 -40.45 9.04
N CYS A 364 -17.02 -39.27 8.71
CA CYS A 364 -17.63 -37.97 9.12
C CYS A 364 -18.81 -37.58 8.22
N VAL A 365 -19.19 -38.50 7.34
CA VAL A 365 -20.42 -38.46 6.56
C VAL A 365 -21.19 -39.63 7.16
N SER A 366 -22.42 -39.39 7.54
CA SER A 366 -23.24 -40.43 8.18
C SER A 366 -22.83 -40.82 9.64
N PRO A 367 -22.45 -39.83 10.49
CA PRO A 367 -22.22 -40.19 11.89
C PRO A 367 -23.46 -40.75 12.59
N SER A 368 -23.25 -41.67 13.52
CA SER A 368 -24.32 -42.40 14.13
C SER A 368 -24.77 -41.83 15.48
N GLY A 369 -24.38 -40.59 15.80
CA GLY A 369 -24.78 -40.01 17.06
C GLY A 369 -25.17 -38.56 17.03
N VAL A 370 -25.62 -38.12 18.19
CA VAL A 370 -25.91 -36.73 18.43
C VAL A 370 -25.29 -36.39 19.79
N ARG A 371 -24.84 -35.16 19.96
CA ARG A 371 -24.26 -34.74 21.18
C ARG A 371 -25.15 -33.67 21.79
N ILE A 372 -25.41 -33.81 23.08
CA ILE A 372 -26.20 -32.85 23.81
C ILE A 372 -25.42 -32.36 25.06
N GLY A 373 -25.87 -31.24 25.60
CA GLY A 373 -25.24 -30.68 26.78
C GLY A 373 -26.23 -29.88 27.58
N THR A 374 -25.91 -29.70 28.86
CA THR A 374 -26.79 -28.99 29.75
C THR A 374 -26.48 -27.55 30.09
N PRO A 375 -25.32 -27.00 29.63
CA PRO A 375 -25.02 -25.63 30.14
C PRO A 375 -25.98 -24.53 29.72
N ALA A 376 -26.37 -24.49 28.46
CA ALA A 376 -27.33 -23.46 28.05
C ALA A 376 -28.67 -23.54 28.84
N MET A 377 -29.24 -24.74 28.95
CA MET A 377 -30.51 -24.96 29.66
C MET A 377 -30.40 -24.76 31.16
N THR A 378 -29.24 -25.09 31.72
CA THR A 378 -28.97 -24.82 33.12
C THR A 378 -28.91 -23.33 33.34
N THR A 379 -28.34 -22.61 32.38
CA THR A 379 -28.32 -21.15 32.46
C THR A 379 -29.76 -20.59 32.45
N ARG A 380 -30.65 -21.26 31.74
CA ARG A 380 -32.06 -20.85 31.68
C ARG A 380 -32.96 -21.35 32.84
N GLY A 381 -32.38 -21.95 33.87
CA GLY A 381 -33.12 -22.29 35.08
C GLY A 381 -33.71 -23.68 35.18
N ALA A 382 -33.46 -24.53 34.18
CA ALA A 382 -33.93 -25.91 34.23
C ALA A 382 -33.21 -26.66 35.38
N LYS A 383 -33.99 -27.42 36.15
CA LYS A 383 -33.48 -28.23 37.25
C LYS A 383 -33.55 -29.69 36.87
N GLU A 384 -33.19 -30.56 37.81
CA GLU A 384 -33.16 -32.03 37.53
C GLU A 384 -34.45 -32.60 37.00
N LYS A 385 -35.57 -32.16 37.61
CA LYS A 385 -36.95 -32.57 37.21
C LYS A 385 -37.28 -32.30 35.74
N ASP A 386 -36.74 -31.17 35.24
CA ASP A 386 -36.91 -30.71 33.86
C ASP A 386 -36.25 -31.61 32.80
N MET A 387 -35.33 -32.45 33.23
CA MET A 387 -34.61 -33.33 32.32
C MET A 387 -35.44 -34.50 31.81
N GLU A 388 -36.40 -34.99 32.58
CA GLU A 388 -37.27 -36.08 32.08
C GLU A 388 -38.06 -35.62 30.84
N PHE A 389 -38.54 -34.40 30.88
CA PHE A 389 -39.21 -33.79 29.74
C PHE A 389 -38.28 -33.64 28.54
N ILE A 390 -37.04 -33.22 28.77
CA ILE A 390 -36.09 -33.10 27.66
C ILE A 390 -35.81 -34.46 27.04
N ALA A 391 -35.60 -35.44 27.90
CA ALA A 391 -35.40 -36.79 27.45
C ALA A 391 -36.63 -37.34 26.71
N ASP A 392 -37.82 -37.06 27.24
CA ASP A 392 -39.08 -37.44 26.56
C ASP A 392 -39.22 -36.79 25.18
N VAL A 393 -38.91 -35.49 25.08
CA VAL A 393 -38.92 -34.81 23.80
C VAL A 393 -37.94 -35.42 22.82
N LEU A 394 -36.75 -35.76 23.28
CA LEU A 394 -35.76 -36.42 22.41
C LEU A 394 -36.17 -37.82 22.00
N ALA A 395 -36.78 -38.57 22.91
CA ALA A 395 -37.28 -39.91 22.60
C ALA A 395 -38.39 -39.87 21.50
N ARG A 396 -39.32 -38.95 21.68
CA ARG A 396 -40.39 -38.68 20.68
C ARG A 396 -39.82 -38.27 19.34
N ALA A 397 -38.77 -37.44 19.32
CA ALA A 397 -38.13 -37.06 18.05
C ALA A 397 -37.45 -38.23 17.41
N ILE A 398 -36.88 -39.12 18.23
CA ILE A 398 -36.28 -40.35 17.68
C ILE A 398 -37.34 -41.25 17.05
N LYS A 399 -38.45 -41.45 17.74
CA LYS A 399 -39.54 -42.22 17.16
C LYS A 399 -40.12 -41.57 15.86
N ILE A 400 -40.35 -40.26 15.89
CA ILE A 400 -40.82 -39.54 14.71
C ILE A 400 -39.85 -39.71 13.56
N THR A 401 -38.56 -39.61 13.85
CA THR A 401 -37.51 -39.77 12.85
C THR A 401 -37.52 -41.17 12.25
N VAL A 402 -37.82 -42.17 13.07
CA VAL A 402 -37.88 -43.55 12.59
C VAL A 402 -39.11 -43.74 11.66
N ASP A 403 -40.22 -43.15 12.07
CA ASP A 403 -41.49 -43.16 11.30
C ASP A 403 -41.36 -42.52 9.92
N LEU A 404 -40.72 -41.35 9.86
CA LEU A 404 -40.50 -40.63 8.62
C LEU A 404 -39.53 -41.38 7.70
N GLN A 405 -38.53 -42.02 8.29
CA GLN A 405 -37.59 -42.81 7.53
C GLN A 405 -38.26 -44.04 6.93
N GLU A 406 -39.16 -44.64 7.71
CA GLU A 406 -39.98 -45.75 7.25
C GLU A 406 -40.83 -45.30 6.05
N GLN A 407 -41.41 -44.11 6.14
CA GLN A 407 -42.24 -43.54 5.08
C GLN A 407 -41.51 -43.05 3.82
N TYR A 408 -40.37 -42.37 3.98
CA TYR A 408 -39.67 -41.80 2.80
C TYR A 408 -38.31 -42.41 2.46
N GLY A 409 -37.78 -43.28 3.32
CA GLY A 409 -36.49 -43.92 3.07
C GLY A 409 -35.27 -43.24 3.67
N LYS A 410 -34.16 -44.00 3.69
CA LYS A 410 -32.87 -43.64 4.30
C LYS A 410 -32.08 -42.52 3.62
N LYS A 411 -32.35 -42.27 2.34
CA LYS A 411 -31.66 -41.20 1.63
C LYS A 411 -32.04 -39.90 2.30
N LEU A 412 -31.04 -39.10 2.66
CA LEU A 412 -31.31 -37.85 3.39
C LEU A 412 -32.23 -36.87 2.63
N VAL A 413 -32.08 -36.79 1.31
CA VAL A 413 -32.93 -35.89 0.50
C VAL A 413 -34.41 -36.29 0.58
N ASP A 414 -34.66 -37.60 0.46
CA ASP A 414 -36.02 -38.15 0.57
C ASP A 414 -36.61 -37.99 1.98
N PHE A 415 -35.79 -38.20 3.01
CA PHE A 415 -36.23 -38.07 4.42
C PHE A 415 -36.69 -36.67 4.79
N LYS A 416 -35.97 -35.66 4.30
CA LYS A 416 -36.30 -34.25 4.58
C LYS A 416 -37.66 -33.84 4.05
N LYS A 417 -38.08 -34.41 2.93
CA LYS A 417 -39.37 -34.09 2.31
C LYS A 417 -40.54 -34.40 3.24
N GLY A 418 -40.39 -35.46 4.04
CA GLY A 418 -41.42 -35.83 5.02
C GLY A 418 -41.61 -34.83 6.15
N LEU A 419 -40.58 -34.02 6.39
CA LEU A 419 -40.54 -33.13 7.56
C LEU A 419 -41.50 -31.92 7.57
N PRO A 420 -41.61 -31.18 6.44
CA PRO A 420 -42.48 -30.00 6.55
C PRO A 420 -43.98 -30.34 6.62
N GLY A 421 -44.67 -29.68 7.54
CA GLY A 421 -46.09 -29.91 7.77
C GLY A 421 -46.49 -31.08 8.68
N ASN A 422 -45.51 -31.89 9.10
CA ASN A 422 -45.81 -33.10 9.87
C ASN A 422 -46.57 -32.73 11.13
N ALA A 423 -47.76 -33.32 11.31
CA ALA A 423 -48.62 -32.98 12.43
C ALA A 423 -47.93 -33.15 13.78
N GLN A 424 -47.24 -34.27 13.96
CA GLN A 424 -46.60 -34.55 15.25
C GLN A 424 -45.50 -33.56 15.55
N LEU A 425 -44.71 -33.22 14.54
CA LEU A 425 -43.65 -32.22 14.69
C LEU A 425 -44.19 -30.84 15.04
N GLN A 426 -45.28 -30.45 14.38
CA GLN A 426 -45.89 -29.13 14.65
C GLN A 426 -46.36 -29.12 16.08
N GLN A 427 -46.99 -30.21 16.51
CA GLN A 427 -47.39 -30.40 17.90
C GLN A 427 -46.18 -30.38 18.87
N LEU A 428 -45.14 -31.12 18.53
CA LEU A 428 -43.96 -31.22 19.40
C LEU A 428 -43.25 -29.87 19.54
N LYS A 429 -43.08 -29.19 18.41
CA LYS A 429 -42.54 -27.83 18.39
C LYS A 429 -43.34 -26.90 19.31
N GLN A 430 -44.66 -27.04 19.22
CA GLN A 430 -45.55 -26.22 20.02
C GLN A 430 -45.27 -26.43 21.50
N GLU A 431 -45.12 -27.67 21.94
CA GLU A 431 -44.81 -27.92 23.38
C GLU A 431 -43.40 -27.40 23.69
N VAL A 432 -42.49 -27.59 22.75
CA VAL A 432 -41.13 -27.08 22.95
C VAL A 432 -41.12 -25.56 23.13
N VAL A 433 -41.77 -24.85 22.20
CA VAL A 433 -41.83 -23.41 22.23
C VAL A 433 -42.51 -22.91 23.49
N THR A 434 -43.57 -23.59 23.93
CA THR A 434 -44.32 -23.12 25.10
C THR A 434 -43.51 -23.24 26.36
N TRP A 435 -42.79 -24.35 26.53
CA TRP A 435 -41.95 -24.51 27.72
C TRP A 435 -40.68 -23.63 27.65
N ALA A 436 -40.05 -23.63 26.47
CA ALA A 436 -38.83 -22.85 26.23
C ALA A 436 -39.04 -21.34 26.33
N GLY A 437 -40.16 -20.89 25.77
CA GLY A 437 -40.53 -19.47 25.82
C GLY A 437 -40.73 -18.92 27.22
N ALA A 438 -41.09 -19.79 28.17
CA ALA A 438 -41.32 -19.41 29.58
C ALA A 438 -40.07 -19.15 30.42
N LEU A 439 -39.02 -19.93 30.18
CA LEU A 439 -37.82 -19.92 31.03
C LEU A 439 -37.06 -18.60 31.05
N PRO A 440 -36.41 -18.28 32.20
CA PRO A 440 -35.63 -17.03 32.24
C PRO A 440 -34.59 -16.97 31.13
N PHE A 441 -34.46 -15.79 30.55
CA PHE A 441 -33.62 -15.55 29.40
C PHE A 441 -32.80 -14.30 29.69
N PRO A 442 -31.47 -14.44 29.81
CA PRO A 442 -30.69 -13.20 29.87
C PRO A 442 -30.63 -12.55 28.49
N MET B 1 -30.86 -19.10 36.02
CA MET B 1 -29.77 -19.16 37.06
C MET B 1 -28.56 -18.30 36.65
N PHE B 2 -28.82 -17.02 36.46
CA PHE B 2 -27.78 -16.06 36.07
C PHE B 2 -27.95 -14.74 36.79
N ASN B 3 -26.92 -13.90 36.71
CA ASN B 3 -26.97 -12.55 37.26
C ASN B 3 -27.23 -11.53 36.17
N ASN B 4 -28.40 -10.89 36.24
CA ASN B 4 -28.81 -9.93 35.25
C ASN B 4 -28.51 -8.46 35.61
N GLU B 5 -27.83 -8.23 36.74
CA GLU B 5 -27.46 -6.87 37.14
C GLU B 5 -26.70 -6.13 36.03
N PRO B 6 -26.92 -4.79 35.92
CA PRO B 6 -26.11 -4.08 34.92
C PRO B 6 -24.63 -4.08 35.26
N LEU B 7 -23.81 -3.83 34.24
CA LEU B 7 -22.34 -3.80 34.35
C LEU B 7 -21.85 -2.92 35.52
N GLU B 8 -22.50 -1.76 35.72
CA GLU B 8 -22.13 -0.90 36.85
C GLU B 8 -22.36 -1.54 38.21
N GLN B 9 -23.48 -2.22 38.38
CA GLN B 9 -23.77 -2.93 39.62
C GLN B 9 -22.88 -4.17 39.73
N ILE B 10 -22.80 -4.92 38.65
CA ILE B 10 -22.09 -6.20 38.64
C ILE B 10 -20.58 -6.08 38.75
N ASP B 11 -19.98 -5.08 38.11
CA ASP B 11 -18.52 -4.93 38.13
C ASP B 11 -18.12 -3.47 38.11
N LYS B 12 -18.26 -2.83 39.28
CA LYS B 12 -17.92 -1.41 39.47
C LYS B 12 -16.44 -1.15 39.20
N GLU B 13 -15.57 -2.07 39.56
CA GLU B 13 -14.13 -1.91 39.30
C GLU B 13 -13.83 -1.75 37.80
N LEU B 14 -14.43 -2.61 36.97
CA LEU B 14 -14.25 -2.58 35.51
C LEU B 14 -14.92 -1.39 34.87
N HIS B 15 -16.10 -1.07 35.38
CA HIS B 15 -16.95 -0.03 34.83
C HIS B 15 -16.36 1.38 34.97
N ASP B 16 -15.55 1.59 36.00
CA ASP B 16 -14.94 2.89 36.23
C ASP B 16 -13.83 3.16 35.21
N ILE B 17 -13.02 2.13 34.97
CA ILE B 17 -11.93 2.19 33.99
C ILE B 17 -12.48 2.45 32.58
N LEU B 18 -13.61 1.82 32.26
CA LEU B 18 -14.24 2.00 30.94
C LEU B 18 -14.75 3.41 30.76
N ALA B 19 -15.36 3.97 31.80
CA ALA B 19 -15.77 5.37 31.80
C ALA B 19 -14.54 6.26 31.74
N ASP B 20 -13.47 5.84 32.41
CA ASP B 20 -12.21 6.56 32.30
C ASP B 20 -11.73 6.57 30.85
N GLU B 21 -11.70 5.37 30.24
CA GLU B 21 -11.32 5.17 28.84
C GLU B 21 -12.18 6.03 27.93
N GLU B 22 -13.48 6.04 28.19
CA GLU B 22 -14.38 6.82 27.40
C GLU B 22 -13.98 8.29 27.43
N LYS B 23 -13.76 8.82 28.63
CA LYS B 23 -13.43 10.23 28.81
C LYS B 23 -12.09 10.57 28.12
N ARG B 24 -11.09 9.71 28.25
CA ARG B 24 -9.83 9.93 27.56
C ARG B 24 -10.03 9.92 26.01
N GLN B 25 -10.86 9.05 25.50
CA GLN B 25 -11.10 9.04 24.05
C GLN B 25 -11.71 10.37 23.60
N ARG B 26 -12.68 10.84 24.38
CA ARG B 26 -13.41 12.05 24.07
C ARG B 26 -12.54 13.30 24.25
N GLU B 27 -11.48 13.19 25.03
CA GLU B 27 -10.63 14.30 25.32
C GLU B 27 -9.28 14.25 24.60
N THR B 28 -9.15 13.36 23.62
CA THR B 28 -7.88 13.18 22.96
C THR B 28 -7.98 13.66 21.51
N ILE B 29 -6.90 14.25 21.01
CA ILE B 29 -6.75 14.52 19.59
C ILE B 29 -6.11 13.24 19.02
N ASN B 30 -6.95 12.38 18.45
CA ASN B 30 -6.53 11.06 17.98
C ASN B 30 -6.06 11.10 16.52
N LEU B 31 -4.75 11.01 16.35
CA LEU B 31 -4.14 10.97 15.02
C LEU B 31 -3.61 9.59 14.64
N ILE B 32 -4.05 8.51 15.32
CA ILE B 32 -3.61 7.14 14.93
C ILE B 32 -4.25 6.85 13.60
N ALA B 33 -3.44 6.54 12.60
CA ALA B 33 -3.94 6.47 11.22
C ALA B 33 -4.88 5.30 11.04
N SER B 34 -4.68 4.27 11.83
CA SER B 34 -5.50 3.06 11.80
C SER B 34 -6.70 3.07 12.74
N GLU B 35 -6.97 4.17 13.43
CA GLU B 35 -8.07 4.21 14.41
C GLU B 35 -9.24 4.97 13.90
N ASN B 36 -10.40 4.69 14.46
CA ASN B 36 -11.64 5.38 14.12
C ASN B 36 -12.58 5.32 15.28
N LEU B 37 -13.78 5.85 15.13
CA LEU B 37 -14.79 5.75 16.18
C LEU B 37 -16.08 5.21 15.62
N THR B 38 -16.53 4.07 16.15
CA THR B 38 -17.72 3.42 15.64
C THR B 38 -18.98 4.05 16.19
N ASN B 39 -20.06 3.93 15.44
CA ASN B 39 -21.36 4.47 15.87
C ASN B 39 -22.08 3.53 16.81
N GLY B 40 -23.11 4.05 17.45
CA GLY B 40 -23.92 3.29 18.41
C GLY B 40 -24.55 2.05 17.78
N ALA B 41 -24.94 2.16 16.52
CA ALA B 41 -25.52 1.06 15.78
C ALA B 41 -24.57 -0.12 15.63
N VAL B 42 -23.33 0.17 15.28
CA VAL B 42 -22.28 -0.86 15.17
C VAL B 42 -21.99 -1.50 16.53
N ARG B 43 -22.00 -0.71 17.58
CA ARG B 43 -21.85 -1.24 18.95
C ARG B 43 -23.06 -2.03 19.48
N GLU B 44 -24.25 -1.75 18.96
CA GLU B 44 -25.46 -2.50 19.29
C GLU B 44 -25.37 -3.91 18.72
N CYS B 45 -24.81 -4.02 17.52
CA CYS B 45 -24.54 -5.29 16.88
C CYS B 45 -23.53 -6.10 17.66
N LEU B 46 -22.48 -5.42 18.13
CA LEU B 46 -21.41 -6.08 18.87
C LEU B 46 -21.92 -6.62 20.21
N GLY B 47 -22.86 -5.91 20.81
CA GLY B 47 -23.50 -6.39 22.02
C GLY B 47 -24.68 -7.35 21.82
N ASN B 48 -24.94 -7.75 20.59
CA ASN B 48 -26.12 -8.55 20.27
C ASN B 48 -25.99 -10.04 20.63
N ARG B 49 -27.12 -10.65 20.94
CA ARG B 49 -27.19 -12.09 21.25
C ARG B 49 -26.83 -13.03 20.11
N VAL B 50 -26.68 -12.50 18.91
CA VAL B 50 -26.22 -13.32 17.78
C VAL B 50 -24.89 -14.06 18.05
N SER B 51 -24.02 -13.46 18.87
CA SER B 51 -22.72 -14.08 19.24
C SER B 51 -22.87 -15.35 20.09
N ASN B 52 -24.04 -15.58 20.68
CA ASN B 52 -24.33 -16.85 21.34
C ASN B 52 -24.32 -18.09 20.43
N LYS B 53 -24.46 -17.91 19.14
CA LYS B 53 -24.65 -19.01 18.23
C LYS B 53 -23.37 -19.53 17.64
N TYR B 54 -23.25 -20.85 17.62
CA TYR B 54 -22.13 -21.56 16.96
C TYR B 54 -22.56 -21.91 15.53
N SER B 55 -21.87 -21.41 14.51
CA SER B 55 -22.21 -21.71 13.12
C SER B 55 -21.02 -22.06 12.29
N GLU B 56 -20.29 -23.07 12.74
CA GLU B 56 -19.22 -23.60 11.92
C GLU B 56 -19.69 -23.98 10.53
N GLY B 57 -18.94 -23.55 9.52
CA GLY B 57 -19.23 -23.81 8.13
C GLY B 57 -19.54 -22.51 7.42
N TYR B 58 -20.37 -22.59 6.39
CA TYR B 58 -20.80 -21.42 5.62
C TYR B 58 -22.32 -21.46 5.41
N PRO B 59 -22.92 -20.35 4.97
CA PRO B 59 -24.38 -20.29 4.75
C PRO B 59 -24.93 -21.45 3.88
N LYS B 60 -25.98 -22.11 4.37
CA LYS B 60 -26.57 -23.28 3.69
C LYS B 60 -25.67 -24.52 3.80
N LYS B 61 -24.53 -24.39 4.47
CA LYS B 61 -23.56 -25.50 4.62
C LYS B 61 -23.01 -25.49 6.05
N ARG B 62 -23.92 -25.32 6.99
CA ARG B 62 -23.59 -25.22 8.40
C ARG B 62 -23.53 -26.61 8.96
N TYR B 63 -22.64 -26.82 9.93
CA TYR B 63 -22.58 -28.08 10.64
C TYR B 63 -23.82 -28.26 11.47
N TYR B 64 -24.28 -27.18 12.10
CA TYR B 64 -25.46 -27.23 12.96
C TYR B 64 -26.63 -26.56 12.29
N GLY B 65 -27.83 -26.83 12.78
CA GLY B 65 -29.06 -26.17 12.32
C GLY B 65 -29.36 -25.02 13.26
N GLY B 66 -30.56 -24.47 13.14
CA GLY B 66 -30.95 -23.30 13.92
C GLY B 66 -30.19 -22.06 13.47
N ASN B 67 -29.69 -22.12 12.25
CA ASN B 67 -28.86 -21.09 11.67
C ASN B 67 -29.58 -20.31 10.55
N ASP B 68 -30.92 -20.33 10.55
CA ASP B 68 -31.68 -19.65 9.50
C ASP B 68 -31.43 -18.15 9.50
N PHE B 69 -31.55 -17.53 10.67
CA PHE B 69 -31.33 -16.09 10.80
C PHE B 69 -29.86 -15.69 10.69
N ILE B 70 -28.97 -16.52 11.26
CA ILE B 70 -27.51 -16.35 11.10
C ILE B 70 -27.12 -16.41 9.63
N ASP B 71 -27.68 -17.37 8.90
CA ASP B 71 -27.48 -17.44 7.45
C ASP B 71 -27.93 -16.20 6.70
N LYS B 72 -29.05 -15.61 7.10
CA LYS B 72 -29.47 -14.37 6.44
C LYS B 72 -28.44 -13.26 6.69
N ILE B 73 -27.92 -13.17 7.92
CA ILE B 73 -26.96 -12.13 8.26
C ILE B 73 -25.66 -12.31 7.51
N GLU B 74 -25.16 -13.56 7.40
CA GLU B 74 -23.90 -13.76 6.67
C GLU B 74 -24.03 -13.43 5.19
N GLU B 75 -25.14 -13.84 4.56
CA GLU B 75 -25.38 -13.56 3.11
C GLU B 75 -25.61 -12.08 2.87
N LEU B 76 -26.37 -11.45 3.76
CA LEU B 76 -26.55 -10.00 3.70
C LEU B 76 -25.23 -9.21 3.83
N CYS B 77 -24.28 -9.74 4.61
CA CYS B 77 -22.97 -9.14 4.77
C CYS B 77 -22.12 -9.27 3.52
N GLN B 78 -22.09 -10.44 2.93
CA GLN B 78 -21.25 -10.69 1.73
C GLN B 78 -21.80 -9.92 0.53
N LYS B 79 -23.12 -9.86 0.45
CA LYS B 79 -23.80 -9.08 -0.58
C LYS B 79 -23.41 -7.60 -0.43
N ARG B 80 -23.66 -7.04 0.77
CA ARG B 80 -23.35 -5.62 1.06
C ARG B 80 -21.90 -5.25 0.81
N ALA B 81 -20.99 -6.20 1.03
CA ALA B 81 -19.56 -5.98 0.86
C ALA B 81 -19.19 -5.87 -0.60
N LEU B 82 -19.75 -6.77 -1.39
CA LEU B 82 -19.48 -6.81 -2.83
C LEU B 82 -20.04 -5.55 -3.50
N GLU B 83 -21.24 -5.15 -3.10
CA GLU B 83 -21.80 -3.90 -3.56
C GLU B 83 -20.88 -2.71 -3.24
N ALA B 84 -20.40 -2.66 -2.00
CA ALA B 84 -19.64 -1.51 -1.49
C ALA B 84 -18.35 -1.35 -2.24
N PHE B 85 -17.72 -2.47 -2.56
CA PHE B 85 -16.47 -2.46 -3.31
C PHE B 85 -16.67 -2.58 -4.81
N ASN B 86 -17.90 -2.33 -5.26
CA ASN B 86 -18.22 -2.22 -6.69
C ASN B 86 -17.74 -3.40 -7.52
N VAL B 87 -18.16 -4.59 -7.14
CA VAL B 87 -17.77 -5.81 -7.85
C VAL B 87 -19.01 -6.65 -8.02
N SER B 88 -19.02 -7.42 -9.10
CA SER B 88 -20.14 -8.29 -9.42
C SER B 88 -20.03 -9.56 -8.60
N ASP B 89 -21.11 -9.99 -7.97
CA ASP B 89 -21.09 -11.24 -7.21
C ASP B 89 -20.79 -12.45 -8.12
N GLU B 90 -20.98 -12.29 -9.43
CA GLU B 90 -20.61 -13.33 -10.38
C GLU B 90 -19.10 -13.42 -10.51
N GLU B 91 -18.46 -12.27 -10.64
CA GLU B 91 -17.00 -12.20 -10.81
C GLU B 91 -16.13 -12.33 -9.54
N TRP B 92 -16.65 -11.86 -8.40
CA TRP B 92 -15.87 -11.85 -7.15
C TRP B 92 -16.60 -12.56 -6.05
N GLY B 93 -15.84 -13.20 -5.18
CA GLY B 93 -16.38 -13.72 -3.94
C GLY B 93 -15.71 -13.07 -2.75
N VAL B 94 -16.41 -13.10 -1.61
CA VAL B 94 -15.89 -12.57 -0.37
C VAL B 94 -16.15 -13.49 0.81
N ASN B 95 -15.14 -13.64 1.68
CA ASN B 95 -15.30 -14.32 2.99
C ASN B 95 -15.37 -13.31 4.17
N VAL B 96 -16.41 -13.44 4.98
CA VAL B 96 -16.68 -12.52 6.09
C VAL B 96 -16.39 -13.11 7.48
N GLN B 97 -15.80 -14.31 7.52
CA GLN B 97 -15.51 -14.95 8.81
C GLN B 97 -14.24 -14.48 9.53
N PRO B 98 -13.17 -14.05 8.81
CA PRO B 98 -11.93 -13.69 9.56
C PRO B 98 -12.10 -12.66 10.68
N LEU B 99 -11.57 -13.02 11.84
CA LEU B 99 -11.72 -12.27 13.05
C LEU B 99 -10.94 -10.97 13.04
N SER B 100 -9.86 -10.91 12.29
CA SER B 100 -9.05 -9.69 12.22
C SER B 100 -8.17 -9.70 10.99
N GLY B 101 -7.56 -8.56 10.72
CA GLY B 101 -6.77 -8.41 9.53
C GLY B 101 -5.61 -9.38 9.41
N SER B 102 -4.93 -9.64 10.51
CA SER B 102 -3.77 -10.49 10.48
C SER B 102 -4.17 -11.92 10.20
N ALA B 103 -5.27 -12.34 10.80
CA ALA B 103 -5.81 -13.67 10.55
C ALA B 103 -6.20 -13.86 9.07
N ALA B 104 -6.91 -12.88 8.55
CA ALA B 104 -7.34 -12.86 7.18
C ALA B 104 -6.18 -12.93 6.20
N ASN B 105 -5.10 -12.19 6.45
CA ASN B 105 -3.94 -12.26 5.58
C ASN B 105 -3.26 -13.63 5.61
N VAL B 106 -3.08 -14.19 6.80
CA VAL B 106 -2.45 -15.52 6.94
C VAL B 106 -3.32 -16.58 6.27
N GLN B 107 -4.62 -16.50 6.46
CA GLN B 107 -5.54 -17.41 5.85
C GLN B 107 -5.48 -17.31 4.32
N ALA B 108 -5.58 -16.07 3.79
CA ALA B 108 -5.51 -15.86 2.35
C ALA B 108 -4.17 -16.34 1.77
N LEU B 109 -3.07 -16.01 2.44
CA LEU B 109 -1.78 -16.40 1.98
C LEU B 109 -1.66 -17.90 1.93
N TYR B 110 -2.15 -18.57 2.96
CA TYR B 110 -2.08 -20.03 2.98
C TYR B 110 -2.88 -20.65 1.83
N ALA B 111 -4.11 -20.15 1.63
CA ALA B 111 -4.92 -20.59 0.50
C ALA B 111 -4.16 -20.56 -0.84
N LEU B 112 -3.52 -19.44 -1.14
CA LEU B 112 -2.83 -19.28 -2.40
C LEU B 112 -1.59 -20.15 -2.56
N VAL B 113 -0.76 -20.23 -1.52
CA VAL B 113 0.56 -20.85 -1.64
C VAL B 113 0.86 -22.04 -0.77
N GLY B 114 0.16 -22.22 0.35
CA GLY B 114 0.39 -23.34 1.25
C GLY B 114 1.67 -23.20 2.06
N VAL B 115 1.96 -24.20 2.89
CA VAL B 115 3.13 -24.18 3.72
C VAL B 115 4.37 -24.29 2.87
N LYS B 116 5.45 -23.66 3.33
CA LYS B 116 6.69 -23.50 2.57
C LYS B 116 6.53 -22.60 1.33
N GLY B 117 5.32 -22.09 1.06
CA GLY B 117 5.05 -21.31 -0.14
C GLY B 117 5.88 -20.02 -0.18
N LYS B 118 6.14 -19.53 -1.38
CA LYS B 118 7.00 -18.38 -1.56
C LYS B 118 6.16 -17.12 -1.70
N ILE B 119 6.45 -16.12 -0.86
CA ILE B 119 5.75 -14.81 -0.93
C ILE B 119 6.71 -13.61 -0.90
N MET B 120 6.27 -12.52 -1.47
CA MET B 120 7.02 -11.27 -1.48
C MET B 120 6.11 -10.18 -0.94
N GLY B 121 6.67 -9.33 -0.09
CA GLY B 121 5.91 -8.20 0.45
C GLY B 121 6.81 -7.03 0.79
N MET B 122 6.20 -5.89 1.08
CA MET B 122 6.97 -4.74 1.51
C MET B 122 7.45 -4.94 2.93
N HIS B 123 8.69 -4.53 3.16
CA HIS B 123 9.35 -4.65 4.45
C HIS B 123 8.65 -3.78 5.50
N LEU B 124 8.66 -4.21 6.75
CA LEU B 124 8.02 -3.45 7.85
C LEU B 124 8.54 -2.02 7.97
N CYS B 125 9.86 -1.87 7.98
CA CYS B 125 10.58 -0.58 7.96
C CYS B 125 10.21 0.37 6.84
N SER B 126 9.75 -0.15 5.71
CA SER B 126 9.37 0.67 4.56
C SER B 126 7.89 0.99 4.48
N GLY B 127 7.08 0.46 5.39
CA GLY B 127 5.64 0.72 5.41
C GLY B 127 4.76 -0.50 5.24
N GLY B 128 5.38 -1.68 5.08
CA GLY B 128 4.68 -2.94 5.01
C GLY B 128 4.18 -3.45 6.36
N HIS B 129 3.23 -4.40 6.31
CA HIS B 129 2.72 -5.04 7.52
C HIS B 129 3.49 -6.26 7.97
N LEU B 130 3.30 -6.61 9.23
CA LEU B 130 3.86 -7.82 9.82
C LEU B 130 3.41 -9.07 9.07
N THR B 131 2.15 -9.09 8.64
CA THR B 131 1.57 -10.22 7.91
C THR B 131 2.00 -10.32 6.45
N HIS B 132 2.88 -9.42 6.00
CA HIS B 132 3.44 -9.43 4.65
C HIS B 132 4.81 -10.10 4.60
N GLY B 133 5.08 -11.03 5.49
CA GLY B 133 6.34 -11.74 5.47
C GLY B 133 7.46 -11.20 6.33
N PHE B 134 7.16 -10.33 7.28
CA PHE B 134 8.22 -9.71 8.05
C PHE B 134 9.06 -10.65 8.91
N PHE B 135 10.38 -10.56 8.71
CA PHE B 135 11.35 -11.23 9.54
C PHE B 135 12.56 -10.32 9.78
N ASP B 136 13.40 -10.72 10.72
CA ASP B 136 14.62 -10.02 11.11
C ASP B 136 15.77 -11.03 11.19
N GLU B 137 17.00 -10.55 11.19
CA GLU B 137 18.15 -11.44 11.36
C GLU B 137 18.00 -12.29 12.62
N LYS B 138 17.61 -11.64 13.73
CA LYS B 138 17.47 -12.33 15.03
C LYS B 138 16.33 -13.35 15.13
N LYS B 139 15.25 -13.16 14.38
CA LYS B 139 14.13 -14.12 14.39
C LYS B 139 13.15 -13.94 13.22
N LYS B 140 12.39 -14.99 12.95
CA LYS B 140 11.24 -14.93 12.04
C LYS B 140 10.07 -14.39 12.83
N VAL B 141 9.88 -13.07 12.77
CA VAL B 141 8.94 -12.33 13.62
C VAL B 141 7.49 -12.65 13.31
N SER B 142 7.13 -12.73 12.03
CA SER B 142 5.77 -13.08 11.65
C SER B 142 5.70 -14.53 11.24
N ILE B 143 4.56 -15.18 11.53
CA ILE B 143 4.30 -16.52 11.02
C ILE B 143 4.42 -16.50 9.50
N THR B 144 4.07 -15.38 8.87
CA THR B 144 4.17 -15.24 7.43
C THR B 144 5.58 -15.39 6.87
N SER B 145 6.61 -15.16 7.68
CA SER B 145 7.99 -15.44 7.24
C SER B 145 8.49 -16.84 7.66
N ASP B 146 7.72 -17.53 8.48
CA ASP B 146 8.11 -18.82 9.03
C ASP B 146 7.35 -19.98 8.38
N MET B 147 6.04 -19.86 8.24
CA MET B 147 5.28 -20.88 7.59
C MET B 147 5.39 -20.75 6.07
N PHE B 148 5.79 -19.56 5.61
CA PHE B 148 6.02 -19.24 4.22
C PHE B 148 7.48 -18.85 4.07
N GLU B 149 7.95 -18.85 2.83
CA GLU B 149 9.30 -18.35 2.51
C GLU B 149 9.11 -16.96 1.95
N SER B 150 9.66 -15.95 2.62
CA SER B 150 9.42 -14.57 2.21
C SER B 150 10.66 -13.75 1.87
N LYS B 151 10.48 -12.86 0.92
CA LYS B 151 11.51 -11.94 0.47
C LYS B 151 10.90 -10.57 0.66
N LEU B 152 11.69 -9.60 1.06
CA LEU B 152 11.13 -8.30 1.37
C LEU B 152 11.73 -7.22 0.51
N TYR B 153 10.87 -6.38 -0.05
CA TYR B 153 11.29 -5.29 -0.91
C TYR B 153 11.13 -3.94 -0.25
N LYS B 154 12.19 -3.14 -0.31
CA LYS B 154 12.25 -1.83 0.30
C LYS B 154 11.80 -0.75 -0.66
N CYS B 155 11.33 0.35 -0.09
CA CYS B 155 11.00 1.56 -0.84
C CYS B 155 12.31 2.26 -1.09
N ASN B 156 12.30 3.20 -2.03
CA ASN B 156 13.49 4.03 -2.30
C ASN B 156 13.72 5.08 -1.21
N SER B 157 14.83 5.82 -1.33
CA SER B 157 15.22 6.77 -0.30
C SER B 157 14.25 7.94 -0.17
N GLN B 158 13.45 8.21 -1.20
CA GLN B 158 12.43 9.23 -1.12
C GLN B 158 11.10 8.71 -0.55
N GLY B 159 11.05 7.42 -0.16
CA GLY B 159 9.83 6.83 0.44
C GLY B 159 8.80 6.22 -0.51
N TYR B 160 9.16 6.03 -1.78
CA TYR B 160 8.24 5.50 -2.79
C TYR B 160 8.61 4.03 -3.04
N VAL B 161 7.59 3.24 -3.35
CA VAL B 161 7.80 1.86 -3.80
C VAL B 161 8.61 1.92 -5.07
N ASP B 162 9.66 1.12 -5.17
CA ASP B 162 10.51 1.14 -6.35
C ASP B 162 10.27 -0.14 -7.13
N LEU B 163 9.54 -0.01 -8.22
CA LEU B 163 9.15 -1.16 -9.04
C LEU B 163 10.30 -1.89 -9.70
N ASP B 164 11.32 -1.14 -10.11
CA ASP B 164 12.50 -1.79 -10.68
C ASP B 164 13.09 -2.83 -9.72
N ALA B 165 13.12 -2.47 -8.44
CA ALA B 165 13.58 -3.39 -7.40
C ALA B 165 12.67 -4.59 -7.23
N VAL B 166 11.36 -4.38 -7.30
CA VAL B 166 10.36 -5.45 -7.19
C VAL B 166 10.48 -6.51 -8.30
N ARG B 167 10.63 -6.01 -9.55
CA ARG B 167 10.84 -6.86 -10.73
C ARG B 167 12.15 -7.61 -10.61
N GLU B 168 13.20 -6.87 -10.28
CA GLU B 168 14.52 -7.46 -10.04
C GLU B 168 14.38 -8.60 -9.03
N MET B 169 13.59 -8.36 -7.98
CA MET B 169 13.39 -9.36 -6.94
C MET B 169 12.48 -10.52 -7.40
N ALA B 170 11.32 -10.21 -7.95
CA ALA B 170 10.43 -11.25 -8.40
C ALA B 170 11.07 -12.27 -9.38
N LEU B 171 11.75 -11.79 -10.43
CA LEU B 171 12.41 -12.67 -11.40
C LEU B 171 13.51 -13.50 -10.76
N SER B 172 14.22 -12.90 -9.82
CA SER B 172 15.24 -13.61 -9.08
C SER B 172 14.66 -14.55 -7.99
N PHE B 173 13.69 -14.06 -7.21
CA PHE B 173 13.03 -14.83 -6.13
C PHE B 173 11.93 -15.81 -6.56
N LYS B 174 11.17 -15.46 -7.60
CA LYS B 174 10.15 -16.35 -8.18
C LYS B 174 9.07 -16.75 -7.17
N PRO B 175 8.41 -15.76 -6.55
CA PRO B 175 7.39 -16.13 -5.59
C PRO B 175 6.09 -16.52 -6.23
N LYS B 176 5.27 -17.28 -5.52
CA LYS B 176 3.87 -17.52 -5.92
C LYS B 176 2.93 -16.36 -5.64
N VAL B 177 3.27 -15.46 -4.69
CA VAL B 177 2.42 -14.29 -4.40
C VAL B 177 3.27 -13.04 -4.19
N ILE B 178 2.75 -11.90 -4.66
CA ILE B 178 3.36 -10.61 -4.41
C ILE B 178 2.32 -9.75 -3.75
N ILE B 179 2.67 -9.21 -2.57
CA ILE B 179 1.73 -8.38 -1.81
C ILE B 179 1.99 -6.86 -1.92
N CYS B 180 0.93 -6.10 -2.15
CA CYS B 180 0.96 -4.66 -2.08
C CYS B 180 -0.23 -4.19 -1.25
N GLY B 181 -0.23 -2.89 -0.90
CA GLY B 181 -1.19 -2.34 0.04
C GLY B 181 -0.41 -2.37 1.35
N TYR B 182 -0.35 -1.23 2.04
CA TYR B 182 0.60 -1.08 3.14
C TYR B 182 0.05 -0.48 4.42
N THR B 183 0.81 -0.62 5.50
CA THR B 183 0.34 -0.13 6.80
C THR B 183 0.65 1.36 7.00
N SER B 184 1.83 1.80 6.54
CA SER B 184 2.20 3.21 6.67
C SER B 184 2.74 3.83 5.39
N TYR B 185 1.96 3.77 4.33
CA TYR B 185 2.38 4.29 3.06
C TYR B 185 1.49 5.48 2.75
N PRO B 186 2.12 6.69 2.59
CA PRO B 186 1.29 7.88 2.35
C PRO B 186 0.88 8.15 0.91
N ARG B 187 1.26 7.28 -0.03
CA ARG B 187 0.86 7.47 -1.44
C ARG B 187 0.02 6.32 -2.01
N ASP B 188 -0.64 6.60 -3.15
CA ASP B 188 -1.40 5.59 -3.85
C ASP B 188 -0.47 4.53 -4.51
N ILE B 189 -1.08 3.44 -4.92
CA ILE B 189 -0.38 2.30 -5.46
C ILE B 189 -0.71 2.09 -6.93
N ASP B 190 0.32 1.77 -7.72
CA ASP B 190 0.12 1.38 -9.13
C ASP B 190 -0.12 -0.14 -9.22
N TYR B 191 -1.38 -0.52 -9.15
CA TYR B 191 -1.76 -1.93 -9.13
C TYR B 191 -1.45 -2.58 -10.46
N GLN B 192 -1.75 -1.84 -11.54
CA GLN B 192 -1.46 -2.29 -12.91
C GLN B 192 -0.03 -2.74 -13.10
N GLN B 193 0.90 -1.92 -12.68
CA GLN B 193 2.31 -2.26 -12.74
C GLN B 193 2.62 -3.50 -11.90
N PHE B 194 1.94 -3.67 -10.78
CA PHE B 194 2.12 -4.87 -9.95
C PHE B 194 1.62 -6.10 -10.69
N ARG B 195 0.42 -5.98 -11.26
CA ARG B 195 -0.21 -7.01 -12.11
C ARG B 195 0.69 -7.46 -13.27
N GLN B 196 1.43 -6.51 -13.84
CA GLN B 196 2.39 -6.79 -14.89
C GLN B 196 3.55 -7.63 -14.39
N ILE B 197 4.08 -7.29 -13.21
CA ILE B 197 5.22 -8.02 -12.64
C ILE B 197 4.85 -9.44 -12.27
N CYS B 198 3.65 -9.59 -11.74
CA CYS B 198 3.14 -10.87 -11.30
C CYS B 198 3.01 -11.82 -12.49
N ASP B 199 2.45 -11.32 -13.60
CA ASP B 199 2.29 -12.07 -14.87
C ASP B 199 3.63 -12.56 -15.46
N GLU B 200 4.64 -11.70 -15.38
CA GLU B 200 5.98 -12.02 -15.88
C GLU B 200 6.56 -13.22 -15.17
N VAL B 201 6.21 -13.38 -13.89
CA VAL B 201 6.71 -14.48 -13.06
C VAL B 201 5.63 -15.52 -12.68
N ASN B 202 4.40 -15.34 -13.17
CA ASN B 202 3.28 -16.24 -12.88
C ASN B 202 2.91 -16.31 -11.39
N ALA B 203 2.97 -15.15 -10.74
CA ALA B 203 2.66 -15.02 -9.31
C ALA B 203 1.29 -14.39 -9.12
N TYR B 204 0.60 -14.74 -8.04
CA TYR B 204 -0.67 -14.10 -7.67
C TYR B 204 -0.49 -12.62 -7.25
N LEU B 205 -1.48 -11.78 -7.50
CA LEU B 205 -1.48 -10.38 -7.04
C LEU B 205 -2.40 -10.24 -5.82
N PHE B 206 -1.83 -9.78 -4.70
CA PHE B 206 -2.52 -9.66 -3.39
C PHE B 206 -2.43 -8.21 -2.98
N ALA B 207 -3.58 -7.58 -2.84
CA ALA B 207 -3.64 -6.21 -2.37
C ALA B 207 -4.27 -6.13 -0.97
N ASP B 208 -3.55 -5.56 -0.01
CA ASP B 208 -4.07 -5.35 1.35
C ASP B 208 -4.43 -3.88 1.46
N ILE B 209 -5.73 -3.59 1.44
CA ILE B 209 -6.24 -2.22 1.41
C ILE B 209 -6.93 -1.72 2.71
N SER B 210 -6.63 -2.35 3.85
CA SER B 210 -7.18 -1.98 5.16
C SER B 210 -7.08 -0.51 5.54
N HIS B 211 -5.89 0.06 5.35
CA HIS B 211 -5.71 1.51 5.57
C HIS B 211 -6.47 2.45 4.61
N ILE B 212 -6.64 1.99 3.38
CA ILE B 212 -7.26 2.83 2.35
C ILE B 212 -8.61 2.33 1.81
N SER B 213 -9.23 1.39 2.52
CA SER B 213 -10.43 0.69 1.99
C SER B 213 -11.53 1.63 1.50
N SER B 214 -11.80 2.67 2.27
CA SER B 214 -12.77 3.67 1.92
C SER B 214 -12.45 4.41 0.64
N PHE B 215 -11.18 4.63 0.35
CA PHE B 215 -10.79 5.32 -0.86
C PHE B 215 -11.04 4.46 -2.09
N VAL B 216 -10.84 3.15 -1.94
CA VAL B 216 -11.04 2.20 -3.00
C VAL B 216 -12.54 2.01 -3.26
N ALA B 217 -13.30 1.87 -2.18
CA ALA B 217 -14.74 1.68 -2.30
C ALA B 217 -15.48 2.87 -2.90
N CYS B 218 -15.07 4.08 -2.54
CA CYS B 218 -15.72 5.30 -3.04
C CYS B 218 -14.99 5.87 -4.25
N ASN B 219 -14.01 5.14 -4.76
CA ASN B 219 -13.32 5.49 -6.00
C ASN B 219 -12.55 6.82 -6.06
N ILE B 220 -11.95 7.22 -4.94
CA ILE B 220 -11.12 8.40 -4.89
C ILE B 220 -9.70 8.00 -5.27
N LEU B 221 -9.36 6.74 -5.07
CA LEU B 221 -8.04 6.22 -5.38
C LEU B 221 -8.10 5.04 -6.32
N ASN B 222 -6.93 4.62 -6.80
CA ASN B 222 -6.83 3.47 -7.72
C ASN B 222 -7.52 2.25 -7.21
N ASN B 223 -8.09 1.48 -8.15
CA ASN B 223 -8.89 0.31 -7.83
C ASN B 223 -8.09 -0.95 -8.04
N PRO B 224 -7.82 -1.69 -6.93
CA PRO B 224 -7.03 -2.88 -7.16
C PRO B 224 -7.87 -4.06 -7.66
N PHE B 225 -9.19 -3.95 -7.55
CA PHE B 225 -10.09 -5.01 -8.01
C PHE B 225 -9.97 -5.23 -9.52
N LEU B 226 -9.55 -4.20 -10.24
CA LEU B 226 -9.27 -4.28 -11.64
C LEU B 226 -8.09 -5.22 -11.96
N HIS B 227 -7.12 -5.31 -11.06
CA HIS B 227 -5.92 -6.08 -11.31
C HIS B 227 -5.63 -7.27 -10.38
N ALA B 228 -6.10 -7.22 -9.12
CA ALA B 228 -5.69 -8.21 -8.14
C ALA B 228 -6.47 -9.53 -8.17
N ASP B 229 -5.78 -10.60 -7.85
CA ASP B 229 -6.41 -11.88 -7.57
C ASP B 229 -7.12 -11.87 -6.22
N VAL B 230 -6.46 -11.28 -5.22
CA VAL B 230 -7.06 -11.18 -3.87
C VAL B 230 -6.98 -9.78 -3.29
N VAL B 231 -8.06 -9.35 -2.70
CA VAL B 231 -8.02 -8.12 -1.95
C VAL B 231 -8.41 -8.44 -0.51
N THR B 232 -7.59 -8.04 0.44
CA THR B 232 -7.94 -8.14 1.88
C THR B 232 -8.09 -6.76 2.49
N THR B 233 -8.98 -6.66 3.45
CA THR B 233 -9.14 -5.44 4.20
C THR B 233 -9.69 -5.69 5.60
N THR B 234 -9.29 -4.82 6.53
CA THR B 234 -9.91 -4.77 7.85
C THR B 234 -11.07 -3.84 7.75
N THR B 235 -11.98 -3.92 8.71
CA THR B 235 -13.17 -3.07 8.75
C THR B 235 -13.16 -1.99 9.85
N HIS B 236 -12.10 -1.96 10.68
CA HIS B 236 -12.06 -1.07 11.88
C HIS B 236 -11.32 0.25 11.69
N LYS B 237 -10.73 0.46 10.51
CA LYS B 237 -9.95 1.67 10.31
C LYS B 237 -10.78 2.73 9.60
N ILE B 238 -10.37 3.13 8.39
CA ILE B 238 -11.07 4.18 7.64
C ILE B 238 -12.51 3.80 7.33
N LEU B 239 -12.74 2.50 7.13
CA LEU B 239 -14.09 1.97 6.88
C LEU B 239 -15.05 2.18 8.04
N ARG B 240 -14.52 2.27 9.25
CA ARG B 240 -15.32 2.65 10.41
C ARG B 240 -16.19 1.51 10.92
N GLY B 241 -15.80 0.28 10.61
CA GLY B 241 -16.55 -0.89 11.05
C GLY B 241 -16.06 -1.40 12.38
N PRO B 242 -16.52 -2.61 12.76
CA PRO B 242 -15.93 -3.21 13.96
C PRO B 242 -14.59 -3.80 13.63
N ARG B 243 -13.96 -4.40 14.63
CA ARG B 243 -12.70 -5.07 14.41
C ARG B 243 -12.96 -6.43 13.76
N SER B 244 -12.65 -6.51 12.48
CA SER B 244 -12.88 -7.70 11.66
C SER B 244 -12.17 -7.53 10.36
N ALA B 245 -12.23 -8.56 9.53
CA ALA B 245 -11.61 -8.46 8.23
C ALA B 245 -12.44 -9.16 7.15
N LEU B 246 -12.16 -8.76 5.91
CA LEU B 246 -12.83 -9.25 4.71
C LEU B 246 -11.79 -9.79 3.76
N ILE B 247 -12.09 -10.92 3.11
CA ILE B 247 -11.22 -11.48 2.06
C ILE B 247 -11.98 -11.57 0.75
N PHE B 248 -11.42 -10.92 -0.28
CA PHE B 248 -12.01 -10.90 -1.60
C PHE B 248 -11.19 -11.76 -2.56
N PHE B 249 -11.87 -12.50 -3.43
CA PHE B 249 -11.16 -13.32 -4.43
C PHE B 249 -11.75 -13.20 -5.83
N ASN B 250 -10.89 -13.11 -6.82
CA ASN B 250 -11.32 -12.99 -8.21
C ASN B 250 -11.59 -14.39 -8.80
N LYS B 251 -12.86 -14.75 -8.89
CA LYS B 251 -13.26 -16.05 -9.46
C LYS B 251 -12.91 -16.19 -10.95
N LYS B 252 -13.16 -15.16 -11.75
CA LYS B 252 -12.87 -15.19 -13.18
C LYS B 252 -11.43 -15.47 -13.51
N ARG B 253 -10.53 -14.83 -12.79
CA ARG B 253 -9.10 -15.04 -13.03
C ARG B 253 -8.66 -16.43 -12.57
N ASN B 254 -9.20 -16.88 -11.43
CA ASN B 254 -8.81 -18.17 -10.82
C ASN B 254 -10.02 -18.97 -10.36
N PRO B 255 -10.63 -19.74 -11.29
CA PRO B 255 -11.76 -20.55 -10.82
C PRO B 255 -11.27 -21.61 -9.84
N GLY B 256 -12.11 -21.96 -8.88
CA GLY B 256 -11.69 -22.83 -7.79
C GLY B 256 -10.88 -22.14 -6.66
N ILE B 257 -10.75 -20.81 -6.74
CA ILE B 257 -10.18 -20.02 -5.65
C ILE B 257 -11.16 -19.93 -4.50
N GLU B 258 -12.46 -19.93 -4.80
CA GLU B 258 -13.50 -19.81 -3.77
C GLU B 258 -13.39 -20.85 -2.70
N GLN B 259 -13.19 -22.09 -3.11
CA GLN B 259 -13.04 -23.21 -2.18
C GLN B 259 -11.72 -23.10 -1.41
N LYS B 260 -10.62 -22.83 -2.10
CA LYS B 260 -9.32 -22.66 -1.47
C LYS B 260 -9.32 -21.59 -0.36
N ILE B 261 -9.88 -20.43 -0.64
CA ILE B 261 -10.02 -19.36 0.33
C ILE B 261 -10.98 -19.74 1.47
N ASN B 262 -12.14 -20.28 1.14
CA ASN B 262 -13.12 -20.60 2.13
C ASN B 262 -12.68 -21.70 3.07
N SER B 263 -11.97 -22.71 2.55
CA SER B 263 -11.48 -23.81 3.38
C SER B 263 -10.34 -23.32 4.29
N ALA B 264 -9.55 -22.37 3.81
CA ALA B 264 -8.48 -21.79 4.60
C ALA B 264 -8.98 -21.05 5.84
N VAL B 265 -10.07 -20.31 5.72
CA VAL B 265 -10.66 -19.65 6.88
C VAL B 265 -11.25 -20.68 7.82
N PHE B 266 -12.03 -21.60 7.28
CA PHE B 266 -12.55 -22.74 8.04
C PHE B 266 -12.63 -23.97 7.17
N PRO B 267 -12.19 -25.16 7.63
CA PRO B 267 -11.71 -25.35 9.00
C PRO B 267 -10.20 -25.32 9.19
N SER B 268 -9.45 -24.79 8.24
CA SER B 268 -8.01 -24.74 8.40
C SER B 268 -7.52 -23.95 9.63
N PHE B 269 -7.98 -22.70 9.78
CA PHE B 269 -7.47 -21.80 10.79
C PHE B 269 -8.46 -21.51 11.91
N GLN B 270 -9.67 -21.13 11.56
CA GLN B 270 -10.64 -20.74 12.56
C GLN B 270 -11.66 -21.84 12.80
N GLY B 271 -12.39 -21.73 13.90
CA GLY B 271 -13.56 -22.55 14.17
C GLY B 271 -14.80 -21.69 13.96
N GLY B 272 -15.59 -21.56 15.02
CA GLY B 272 -16.87 -20.85 14.96
C GLY B 272 -16.71 -19.38 14.59
N PRO B 273 -17.64 -18.84 13.77
CA PRO B 273 -17.59 -17.41 13.44
C PRO B 273 -18.13 -16.60 14.59
N HIS B 274 -17.78 -15.32 14.58
CA HIS B 274 -18.29 -14.44 15.57
C HIS B 274 -19.38 -13.63 14.90
N ASN B 275 -20.61 -14.04 15.18
CA ASN B 275 -21.77 -13.48 14.49
C ASN B 275 -22.06 -12.02 14.77
N ASN B 276 -21.79 -11.59 16.00
CA ASN B 276 -21.87 -10.17 16.37
C ASN B 276 -20.94 -9.33 15.49
N LYS B 277 -19.77 -9.87 15.19
CA LYS B 277 -18.84 -9.22 14.28
C LYS B 277 -19.46 -9.08 12.88
N ILE B 278 -19.97 -10.19 12.37
CA ILE B 278 -20.57 -10.24 11.07
C ILE B 278 -21.79 -9.28 10.99
N ALA B 279 -22.67 -9.34 11.99
CA ALA B 279 -23.78 -8.40 12.11
C ALA B 279 -23.27 -6.95 12.10
N ALA B 280 -22.22 -6.66 12.88
CA ALA B 280 -21.68 -5.33 12.93
C ALA B 280 -21.14 -4.90 11.58
N VAL B 281 -20.50 -5.80 10.89
CA VAL B 281 -19.92 -5.46 9.61
C VAL B 281 -20.99 -5.16 8.58
N ALA B 282 -22.04 -5.97 8.56
CA ALA B 282 -23.15 -5.71 7.65
C ALA B 282 -23.69 -4.31 7.87
N CYS B 283 -23.88 -3.94 9.12
CA CYS B 283 -24.43 -2.64 9.48
C CYS B 283 -23.59 -1.45 8.97
N GLN B 284 -22.28 -1.57 9.09
CA GLN B 284 -21.39 -0.54 8.56
C GLN B 284 -21.27 -0.59 7.03
N LEU B 285 -21.37 -1.77 6.44
CA LEU B 285 -21.27 -1.87 4.99
C LEU B 285 -22.43 -1.14 4.29
N LYS B 286 -23.59 -1.08 4.95
CA LYS B 286 -24.68 -0.31 4.42
C LYS B 286 -24.31 1.16 4.42
N GLU B 287 -23.81 1.66 5.54
CA GLU B 287 -23.34 3.04 5.59
C GLU B 287 -22.26 3.33 4.54
N VAL B 288 -21.34 2.41 4.32
CA VAL B 288 -20.28 2.65 3.36
C VAL B 288 -20.85 2.98 2.01
N HIS B 289 -21.90 2.25 1.62
CA HIS B 289 -22.52 2.46 0.31
C HIS B 289 -23.66 3.48 0.31
N SER B 290 -23.37 4.68 0.80
CA SER B 290 -24.34 5.75 0.85
C SER B 290 -23.56 6.95 0.36
N PRO B 291 -24.23 7.92 -0.30
CA PRO B 291 -23.43 9.03 -0.82
C PRO B 291 -22.82 9.89 0.31
N ALA B 292 -23.45 9.88 1.48
CA ALA B 292 -22.93 10.56 2.67
C ALA B 292 -21.55 10.07 3.12
N PHE B 293 -21.31 8.75 3.08
CA PHE B 293 -20.04 8.19 3.54
C PHE B 293 -18.90 8.57 2.61
N LYS B 294 -19.21 8.65 1.31
CA LYS B 294 -18.26 9.14 0.29
C LYS B 294 -17.82 10.56 0.66
N GLU B 295 -18.78 11.37 1.12
CA GLU B 295 -18.50 12.73 1.55
C GLU B 295 -17.51 12.74 2.71
N TYR B 296 -17.76 11.90 3.72
CA TYR B 296 -16.86 11.74 4.86
C TYR B 296 -15.46 11.34 4.41
N THR B 297 -15.39 10.33 3.54
CA THR B 297 -14.11 9.88 2.97
C THR B 297 -13.42 11.00 2.22
N GLN B 298 -14.19 11.77 1.47
CA GLN B 298 -13.66 12.94 0.77
C GLN B 298 -13.08 13.88 1.81
N GLN B 299 -13.81 14.11 2.88
CA GLN B 299 -13.36 14.98 3.95
C GLN B 299 -12.05 14.49 4.64
N VAL B 300 -11.89 13.17 4.76
CA VAL B 300 -10.66 12.59 5.33
C VAL B 300 -9.47 12.99 4.44
N LEU B 301 -9.66 12.93 3.13
CA LEU B 301 -8.59 13.34 2.22
C LEU B 301 -8.34 14.85 2.26
N LEU B 302 -9.39 15.66 2.29
CA LEU B 302 -9.22 17.12 2.33
C LEU B 302 -8.41 17.48 3.57
N ASN B 303 -8.80 16.91 4.72
CA ASN B 303 -8.10 17.10 5.98
C ASN B 303 -6.66 16.65 5.93
N SER B 304 -6.40 15.52 5.31
CA SER B 304 -5.03 15.04 5.19
C SER B 304 -4.11 15.94 4.37
N LYS B 305 -4.61 16.44 3.25
CA LYS B 305 -3.87 17.34 2.37
C LYS B 305 -3.55 18.64 3.12
N ALA B 306 -4.61 19.21 3.71
CA ALA B 306 -4.50 20.45 4.49
C ALA B 306 -3.51 20.33 5.64
N LEU B 307 -3.50 19.17 6.30
CA LEU B 307 -2.60 18.91 7.41
C LEU B 307 -1.15 18.82 6.93
N ALA B 308 -0.93 18.14 5.82
CA ALA B 308 0.39 18.03 5.26
C ALA B 308 0.91 19.41 4.90
N LYS B 309 0.03 20.18 4.28
CA LYS B 309 0.38 21.50 3.80
C LYS B 309 0.71 22.45 4.96
N ALA B 310 -0.08 22.38 6.03
CA ALA B 310 0.17 23.18 7.22
C ALA B 310 1.45 22.76 7.94
N LEU B 311 1.73 21.46 7.96
CA LEU B 311 2.98 20.98 8.56
C LEU B 311 4.18 21.53 7.79
N ILE B 312 4.09 21.48 6.45
CA ILE B 312 5.12 22.00 5.55
C ILE B 312 5.32 23.51 5.67
N SER B 313 4.25 24.28 5.83
CA SER B 313 4.34 25.72 6.11
C SER B 313 5.12 26.07 7.39
N LYS B 314 5.11 25.12 8.34
CA LYS B 314 5.87 25.20 9.61
C LYS B 314 7.25 24.56 9.50
N GLN B 315 7.72 24.28 8.29
CA GLN B 315 9.05 23.72 8.09
C GLN B 315 9.22 22.30 8.59
N ILE B 316 8.15 21.53 8.57
CA ILE B 316 8.23 20.11 8.95
C ILE B 316 8.28 19.22 7.69
N ASP B 317 9.26 18.33 7.65
CA ASP B 317 9.44 17.39 6.55
C ASP B 317 8.53 16.14 6.62
N LEU B 318 7.89 15.83 5.49
CA LEU B 318 7.02 14.68 5.35
C LEU B 318 7.62 13.69 4.36
N VAL B 319 7.49 12.39 4.64
CA VAL B 319 8.01 11.34 3.76
C VAL B 319 7.23 11.40 2.45
N THR B 320 7.97 11.42 1.33
CA THR B 320 7.42 11.68 -0.02
C THR B 320 6.89 13.08 -0.19
N ASN B 321 7.18 13.98 0.75
CA ASN B 321 6.77 15.38 0.73
C ASN B 321 5.27 15.67 0.58
N GLY B 322 4.44 14.77 1.08
CA GLY B 322 3.01 14.96 0.99
C GLY B 322 2.29 13.64 1.10
N THR B 323 1.02 13.66 0.74
CA THR B 323 0.23 12.47 0.83
C THR B 323 -0.84 12.40 -0.28
N ASP B 324 -1.19 11.17 -0.66
CA ASP B 324 -2.31 10.89 -1.56
C ASP B 324 -3.48 10.33 -0.84
N ASN B 325 -3.37 10.22 0.48
CA ASN B 325 -4.42 9.59 1.26
C ASN B 325 -4.64 10.24 2.64
N HIS B 326 -5.18 9.42 3.53
CA HIS B 326 -5.50 9.75 4.91
C HIS B 326 -4.31 9.87 5.85
N LEU B 327 -3.12 9.44 5.42
CA LEU B 327 -2.00 9.39 6.32
C LEU B 327 -0.74 10.13 5.86
N ILE B 328 0.03 10.55 6.85
CA ILE B 328 1.26 11.30 6.65
C ILE B 328 2.30 10.65 7.53
N VAL B 329 3.55 10.68 7.13
CA VAL B 329 4.63 10.23 8.01
C VAL B 329 5.63 11.39 8.09
N VAL B 330 5.93 11.83 9.31
CA VAL B 330 6.81 12.97 9.55
C VAL B 330 8.23 12.50 9.78
N ASP B 331 9.16 13.05 8.98
CA ASP B 331 10.59 12.82 9.11
C ASP B 331 11.16 13.80 10.16
N LEU B 332 11.66 13.29 11.28
CA LEU B 332 12.07 14.17 12.40
C LEU B 332 13.57 14.43 12.47
N ARG B 333 14.34 13.96 11.47
CA ARG B 333 15.81 14.04 11.53
C ARG B 333 16.39 15.46 11.67
N LYS B 334 15.79 16.46 11.05
CA LYS B 334 16.30 17.84 11.15
C LYS B 334 16.23 18.44 12.56
N PHE B 335 15.36 17.88 13.39
CA PHE B 335 15.18 18.30 14.76
C PHE B 335 15.98 17.47 15.77
N SER B 336 16.66 16.43 15.31
CA SER B 336 17.47 15.57 16.17
C SER B 336 16.72 14.96 17.36
N ILE B 337 15.41 14.74 17.18
CA ILE B 337 14.62 13.98 18.13
C ILE B 337 14.10 12.72 17.42
N THR B 338 13.89 11.66 18.19
CA THR B 338 13.39 10.41 17.65
C THR B 338 11.87 10.43 17.72
N GLY B 339 11.23 9.52 17.00
CA GLY B 339 9.78 9.34 17.11
C GLY B 339 9.28 8.97 18.51
N SER B 340 10.06 8.19 19.26
CA SER B 340 9.65 7.70 20.60
C SER B 340 9.53 8.86 21.57
N LYS B 341 10.47 9.79 21.49
CA LYS B 341 10.43 11.01 22.33
C LYS B 341 9.22 11.88 22.03
N LEU B 342 8.90 12.07 20.75
CA LEU B 342 7.71 12.83 20.36
C LEU B 342 6.42 12.12 20.75
N GLN B 343 6.39 10.80 20.64
CA GLN B 343 5.20 10.03 21.02
C GLN B 343 4.95 10.22 22.51
N GLU B 344 6.00 10.13 23.29
CA GLU B 344 5.92 10.34 24.74
C GLU B 344 5.40 11.75 25.01
N THR B 345 5.99 12.73 24.32
CA THR B 345 5.57 14.10 24.48
C THR B 345 4.10 14.25 24.12
N CYS B 346 3.71 13.59 23.04
CA CYS B 346 2.33 13.69 22.58
C CYS B 346 1.33 13.02 23.52
N ASN B 347 1.71 11.91 24.18
CA ASN B 347 0.79 11.29 25.15
C ASN B 347 0.55 12.23 26.32
N ALA B 348 1.58 12.96 26.74
CA ALA B 348 1.45 13.96 27.82
C ALA B 348 0.43 15.09 27.51
N ILE B 349 0.25 15.39 26.23
CA ILE B 349 -0.68 16.44 25.80
C ILE B 349 -1.98 15.87 25.26
N ASN B 350 -2.19 14.59 25.48
CA ASN B 350 -3.36 13.86 24.96
C ASN B 350 -3.48 13.89 23.42
N VAL B 351 -2.34 13.76 22.74
CA VAL B 351 -2.32 13.66 21.29
C VAL B 351 -1.86 12.24 20.99
N SER B 352 -2.72 11.50 20.32
CA SER B 352 -2.39 10.12 19.99
C SER B 352 -1.80 9.99 18.59
N LEU B 353 -0.56 9.53 18.53
CA LEU B 353 0.12 9.20 17.28
C LEU B 353 1.11 8.08 17.57
N ASN B 354 1.77 7.55 16.56
CA ASN B 354 2.69 6.45 16.78
C ASN B 354 4.00 6.72 16.11
N LYS B 355 5.06 6.21 16.71
CA LYS B 355 6.39 6.28 16.14
C LYS B 355 6.43 5.42 14.89
N ASN B 356 7.24 5.82 13.91
CA ASN B 356 7.26 5.16 12.64
C ASN B 356 8.65 5.20 12.02
N THR B 357 8.99 4.17 11.26
CA THR B 357 10.26 4.14 10.52
C THR B 357 10.27 5.12 9.33
N ILE B 358 11.46 5.53 8.91
CA ILE B 358 11.59 6.32 7.70
C ILE B 358 12.63 5.64 6.81
N PRO B 359 12.68 6.04 5.50
CA PRO B 359 13.62 5.33 4.61
C PRO B 359 15.05 5.29 5.13
N SER B 360 15.51 6.38 5.72
CA SER B 360 16.86 6.46 6.23
C SER B 360 17.09 5.43 7.36
N ASP B 361 16.03 5.07 8.11
CA ASP B 361 16.18 4.20 9.28
C ASP B 361 16.65 2.80 8.89
N VAL B 362 17.62 2.31 9.65
CA VAL B 362 18.19 0.99 9.48
C VAL B 362 17.47 -0.01 10.41
N ASP B 363 17.27 0.37 11.67
CA ASP B 363 16.70 -0.51 12.69
C ASP B 363 15.37 0.04 13.24
N CYS B 364 14.46 -0.88 13.57
CA CYS B 364 13.15 -0.55 14.18
C CYS B 364 13.23 0.12 15.56
N VAL B 365 14.32 -0.11 16.27
CA VAL B 365 14.62 0.62 17.52
C VAL B 365 15.13 2.01 17.14
N SER B 366 14.65 3.01 17.85
CA SER B 366 14.97 4.42 17.52
C SER B 366 14.52 4.93 16.12
N PRO B 367 13.25 4.64 15.71
CA PRO B 367 12.78 5.20 14.43
C PRO B 367 12.68 6.72 14.42
N SER B 368 12.89 7.32 13.26
CA SER B 368 13.03 8.77 13.13
C SER B 368 11.76 9.50 12.69
N GLY B 369 10.59 8.86 12.81
CA GLY B 369 9.35 9.52 12.45
C GLY B 369 8.16 9.21 13.31
N VAL B 370 7.08 9.90 12.97
CA VAL B 370 5.79 9.66 13.57
C VAL B 370 4.78 9.59 12.42
N ARG B 371 3.77 8.74 12.57
CA ARG B 371 2.76 8.63 11.59
C ARG B 371 1.47 9.19 12.14
N ILE B 372 0.78 10.01 11.34
CA ILE B 372 -0.49 10.60 11.74
C ILE B 372 -1.54 10.33 10.64
N GLY B 373 -2.81 10.36 11.02
CA GLY B 373 -3.88 10.15 10.08
C GLY B 373 -5.09 10.93 10.48
N THR B 374 -5.95 11.22 9.52
CA THR B 374 -7.12 12.06 9.76
C THR B 374 -8.46 11.41 9.96
N PRO B 375 -8.58 10.05 9.84
CA PRO B 375 -9.93 9.48 9.90
C PRO B 375 -10.69 9.67 11.20
N ALA B 376 -10.02 9.49 12.32
CA ALA B 376 -10.68 9.70 13.60
C ALA B 376 -11.16 11.15 13.79
N MET B 377 -10.29 12.14 13.51
CA MET B 377 -10.65 13.56 13.70
C MET B 377 -11.68 14.05 12.70
N THR B 378 -11.68 13.45 11.51
CA THR B 378 -12.71 13.70 10.53
C THR B 378 -14.03 13.16 10.99
N THR B 379 -13.98 12.01 11.66
CA THR B 379 -15.19 11.42 12.23
C THR B 379 -15.75 12.33 13.32
N ARG B 380 -14.85 12.98 14.06
CA ARG B 380 -15.26 13.95 15.09
C ARG B 380 -15.69 15.33 14.56
N GLY B 381 -15.71 15.52 13.24
CA GLY B 381 -16.23 16.74 12.61
C GLY B 381 -15.21 17.81 12.26
N ALA B 382 -13.92 17.50 12.45
CA ALA B 382 -12.86 18.45 12.11
C ALA B 382 -12.81 18.69 10.60
N LYS B 383 -12.76 19.97 10.23
CA LYS B 383 -12.72 20.41 8.84
C LYS B 383 -11.33 20.91 8.50
N GLU B 384 -11.15 21.34 7.27
CA GLU B 384 -9.81 21.77 6.82
C GLU B 384 -9.23 22.87 7.69
N LYS B 385 -10.09 23.79 8.11
CA LYS B 385 -9.70 24.90 9.00
C LYS B 385 -9.03 24.43 10.28
N ASP B 386 -9.54 23.31 10.83
CA ASP B 386 -9.07 22.74 12.09
C ASP B 386 -7.68 22.13 12.04
N MET B 387 -7.19 21.85 10.85
CA MET B 387 -5.87 21.25 10.67
C MET B 387 -4.70 22.16 11.05
N GLU B 388 -4.81 23.46 10.84
CA GLU B 388 -3.70 24.37 11.21
C GLU B 388 -3.43 24.29 12.72
N PHE B 389 -4.49 24.22 13.50
CA PHE B 389 -4.40 24.04 14.94
C PHE B 389 -3.75 22.70 15.32
N ILE B 390 -4.06 21.63 14.61
CA ILE B 390 -3.40 20.34 14.91
C ILE B 390 -1.94 20.41 14.55
N ALA B 391 -1.67 20.99 13.40
CA ALA B 391 -0.32 21.20 12.97
C ALA B 391 0.42 22.11 13.94
N ASP B 392 -0.26 23.17 14.40
CA ASP B 392 0.30 24.04 15.44
C ASP B 392 0.63 23.25 16.72
N VAL B 393 -0.30 22.41 17.16
CA VAL B 393 -0.05 21.60 18.36
C VAL B 393 1.16 20.71 18.18
N LEU B 394 1.28 20.06 17.02
CA LEU B 394 2.44 19.17 16.77
C LEU B 394 3.74 19.90 16.68
N ALA B 395 3.73 21.10 16.12
CA ALA B 395 4.94 21.95 16.05
C ALA B 395 5.44 22.30 17.48
N ARG B 396 4.51 22.70 18.35
CA ARG B 396 4.81 22.99 19.76
C ARG B 396 5.36 21.76 20.48
N ALA B 397 4.78 20.59 20.21
CA ALA B 397 5.27 19.35 20.84
C ALA B 397 6.65 18.99 20.40
N ILE B 398 6.97 19.28 19.15
CA ILE B 398 8.32 19.03 18.66
C ILE B 398 9.30 19.97 19.35
N LYS B 399 9.01 21.27 19.33
CA LYS B 399 9.84 22.23 20.06
C LYS B 399 10.07 21.83 21.56
N ILE B 400 8.98 21.58 22.28
CA ILE B 400 9.07 21.17 23.68
C ILE B 400 9.93 19.92 23.81
N THR B 401 9.73 18.97 22.91
CA THR B 401 10.54 17.77 22.89
C THR B 401 12.01 18.09 22.71
N VAL B 402 12.33 19.06 21.85
CA VAL B 402 13.72 19.44 21.65
C VAL B 402 14.33 20.10 22.91
N ASP B 403 13.54 20.95 23.55
CA ASP B 403 13.95 21.63 24.79
C ASP B 403 14.21 20.64 25.92
N LEU B 404 13.31 19.66 26.10
CA LEU B 404 13.45 18.62 27.11
C LEU B 404 14.66 17.72 26.89
N GLN B 405 14.93 17.42 25.63
CA GLN B 405 16.11 16.67 25.27
C GLN B 405 17.40 17.46 25.53
N GLU B 406 17.34 18.77 25.29
CA GLU B 406 18.43 19.67 25.66
C GLU B 406 18.64 19.66 27.18
N GLN B 407 17.55 19.80 27.93
CA GLN B 407 17.63 19.81 29.39
C GLN B 407 18.05 18.47 30.02
N TYR B 408 17.42 17.36 29.62
CA TYR B 408 17.68 16.07 30.28
C TYR B 408 18.50 15.05 29.53
N GLY B 409 18.83 15.31 28.27
CA GLY B 409 19.63 14.39 27.46
C GLY B 409 18.82 13.47 26.56
N LYS B 410 19.52 12.85 25.61
CA LYS B 410 18.94 11.98 24.57
C LYS B 410 18.50 10.56 25.01
N LYS B 411 19.01 10.07 26.14
CA LYS B 411 18.65 8.76 26.64
C LYS B 411 17.17 8.81 26.95
N LEU B 412 16.44 7.76 26.54
CA LEU B 412 15.01 7.75 26.73
C LEU B 412 14.63 7.78 28.21
N VAL B 413 15.29 6.99 29.03
CA VAL B 413 15.03 7.04 30.50
C VAL B 413 15.19 8.46 31.05
N ASP B 414 16.31 9.09 30.75
CA ASP B 414 16.59 10.45 31.18
C ASP B 414 15.55 11.48 30.63
N PHE B 415 15.20 11.37 29.34
CA PHE B 415 14.25 12.31 28.69
C PHE B 415 12.89 12.32 29.35
N LYS B 416 12.38 11.14 29.73
CA LYS B 416 11.04 11.02 30.31
C LYS B 416 10.93 11.70 31.66
N LYS B 417 12.05 11.78 32.38
CA LYS B 417 12.09 12.42 33.71
C LYS B 417 11.63 13.87 33.64
N GLY B 418 11.97 14.54 32.54
CA GLY B 418 11.56 15.92 32.32
C GLY B 418 10.09 16.13 32.10
N LEU B 419 9.37 15.07 31.78
CA LEU B 419 7.98 15.14 31.30
C LEU B 419 6.91 15.48 32.34
N PRO B 420 6.97 14.84 33.53
CA PRO B 420 5.86 15.13 34.45
C PRO B 420 5.94 16.51 35.12
N GLY B 421 4.81 17.16 35.17
CA GLY B 421 4.72 18.50 35.75
C GLY B 421 5.14 19.67 34.88
N ASN B 422 5.69 19.40 33.68
CA ASN B 422 6.21 20.45 32.81
C ASN B 422 5.10 21.45 32.56
N ALA B 423 5.39 22.73 32.80
CA ALA B 423 4.36 23.78 32.67
C ALA B 423 3.79 23.88 31.26
N GLN B 424 4.66 23.87 30.26
CA GLN B 424 4.20 24.01 28.87
C GLN B 424 3.29 22.88 28.45
N LEU B 425 3.63 21.66 28.86
CA LEU B 425 2.83 20.48 28.55
C LEU B 425 1.45 20.53 29.20
N GLN B 426 1.40 20.96 30.48
CA GLN B 426 0.13 21.08 31.21
C GLN B 426 -0.75 22.06 30.47
N GLN B 427 -0.15 23.14 30.02
CA GLN B 427 -0.83 24.13 29.19
C GLN B 427 -1.30 23.56 27.84
N LEU B 428 -0.41 22.85 27.17
CA LEU B 428 -0.75 22.32 25.86
C LEU B 428 -1.85 21.26 25.96
N LYS B 429 -1.71 20.36 26.93
CA LYS B 429 -2.76 19.36 27.24
C LYS B 429 -4.14 19.98 27.51
N GLN B 430 -4.17 21.01 28.35
CA GLN B 430 -5.41 21.70 28.72
C GLN B 430 -6.05 22.32 27.47
N GLU B 431 -5.21 22.90 26.63
CA GLU B 431 -5.63 23.45 25.34
C GLU B 431 -6.16 22.34 24.45
N VAL B 432 -5.42 21.23 24.41
CA VAL B 432 -5.85 20.05 23.67
C VAL B 432 -7.18 19.48 24.19
N VAL B 433 -7.26 19.28 25.50
CA VAL B 433 -8.46 18.71 26.13
C VAL B 433 -9.67 19.58 25.88
N THR B 434 -9.52 20.91 25.91
CA THR B 434 -10.66 21.82 25.71
C THR B 434 -11.18 21.73 24.30
N TRP B 435 -10.30 21.69 23.31
CA TRP B 435 -10.75 21.61 21.91
C TRP B 435 -11.31 20.22 21.59
N ALA B 436 -10.58 19.18 21.98
CA ALA B 436 -11.00 17.77 21.76
C ALA B 436 -12.32 17.40 22.44
N GLY B 437 -12.46 17.81 23.71
CA GLY B 437 -13.66 17.57 24.49
C GLY B 437 -14.94 18.11 23.87
N ALA B 438 -14.83 19.21 23.13
CA ALA B 438 -15.95 19.89 22.46
C ALA B 438 -16.54 19.21 21.22
N LEU B 439 -15.72 18.48 20.47
CA LEU B 439 -16.11 17.89 19.18
C LEU B 439 -17.15 16.78 19.30
N PRO B 440 -18.00 16.60 18.27
CA PRO B 440 -18.93 15.48 18.36
C PRO B 440 -18.24 14.12 18.53
N PHE B 441 -18.84 13.31 19.39
CA PHE B 441 -18.33 12.03 19.78
C PHE B 441 -19.47 11.03 19.55
N PRO B 442 -19.24 10.00 18.71
CA PRO B 442 -20.23 8.93 18.63
C PRO B 442 -20.05 8.01 19.82
N MET C 1 49.66 56.14 -26.89
CA MET C 1 48.74 56.86 -25.95
C MET C 1 47.54 55.96 -25.56
N PHE C 2 47.84 54.83 -24.94
CA PHE C 2 46.84 53.84 -24.55
C PHE C 2 47.18 53.17 -23.22
N ASN C 3 46.20 52.49 -22.65
CA ASN C 3 46.40 51.74 -21.42
C ASN C 3 46.63 50.26 -21.69
N ASN C 4 47.82 49.77 -21.38
CA ASN C 4 48.17 48.37 -21.65
C ASN C 4 47.99 47.44 -20.43
N GLU C 5 47.47 47.97 -19.32
CA GLU C 5 47.20 47.19 -18.12
C GLU C 5 46.28 45.98 -18.38
N PRO C 6 46.53 44.84 -17.70
CA PRO C 6 45.63 43.69 -17.92
C PRO C 6 44.21 43.92 -17.45
N LEU C 7 43.29 43.10 -17.95
CA LEU C 7 41.85 43.19 -17.66
C LEU C 7 41.57 43.27 -16.15
N GLU C 8 42.26 42.43 -15.37
CA GLU C 8 42.12 42.46 -13.91
C GLU C 8 42.52 43.82 -13.28
N GLN C 9 43.62 44.39 -13.73
CA GLN C 9 44.02 45.73 -13.25
C GLN C 9 43.11 46.81 -13.84
N ILE C 10 42.88 46.78 -15.16
CA ILE C 10 42.10 47.81 -15.87
C ILE C 10 40.64 47.89 -15.46
N ASP C 11 39.98 46.75 -15.32
CA ASP C 11 38.55 46.77 -15.00
C ASP C 11 38.25 45.67 -14.01
N LYS C 12 38.49 45.97 -12.72
CA LYS C 12 38.25 44.97 -11.67
C LYS C 12 36.77 44.60 -11.55
N GLU C 13 35.87 45.57 -11.69
CA GLU C 13 34.43 45.30 -11.57
C GLU C 13 33.92 44.26 -12.62
N LEU C 14 34.35 44.42 -13.87
CA LEU C 14 33.97 43.53 -14.97
C LEU C 14 34.61 42.16 -14.86
N HIS C 15 35.87 42.16 -14.47
CA HIS C 15 36.66 40.95 -14.36
C HIS C 15 36.13 39.99 -13.29
N ASP C 16 35.52 40.54 -12.25
CA ASP C 16 34.96 39.71 -11.19
C ASP C 16 33.78 38.93 -11.72
N ILE C 17 32.90 39.64 -12.42
CA ILE C 17 31.70 39.04 -13.01
C ILE C 17 32.07 37.96 -14.03
N LEU C 18 33.12 38.21 -14.81
CA LEU C 18 33.59 37.23 -15.80
C LEU C 18 34.10 35.96 -15.13
N ALA C 19 34.83 36.15 -14.02
CA ALA C 19 35.32 35.02 -13.20
C ALA C 19 34.15 34.24 -12.58
N ASP C 20 33.12 34.97 -12.18
CA ASP C 20 31.90 34.36 -11.69
C ASP C 20 31.22 33.53 -12.78
N GLU C 21 31.10 34.11 -13.98
CA GLU C 21 30.51 33.43 -15.16
C GLU C 21 31.27 32.16 -15.45
N GLU C 22 32.60 32.23 -15.40
CA GLU C 22 33.42 31.09 -15.67
C GLU C 22 33.14 29.97 -14.67
N LYS C 23 33.02 30.36 -13.41
CA LYS C 23 32.75 29.41 -12.33
C LYS C 23 31.35 28.78 -12.56
N ARG C 24 30.35 29.60 -12.86
CA ARG C 24 29.01 29.08 -13.14
C ARG C 24 28.97 28.07 -14.36
N GLN C 25 29.74 28.35 -15.40
CA GLN C 25 29.82 27.43 -16.54
C GLN C 25 30.41 26.09 -16.12
N ARG C 26 31.48 26.22 -15.34
CA ARG C 26 32.26 25.11 -14.83
C ARG C 26 31.45 24.23 -13.86
N GLU C 27 30.49 24.83 -13.16
CA GLU C 27 29.71 24.16 -12.14
C GLU C 27 28.29 23.82 -12.53
N THR C 28 27.99 23.90 -13.83
CA THR C 28 26.65 23.70 -14.33
C THR C 28 26.60 22.41 -15.15
N ILE C 29 25.47 21.71 -15.07
CA ILE C 29 25.20 20.63 -16.01
C ILE C 29 24.43 21.33 -17.13
N ASN C 30 25.13 21.67 -18.20
CA ASN C 30 24.58 22.44 -19.31
C ASN C 30 23.97 21.55 -20.39
N LEU C 31 22.64 21.55 -20.46
CA LEU C 31 21.89 20.80 -21.46
C LEU C 31 21.26 21.70 -22.53
N ILE C 32 21.71 22.95 -22.70
CA ILE C 32 21.15 23.80 -23.78
C ILE C 32 21.58 23.15 -25.10
N ALA C 33 20.62 22.84 -25.95
CA ALA C 33 20.92 22.04 -27.15
C ALA C 33 21.82 22.81 -28.07
N SER C 34 21.67 24.13 -28.05
CA SER C 34 22.48 25.05 -28.86
C SER C 34 23.81 25.53 -28.29
N GLU C 35 24.21 25.07 -27.10
CA GLU C 35 25.45 25.56 -26.49
C GLU C 35 26.57 24.56 -26.58
N ASN C 36 27.80 25.08 -26.49
CA ASN C 36 29.01 24.27 -26.45
C ASN C 36 30.08 25.02 -25.73
N LEU C 37 31.26 24.45 -25.63
CA LEU C 37 32.38 25.16 -25.01
C LEU C 37 33.52 25.18 -25.99
N THR C 38 34.03 26.38 -26.26
CA THR C 38 35.09 26.57 -27.22
C THR C 38 36.42 26.31 -26.57
N ASN C 39 37.38 25.85 -27.36
CA ASN C 39 38.74 25.65 -26.86
C ASN C 39 39.53 26.95 -26.85
N GLY C 40 40.69 26.91 -26.22
CA GLY C 40 41.56 28.06 -26.09
C GLY C 40 42.02 28.59 -27.43
N ALA C 41 42.25 27.70 -28.39
CA ALA C 41 42.70 28.10 -29.69
C ALA C 41 41.67 28.98 -30.40
N VAL C 42 40.41 28.59 -30.35
CA VAL C 42 39.34 29.37 -30.93
C VAL C 42 39.23 30.74 -30.26
N ARG C 43 39.39 30.76 -28.95
CA ARG C 43 39.37 32.01 -28.21
C ARG C 43 40.61 32.89 -28.40
N GLU C 44 41.74 32.30 -28.74
CA GLU C 44 42.93 33.07 -29.09
C GLU C 44 42.70 33.83 -30.37
N CYS C 45 41.96 33.21 -31.30
CA CYS C 45 41.60 33.83 -32.56
C CYS C 45 40.64 34.98 -32.36
N LEU C 46 39.68 34.79 -31.46
CA LEU C 46 38.67 35.78 -31.16
C LEU C 46 39.26 37.03 -30.53
N GLY C 47 40.32 36.85 -29.75
CA GLY C 47 41.06 37.96 -29.16
C GLY C 47 42.19 38.52 -30.02
N ASN C 48 42.35 38.01 -31.25
CA ASN C 48 43.45 38.42 -32.12
C ASN C 48 43.29 39.82 -32.69
N ARG C 49 44.41 40.49 -32.91
CA ARG C 49 44.41 41.84 -33.51
C ARG C 49 43.91 41.91 -34.92
N VAL C 50 43.67 40.78 -35.55
CA VAL C 50 43.08 40.74 -36.87
C VAL C 50 41.75 41.52 -36.97
N SER C 51 41.03 41.64 -35.86
CA SER C 51 39.76 42.40 -35.78
C SER C 51 39.94 43.91 -35.93
N ASN C 52 41.15 44.39 -35.76
CA ASN C 52 41.47 45.78 -36.09
C ASN C 52 41.23 46.17 -37.55
N LYS C 53 41.31 45.21 -38.47
CA LYS C 53 41.25 45.51 -39.88
C LYS C 53 39.88 45.61 -40.49
N TYR C 54 39.67 46.67 -41.25
CA TYR C 54 38.46 46.86 -42.05
C TYR C 54 38.74 46.24 -43.40
N SER C 55 37.95 45.28 -43.83
CA SER C 55 38.16 44.65 -45.12
C SER C 55 36.87 44.41 -45.87
N GLU C 56 36.10 45.48 -46.06
CA GLU C 56 34.90 45.42 -46.89
C GLU C 56 35.11 44.87 -48.29
N GLY C 57 34.19 44.00 -48.70
CA GLY C 57 34.25 43.36 -49.99
C GLY C 57 34.61 41.91 -49.82
N TYR C 58 35.35 41.37 -50.78
CA TYR C 58 35.73 39.94 -50.79
C TYR C 58 37.20 39.76 -51.16
N PRO C 59 37.76 38.54 -50.93
CA PRO C 59 39.17 38.24 -51.31
C PRO C 59 39.52 38.64 -52.75
N LYS C 60 40.58 39.44 -52.90
CA LYS C 60 41.02 39.92 -54.21
C LYS C 60 40.09 40.96 -54.82
N LYS C 61 39.06 41.36 -54.08
CA LYS C 61 38.11 42.41 -54.49
C LYS C 61 37.75 43.25 -53.27
N ARG C 62 38.79 43.57 -52.52
CA ARG C 62 38.69 44.39 -51.33
C ARG C 62 38.57 45.80 -51.76
N TYR C 63 37.82 46.58 -51.00
CA TYR C 63 37.78 48.01 -51.21
C TYR C 63 39.12 48.60 -50.86
N TYR C 64 39.70 48.15 -49.75
CA TYR C 64 40.99 48.67 -49.27
C TYR C 64 42.12 47.71 -49.53
N GLY C 65 43.34 48.23 -49.53
CA GLY C 65 44.54 47.41 -49.64
C GLY C 65 45.00 47.08 -48.24
N GLY C 66 46.14 46.42 -48.15
CA GLY C 66 46.66 45.99 -46.86
C GLY C 66 45.93 44.76 -46.33
N ASN C 67 45.23 44.08 -47.22
CA ASN C 67 44.42 42.92 -46.88
C ASN C 67 45.03 41.59 -47.38
N ASP C 68 46.34 41.57 -47.57
CA ASP C 68 47.02 40.38 -48.04
C ASP C 68 46.86 39.23 -47.07
N PHE C 69 47.17 39.48 -45.80
CA PHE C 69 47.03 38.47 -44.78
C PHE C 69 45.58 38.15 -44.41
N ILE C 70 44.71 39.16 -44.41
CA ILE C 70 43.24 38.96 -44.27
C ILE C 70 42.67 38.12 -45.40
N ASP C 71 43.08 38.43 -46.62
CA ASP C 71 42.64 37.65 -47.79
C ASP C 71 43.02 36.18 -47.66
N LYS C 72 44.21 35.89 -47.15
CA LYS C 72 44.63 34.51 -46.98
C LYS C 72 43.74 33.81 -45.95
N ILE C 73 43.42 34.51 -44.86
CA ILE C 73 42.58 33.93 -43.82
C ILE C 73 41.17 33.67 -44.32
N GLU C 74 40.59 34.61 -45.07
CA GLU C 74 39.25 34.38 -45.60
C GLU C 74 39.23 33.22 -46.57
N GLU C 75 40.27 33.09 -47.40
CA GLU C 75 40.38 31.98 -48.40
C GLU C 75 40.57 30.62 -47.74
N LEU C 76 41.42 30.61 -46.72
CA LEU C 76 41.64 29.40 -45.93
C LEU C 76 40.36 28.92 -45.22
N CYS C 77 39.52 29.86 -44.79
CA CYS C 77 38.26 29.54 -44.13
C CYS C 77 37.25 28.94 -45.09
N GLN C 78 37.15 29.53 -46.28
CA GLN C 78 36.17 29.04 -47.28
C GLN C 78 36.52 27.63 -47.79
N LYS C 79 37.81 27.38 -47.99
CA LYS C 79 38.28 26.09 -48.44
C LYS C 79 37.96 25.04 -47.36
N ARG C 80 38.43 25.32 -46.15
CA ARG C 80 38.22 24.42 -45.00
C ARG C 80 36.75 24.09 -44.76
N ALA C 81 35.88 25.03 -45.05
CA ALA C 81 34.43 24.84 -44.91
C ALA C 81 33.88 23.85 -45.91
N LEU C 82 34.29 24.06 -47.16
CA LEU C 82 33.84 23.23 -48.26
C LEU C 82 34.37 21.80 -48.10
N GLU C 83 35.63 21.67 -47.72
CA GLU C 83 36.20 20.37 -47.38
C GLU C 83 35.42 19.73 -46.24
N ALA C 84 35.12 20.53 -45.21
CA ALA C 84 34.43 20.03 -43.99
C ALA C 84 33.07 19.49 -44.31
N PHE C 85 32.36 20.18 -45.20
CA PHE C 85 31.01 19.75 -45.58
C PHE C 85 30.94 18.87 -46.83
N ASN C 86 32.10 18.30 -47.21
CA ASN C 86 32.17 17.30 -48.28
C ASN C 86 31.56 17.77 -49.60
N VAL C 87 31.98 18.94 -50.06
CA VAL C 87 31.49 19.49 -51.30
C VAL C 87 32.68 19.95 -52.13
N SER C 88 32.52 19.92 -53.45
CA SER C 88 33.54 20.36 -54.38
C SER C 88 33.45 21.87 -54.55
N ASP C 89 34.59 22.56 -54.52
CA ASP C 89 34.59 24.03 -54.67
C ASP C 89 34.15 24.51 -56.07
N GLU C 90 34.21 23.65 -57.07
CA GLU C 90 33.72 23.99 -58.42
C GLU C 90 32.20 23.95 -58.39
N GLU C 91 31.63 22.97 -57.69
CA GLU C 91 30.17 22.84 -57.52
C GLU C 91 29.51 23.75 -56.47
N TRP C 92 30.18 23.97 -55.34
CA TRP C 92 29.59 24.72 -54.21
C TRP C 92 30.42 25.94 -53.84
N GLY C 93 29.73 27.01 -53.49
CA GLY C 93 30.37 28.17 -52.92
C GLY C 93 29.93 28.41 -51.49
N VAL C 94 30.78 29.12 -50.75
CA VAL C 94 30.48 29.47 -49.38
C VAL C 94 30.83 30.90 -49.03
N ASN C 95 29.92 31.57 -48.33
CA ASN C 95 30.17 32.91 -47.75
C ASN C 95 30.43 32.85 -46.23
N VAL C 96 31.55 33.40 -45.80
CA VAL C 96 31.99 33.33 -44.41
C VAL C 96 31.84 34.65 -43.61
N GLN C 97 31.18 35.65 -44.18
CA GLN C 97 31.07 36.94 -43.51
C GLN C 97 29.88 37.10 -42.55
N PRO C 98 28.79 36.29 -42.68
CA PRO C 98 27.68 36.58 -41.75
C PRO C 98 28.05 36.48 -40.28
N LEU C 99 27.64 37.49 -39.53
CA LEU C 99 28.03 37.65 -38.13
C LEU C 99 27.35 36.66 -37.20
N SER C 100 26.17 36.21 -37.58
CA SER C 100 25.46 35.23 -36.80
C SER C 100 24.42 34.51 -37.66
N GLY C 101 23.85 33.44 -37.11
CA GLY C 101 22.94 32.63 -37.84
C GLY C 101 21.74 33.39 -38.38
N SER C 102 21.20 34.30 -37.58
CA SER C 102 20.01 35.05 -37.96
C SER C 102 20.31 35.98 -39.13
N ALA C 103 21.45 36.63 -39.07
CA ALA C 103 21.89 37.50 -40.15
C ALA C 103 22.05 36.72 -41.47
N ALA C 104 22.69 35.58 -41.37
CA ALA C 104 22.93 34.68 -42.48
C ALA C 104 21.66 34.16 -43.10
N ASN C 105 20.66 33.78 -42.31
CA ASN C 105 19.40 33.30 -42.88
C ASN C 105 18.69 34.41 -43.66
N VAL C 106 18.64 35.61 -43.08
CA VAL C 106 17.99 36.76 -43.70
C VAL C 106 18.67 37.21 -44.99
N GLN C 107 19.99 37.24 -44.96
CA GLN C 107 20.77 37.58 -46.12
C GLN C 107 20.51 36.55 -47.24
N ALA C 108 20.56 35.26 -46.90
CA ALA C 108 20.30 34.18 -47.87
C ALA C 108 18.89 34.22 -48.43
N LEU C 109 17.92 34.47 -47.56
CA LEU C 109 16.54 34.52 -48.01
C LEU C 109 16.36 35.66 -48.98
N TYR C 110 16.93 36.81 -48.65
CA TYR C 110 16.85 37.97 -49.50
C TYR C 110 17.47 37.72 -50.90
N ALA C 111 18.65 37.09 -50.92
CA ALA C 111 19.30 36.76 -52.17
C ALA C 111 18.38 35.96 -53.11
N LEU C 112 17.71 34.96 -52.56
CA LEU C 112 16.86 34.08 -53.35
C LEU C 112 15.53 34.67 -53.82
N VAL C 113 14.89 35.46 -52.97
CA VAL C 113 13.54 35.93 -53.22
C VAL C 113 13.30 37.42 -53.25
N GLY C 114 14.15 38.18 -52.56
CA GLY C 114 14.02 39.62 -52.51
C GLY C 114 12.85 40.07 -51.64
N VAL C 115 12.69 41.38 -51.55
CA VAL C 115 11.62 41.96 -50.76
C VAL C 115 10.30 41.57 -51.39
N LYS C 116 9.32 41.36 -50.51
CA LYS C 116 8.01 40.86 -50.88
C LYS C 116 8.04 39.39 -51.33
N GLY C 117 9.22 38.78 -51.37
CA GLY C 117 9.35 37.40 -51.81
C GLY C 117 8.58 36.44 -50.91
N LYS C 118 8.20 35.30 -51.47
CA LYS C 118 7.35 34.35 -50.77
C LYS C 118 8.20 33.21 -50.23
N ILE C 119 8.06 32.93 -48.93
CA ILE C 119 8.82 31.84 -48.29
C ILE C 119 7.92 30.95 -47.40
N MET C 120 8.30 29.71 -47.26
CA MET C 120 7.61 28.78 -46.41
C MET C 120 8.62 28.22 -45.44
N GLY C 121 8.25 28.19 -44.17
CA GLY C 121 9.09 27.59 -43.15
C GLY C 121 8.26 26.86 -42.09
N MET C 122 8.94 26.11 -41.23
CA MET C 122 8.27 25.49 -40.10
C MET C 122 7.97 26.54 -39.03
N HIS C 123 6.83 26.39 -38.37
CA HIS C 123 6.37 27.30 -37.32
C HIS C 123 7.31 27.22 -36.12
N LEU C 124 7.46 28.33 -35.40
CA LEU C 124 8.29 28.37 -34.21
C LEU C 124 7.85 27.33 -33.18
N CYS C 125 6.55 27.30 -32.89
CA CYS C 125 5.89 26.31 -32.00
C CYS C 125 6.05 24.82 -32.38
N SER C 126 6.28 24.53 -33.65
CA SER C 126 6.55 23.18 -34.13
C SER C 126 8.02 22.79 -34.20
N GLY C 127 8.91 23.75 -33.94
CA GLY C 127 10.35 23.51 -33.97
C GLY C 127 11.15 24.39 -34.95
N GLY C 128 10.47 25.28 -35.67
CA GLY C 128 11.14 26.17 -36.58
C GLY C 128 11.82 27.33 -35.89
N HIS C 129 12.79 27.94 -36.57
CA HIS C 129 13.41 29.16 -36.07
C HIS C 129 12.63 30.43 -36.36
N LEU C 130 12.99 31.49 -35.65
CA LEU C 130 12.39 32.82 -35.84
C LEU C 130 12.60 33.33 -37.26
N THR C 131 13.79 33.09 -37.80
CA THR C 131 14.20 33.51 -39.13
C THR C 131 13.62 32.63 -40.26
N HIS C 132 12.71 31.72 -39.94
CA HIS C 132 12.02 30.93 -40.95
C HIS C 132 10.62 31.47 -41.24
N GLY C 133 10.44 32.77 -41.08
CA GLY C 133 9.18 33.41 -41.41
C GLY C 133 8.18 33.56 -40.28
N PHE C 134 8.64 33.40 -39.04
CA PHE C 134 7.71 33.42 -37.92
C PHE C 134 6.96 34.73 -37.69
N PHE C 135 5.64 34.57 -37.53
CA PHE C 135 4.75 35.66 -37.18
C PHE C 135 3.62 35.13 -36.28
N ASP C 136 2.90 36.08 -35.69
CA ASP C 136 1.79 35.79 -34.80
C ASP C 136 0.64 36.68 -35.23
N GLU C 137 -0.58 36.31 -34.85
CA GLU C 137 -1.74 37.13 -35.20
C GLU C 137 -1.47 38.58 -34.85
N LYS C 138 -1.02 38.79 -33.61
CA LYS C 138 -0.74 40.13 -33.09
C LYS C 138 0.39 40.87 -33.82
N LYS C 139 1.44 40.16 -34.25
CA LYS C 139 2.57 40.83 -34.88
C LYS C 139 3.43 39.95 -35.81
N LYS C 140 4.06 40.61 -36.77
CA LYS C 140 5.11 40.01 -37.59
C LYS C 140 6.37 40.10 -36.76
N VAL C 141 6.59 39.04 -35.99
CA VAL C 141 7.66 38.94 -35.00
C VAL C 141 9.07 38.96 -35.61
N SER C 142 9.26 38.24 -36.70
CA SER C 142 10.55 38.21 -37.36
C SER C 142 10.49 39.09 -38.57
N ILE C 143 11.62 39.70 -38.90
CA ILE C 143 11.75 40.45 -40.14
C ILE C 143 11.42 39.53 -41.31
N THR C 144 11.71 38.24 -41.17
CA THR C 144 11.45 37.24 -42.22
C THR C 144 9.97 37.08 -42.56
N SER C 145 9.09 37.45 -41.65
CA SER C 145 7.66 37.46 -41.94
C SER C 145 7.17 38.82 -42.46
N ASP C 146 8.02 39.83 -42.42
CA ASP C 146 7.62 41.19 -42.76
C ASP C 146 8.19 41.69 -44.10
N MET C 147 9.48 41.48 -44.33
CA MET C 147 10.07 41.82 -45.60
C MET C 147 9.86 40.72 -46.64
N PHE C 148 9.31 39.60 -46.20
CA PHE C 148 8.94 38.48 -47.03
C PHE C 148 7.50 38.16 -46.67
N GLU C 149 6.84 37.38 -47.53
CA GLU C 149 5.48 36.89 -47.26
C GLU C 149 5.65 35.43 -46.92
N SER C 150 5.30 35.05 -45.70
CA SER C 150 5.58 33.70 -45.24
C SER C 150 4.37 32.93 -44.82
N LYS C 151 4.45 31.62 -45.02
CA LYS C 151 3.42 30.68 -44.65
C LYS C 151 4.13 29.68 -43.77
N LEU C 152 3.45 29.20 -42.75
CA LEU C 152 4.11 28.33 -41.79
C LEU C 152 3.43 26.99 -41.74
N TYR C 153 4.23 25.94 -41.79
CA TYR C 153 3.71 24.58 -41.75
C TYR C 153 4.00 23.90 -40.43
N LYS C 154 2.93 23.37 -39.84
CA LYS C 154 2.99 22.66 -38.57
C LYS C 154 3.40 21.24 -38.76
N CYS C 155 4.04 20.67 -37.74
CA CYS C 155 4.31 19.24 -37.71
C CYS C 155 3.07 18.57 -37.18
N ASN C 156 2.99 17.25 -37.26
CA ASN C 156 1.83 16.50 -36.76
C ASN C 156 1.78 16.34 -35.23
N SER C 157 0.69 15.74 -34.75
CA SER C 157 0.45 15.56 -33.32
C SER C 157 1.50 14.69 -32.64
N GLN C 158 2.14 13.80 -33.42
CA GLN C 158 3.22 12.98 -32.91
C GLN C 158 4.55 13.71 -32.93
N GLY C 159 4.55 14.95 -33.41
CA GLY C 159 5.77 15.77 -33.48
C GLY C 159 6.67 15.57 -34.70
N TYR C 160 6.15 14.96 -35.74
CA TYR C 160 6.92 14.72 -36.96
C TYR C 160 6.49 15.70 -38.06
N VAL C 161 7.44 16.13 -38.87
CA VAL C 161 7.15 16.93 -40.07
C VAL C 161 6.21 16.13 -40.96
N ASP C 162 5.14 16.75 -41.41
CA ASP C 162 4.15 16.07 -42.23
C ASP C 162 4.20 16.61 -43.66
N LEU C 163 4.77 15.83 -44.55
CA LEU C 163 5.04 16.24 -45.93
C LEU C 163 3.80 16.48 -46.76
N ASP C 164 2.74 15.71 -46.51
CA ASP C 164 1.46 15.95 -47.19
C ASP C 164 0.96 17.37 -46.97
N ALA C 165 1.03 17.82 -45.73
CA ALA C 165 0.63 19.19 -45.36
C ALA C 165 1.53 20.25 -46.00
N VAL C 166 2.83 19.95 -46.08
CA VAL C 166 3.81 20.83 -46.75
C VAL C 166 3.45 21.03 -48.23
N ARG C 167 3.15 19.92 -48.90
CA ARG C 167 2.71 19.88 -50.30
C ARG C 167 1.39 20.61 -50.50
N GLU C 168 0.42 20.31 -49.62
CA GLU C 168 -0.89 20.97 -49.63
C GLU C 168 -0.71 22.47 -49.58
N MET C 169 0.24 22.91 -48.75
CA MET C 169 0.55 24.32 -48.60
C MET C 169 1.37 24.87 -49.79
N ALA C 170 2.42 24.17 -50.19
CA ALA C 170 3.24 24.64 -51.30
C ALA C 170 2.49 24.85 -52.64
N LEU C 171 1.61 23.92 -53.02
CA LEU C 171 0.86 24.00 -54.28
C LEU C 171 -0.07 25.20 -54.33
N SER C 172 -0.76 25.49 -53.23
CA SER C 172 -1.62 26.67 -53.15
C SER C 172 -0.86 27.99 -52.92
N PHE C 173 0.04 28.01 -51.93
CA PHE C 173 0.84 29.21 -51.59
C PHE C 173 1.93 29.57 -52.62
N LYS C 174 2.57 28.56 -53.22
CA LYS C 174 3.50 28.75 -54.34
C LYS C 174 4.67 29.68 -53.99
N PRO C 175 5.46 29.29 -52.98
CA PRO C 175 6.56 30.18 -52.58
C PRO C 175 7.77 30.02 -53.46
N LYS C 176 8.62 31.03 -53.47
CA LYS C 176 9.95 30.92 -54.13
C LYS C 176 10.97 30.10 -53.30
N VAL C 177 10.78 29.97 -51.99
CA VAL C 177 11.69 29.14 -51.16
C VAL C 177 10.92 28.35 -50.12
N ILE C 178 11.41 27.14 -49.83
CA ILE C 178 10.89 26.33 -48.75
C ILE C 178 12.02 26.02 -47.82
N ILE C 179 11.87 26.32 -46.53
CA ILE C 179 12.95 26.10 -45.55
C ILE C 179 12.77 24.85 -44.69
N CYS C 180 13.84 24.08 -44.54
CA CYS C 180 13.86 22.94 -43.65
C CYS C 180 15.17 22.96 -42.90
N GLY C 181 15.27 22.15 -41.85
CA GLY C 181 16.35 22.25 -40.87
C GLY C 181 15.78 23.13 -39.77
N TYR C 182 15.87 22.68 -38.52
CA TYR C 182 15.09 23.29 -37.47
C TYR C 182 15.82 23.58 -36.16
N THR C 183 15.17 24.36 -35.29
CA THR C 183 15.81 24.74 -34.00
C THR C 183 15.62 23.71 -32.90
N SER C 184 14.43 23.11 -32.80
CA SER C 184 14.21 22.05 -31.82
C SER C 184 13.47 20.86 -32.39
N TYR C 185 14.06 20.25 -33.40
CA TYR C 185 13.48 19.10 -34.02
C TYR C 185 14.40 17.97 -33.67
N PRO C 186 13.87 16.97 -32.95
CA PRO C 186 14.65 15.81 -32.48
C PRO C 186 14.92 14.68 -33.50
N ARG C 187 14.36 14.78 -34.71
CA ARG C 187 14.53 13.77 -35.75
C ARG C 187 15.22 14.27 -37.02
N ASP C 188 15.73 13.32 -37.81
CA ASP C 188 16.37 13.63 -39.07
C ASP C 188 15.33 14.10 -40.13
N ILE C 189 15.85 14.67 -41.21
CA ILE C 189 15.03 15.29 -42.26
C ILE C 189 15.18 14.57 -43.61
N ASP C 190 14.05 14.41 -44.29
CA ASP C 190 14.04 13.80 -45.63
C ASP C 190 14.18 14.92 -46.67
N TYR C 191 15.43 15.25 -46.99
CA TYR C 191 15.73 16.34 -47.90
C TYR C 191 15.26 16.02 -49.30
N GLN C 192 15.43 14.77 -49.70
CA GLN C 192 14.97 14.28 -50.99
C GLN C 192 13.52 14.61 -51.20
N GLN C 193 12.72 14.28 -50.20
CA GLN C 193 11.31 14.55 -50.25
C GLN C 193 11.03 16.03 -50.37
N PHE C 194 11.85 16.86 -49.71
CA PHE C 194 11.71 18.30 -49.81
C PHE C 194 11.99 18.82 -51.22
N ARG C 195 13.08 18.33 -51.82
CA ARG C 195 13.48 18.66 -53.20
C ARG C 195 12.36 18.32 -54.21
N GLN C 196 11.72 17.19 -53.98
CA GLN C 196 10.58 16.72 -54.77
C GLN C 196 9.47 17.75 -54.76
N ILE C 197 9.14 18.26 -53.57
CA ILE C 197 8.10 19.29 -53.43
C ILE C 197 8.50 20.62 -54.06
N CYS C 198 9.75 21.00 -53.89
CA CYS C 198 10.23 22.28 -54.40
C CYS C 198 10.20 22.32 -55.92
N ASP C 199 10.61 21.21 -56.55
CA ASP C 199 10.55 21.03 -58.03
C ASP C 199 9.14 21.13 -58.59
N GLU C 200 8.18 20.60 -57.85
CA GLU C 200 6.79 20.56 -58.27
C GLU C 200 6.18 21.95 -58.32
N VAL C 201 6.70 22.85 -57.50
CA VAL C 201 6.24 24.25 -57.42
C VAL C 201 7.29 25.27 -57.92
N ASN C 202 8.46 24.79 -58.32
CA ASN C 202 9.55 25.63 -58.81
C ASN C 202 10.14 26.58 -57.75
N ALA C 203 10.28 26.05 -56.53
CA ALA C 203 10.83 26.82 -55.39
C ALA C 203 12.24 26.37 -55.05
N TYR C 204 13.05 27.27 -54.48
CA TYR C 204 14.39 26.91 -53.99
C TYR C 204 14.31 26.01 -52.73
N LEU C 205 15.33 25.18 -52.54
CA LEU C 205 15.42 24.36 -51.32
C LEU C 205 16.46 24.96 -50.38
N PHE C 206 16.00 25.33 -49.18
CA PHE C 206 16.84 25.97 -48.15
C PHE C 206 16.88 25.02 -46.98
N ALA C 207 18.09 24.62 -46.64
CA ALA C 207 18.34 23.79 -45.49
C ALA C 207 19.15 24.55 -44.46
N ASP C 208 18.61 24.70 -43.25
CA ASP C 208 19.32 25.34 -42.13
C ASP C 208 19.73 24.22 -41.17
N ILE C 209 21.02 23.93 -41.14
CA ILE C 209 21.57 22.79 -40.38
C ILE C 209 22.43 23.18 -39.16
N SER C 210 22.18 24.37 -38.58
CA SER C 210 22.92 24.86 -37.41
C SER C 210 22.98 23.92 -36.22
N HIS C 211 21.83 23.35 -35.88
CA HIS C 211 21.76 22.34 -34.82
C HIS C 211 22.47 21.01 -35.09
N ILE C 212 22.44 20.60 -36.34
CA ILE C 212 22.94 19.27 -36.74
C ILE C 212 24.17 19.30 -37.64
N SER C 213 24.84 20.44 -37.72
CA SER C 213 25.87 20.63 -38.74
C SER C 213 26.95 19.58 -38.67
N SER C 214 27.39 19.29 -37.46
CA SER C 214 28.39 18.26 -37.20
C SER C 214 27.98 16.89 -37.72
N PHE C 215 26.69 16.57 -37.62
CA PHE C 215 26.21 15.28 -38.09
C PHE C 215 26.29 15.17 -39.60
N VAL C 216 26.04 16.29 -40.27
CA VAL C 216 26.06 16.36 -41.71
C VAL C 216 27.50 16.30 -42.20
N ALA C 217 28.36 17.04 -41.55
CA ALA C 217 29.76 17.06 -41.92
C ALA C 217 30.41 15.71 -41.83
N CYS C 218 30.09 14.96 -40.78
CA CYS C 218 30.71 13.66 -40.56
C CYS C 218 29.88 12.52 -41.09
N ASN C 219 28.86 12.83 -41.89
CA ASN C 219 28.04 11.83 -42.59
C ASN C 219 27.35 10.80 -41.70
N ILE C 220 26.92 11.24 -40.52
CA ILE C 220 26.17 10.41 -39.61
C ILE C 220 24.69 10.56 -39.89
N LEU C 221 24.29 11.68 -40.48
CA LEU C 221 22.90 11.94 -40.81
C LEU C 221 22.73 12.27 -42.28
N ASN C 222 21.47 12.36 -42.72
CA ASN C 222 21.14 12.73 -44.08
C ASN C 222 21.84 14.00 -44.50
N ASN C 223 22.26 14.01 -45.77
CA ASN C 223 23.05 15.08 -46.34
C ASN C 223 22.18 15.98 -47.17
N PRO C 224 22.02 17.25 -46.74
CA PRO C 224 21.16 18.09 -47.56
C PRO C 224 21.90 18.68 -48.79
N PHE C 225 23.22 18.56 -48.84
CA PHE C 225 24.02 19.06 -49.96
C PHE C 225 23.69 18.33 -51.26
N LEU C 226 23.17 17.10 -51.15
CA LEU C 226 22.71 16.32 -52.27
C LEU C 226 21.48 16.92 -52.97
N HIS C 227 20.62 17.59 -52.22
CA HIS C 227 19.36 18.09 -52.73
C HIS C 227 19.12 19.59 -52.59
N ALA C 228 19.89 20.30 -51.77
CA ALA C 228 19.58 21.70 -51.50
C ALA C 228 20.31 22.71 -52.38
N ASP C 229 19.59 23.76 -52.76
CA ASP C 229 20.19 24.94 -53.38
C ASP C 229 21.02 25.78 -52.41
N VAL C 230 20.49 25.98 -51.19
CA VAL C 230 21.23 26.73 -50.15
C VAL C 230 21.28 26.02 -48.81
N VAL C 231 22.46 25.98 -48.22
CA VAL C 231 22.62 25.46 -46.89
C VAL C 231 23.22 26.54 -46.00
N THR C 232 22.56 26.83 -44.89
CA THR C 232 23.11 27.72 -43.86
C THR C 232 23.39 26.97 -42.59
N THR C 233 24.38 27.46 -41.85
CA THR C 233 24.66 26.94 -40.52
C THR C 233 25.42 27.96 -39.64
N THR C 234 25.16 27.91 -38.34
CA THR C 234 25.94 28.69 -37.40
C THR C 234 27.12 27.85 -37.05
N THR C 235 28.16 28.45 -36.48
CA THR C 235 29.36 27.67 -36.13
C THR C 235 29.56 27.47 -34.61
N HIS C 236 28.65 28.02 -33.79
CA HIS C 236 28.83 28.03 -32.32
C HIS C 236 28.11 26.91 -31.57
N LYS C 237 27.28 26.12 -32.24
CA LYS C 237 26.54 25.07 -31.57
C LYS C 237 27.32 23.74 -31.59
N ILE C 238 26.75 22.69 -32.17
CA ILE C 238 27.40 21.37 -32.21
C ILE C 238 28.76 21.41 -32.91
N LEU C 239 28.90 22.32 -33.87
CA LEU C 239 30.16 22.54 -34.57
C LEU C 239 31.32 22.99 -33.68
N ARG C 240 31.01 23.71 -32.60
CA ARG C 240 31.99 24.10 -31.59
C ARG C 240 32.88 25.30 -32.03
N GLY C 241 32.43 26.05 -33.02
CA GLY C 241 33.17 27.24 -33.49
C GLY C 241 32.83 28.45 -32.68
N PRO C 242 33.23 29.64 -33.16
CA PRO C 242 32.75 30.83 -32.44
C PRO C 242 31.34 31.16 -32.91
N ARG C 243 30.83 32.29 -32.44
CA ARG C 243 29.51 32.71 -32.87
C ARG C 243 29.62 33.35 -34.25
N SER C 244 29.23 32.61 -35.26
CA SER C 244 29.28 33.07 -36.65
C SER C 244 28.39 32.20 -37.50
N ALA C 245 28.31 32.53 -38.76
CA ALA C 245 27.51 31.76 -39.68
C ALA C 245 28.19 31.59 -41.05
N LEU C 246 27.73 30.54 -41.74
CA LEU C 246 28.23 30.13 -43.07
C LEU C 246 27.05 29.99 -43.98
N ILE C 247 27.16 30.51 -45.18
CA ILE C 247 26.13 30.32 -46.20
C ILE C 247 26.71 29.55 -47.39
N PHE C 248 26.09 28.40 -47.69
CA PHE C 248 26.48 27.55 -48.80
C PHE C 248 25.50 27.71 -49.95
N PHE C 249 26.02 27.74 -51.18
CA PHE C 249 25.16 27.84 -52.36
C PHE C 249 25.57 26.85 -53.47
N ASN C 250 24.58 26.23 -54.08
CA ASN C 250 24.85 25.26 -55.16
C ASN C 250 24.94 26.01 -56.50
N LYS C 251 26.16 26.27 -56.92
CA LYS C 251 26.43 26.94 -58.20
C LYS C 251 25.99 26.12 -59.42
N LYS C 252 26.25 24.81 -59.36
CA LYS C 252 25.87 23.84 -60.42
C LYS C 252 24.38 23.82 -60.68
N ARG C 253 23.59 23.86 -59.63
CA ARG C 253 22.14 23.83 -59.76
C ARG C 253 21.63 25.19 -60.24
N ASN C 254 22.24 26.27 -59.74
CA ASN C 254 21.82 27.64 -60.10
C ASN C 254 23.02 28.52 -60.36
N PRO C 255 23.38 28.72 -61.64
CA PRO C 255 24.50 29.62 -61.89
C PRO C 255 24.11 31.08 -61.61
N GLY C 256 25.09 31.89 -61.24
CA GLY C 256 24.81 33.27 -60.86
C GLY C 256 24.22 33.47 -59.46
N ILE C 257 24.10 32.38 -58.69
CA ILE C 257 23.68 32.46 -57.29
C ILE C 257 24.79 33.07 -56.44
N GLU C 258 26.04 32.80 -56.82
CA GLU C 258 27.20 33.27 -56.08
C GLU C 258 27.18 34.76 -55.82
N GLN C 259 26.89 35.52 -56.87
CA GLN C 259 26.85 36.96 -56.79
C GLN C 259 25.68 37.44 -55.94
N LYS C 260 24.51 36.83 -56.12
CA LYS C 260 23.32 37.18 -55.37
C LYS C 260 23.49 36.99 -53.87
N ILE C 261 24.06 35.86 -53.49
CA ILE C 261 24.38 35.58 -52.09
C ILE C 261 25.45 36.53 -51.57
N ASN C 262 26.51 36.70 -52.34
CA ASN C 262 27.61 37.53 -51.91
C ASN C 262 27.24 38.98 -51.77
N SER C 263 26.41 39.48 -52.70
CA SER C 263 25.97 40.86 -52.70
C SER C 263 24.96 41.11 -51.57
N ALA C 264 24.13 40.12 -51.26
CA ALA C 264 23.24 40.17 -50.14
C ALA C 264 23.98 40.30 -48.80
N VAL C 265 25.06 39.56 -48.61
CA VAL C 265 25.82 39.70 -47.37
C VAL C 265 26.48 41.08 -47.35
N PHE C 266 27.18 41.42 -48.42
CA PHE C 266 27.75 42.77 -48.60
C PHE C 266 27.67 43.20 -50.05
N PRO C 267 27.24 44.44 -50.36
CA PRO C 267 26.94 45.46 -49.34
C PRO C 267 25.48 45.62 -48.96
N SER C 268 24.63 44.66 -49.31
CA SER C 268 23.21 44.80 -49.02
C SER C 268 22.88 44.95 -47.53
N PHE C 269 23.46 44.09 -46.68
CA PHE C 269 23.12 44.00 -45.27
C PHE C 269 24.24 44.39 -44.33
N GLN C 270 25.41 43.84 -44.54
CA GLN C 270 26.54 44.07 -43.65
C GLN C 270 27.56 45.05 -44.23
N GLY C 271 28.44 45.53 -43.36
CA GLY C 271 29.60 46.33 -43.73
C GLY C 271 30.87 45.49 -43.57
N GLY C 272 31.78 45.99 -42.76
CA GLY C 272 33.09 45.35 -42.59
C GLY C 272 32.92 43.99 -41.97
N PRO C 273 33.66 42.97 -42.47
CA PRO C 273 33.63 41.67 -41.80
C PRO C 273 34.37 41.72 -40.49
N HIS C 274 34.16 40.71 -39.67
CA HIS C 274 34.83 40.61 -38.39
C HIS C 274 35.90 39.54 -38.53
N ASN C 275 37.12 39.98 -38.78
CA ASN C 275 38.19 39.05 -39.14
C ASN C 275 38.58 38.07 -38.07
N ASN C 276 38.47 38.48 -36.80
CA ASN C 276 38.63 37.57 -35.67
C ASN C 276 37.61 36.41 -35.69
N LYS C 277 36.39 36.69 -36.08
CA LYS C 277 35.40 35.62 -36.25
C LYS C 277 35.85 34.63 -37.32
N ILE C 278 36.24 35.16 -38.47
CA ILE C 278 36.66 34.37 -39.61
C ILE C 278 37.90 33.50 -39.25
N ALA C 279 38.88 34.12 -38.60
CA ALA C 279 40.05 33.39 -38.11
C ALA C 279 39.62 32.25 -37.17
N ALA C 280 38.70 32.55 -36.24
CA ALA C 280 38.22 31.55 -35.31
C ALA C 280 37.51 30.40 -36.01
N VAL C 281 36.74 30.73 -37.03
CA VAL C 281 36.02 29.73 -37.75
C VAL C 281 36.98 28.79 -38.45
N ALA C 282 37.99 29.34 -39.11
CA ALA C 282 38.97 28.53 -39.84
C ALA C 282 39.61 27.52 -38.90
N CYS C 283 39.95 27.97 -37.71
CA CYS C 283 40.58 27.13 -36.69
C CYS C 283 39.73 25.95 -36.29
N GLN C 284 38.43 26.16 -36.17
CA GLN C 284 37.53 25.08 -35.82
C GLN C 284 37.30 24.15 -36.98
N LEU C 285 37.20 24.70 -38.18
CA LEU C 285 36.98 23.92 -39.37
C LEU C 285 38.08 22.88 -39.61
N LYS C 286 39.33 23.20 -39.22
CA LYS C 286 40.39 22.25 -39.32
C LYS C 286 40.08 21.09 -38.39
N GLU C 287 39.75 21.40 -37.14
CA GLU C 287 39.35 20.38 -36.17
C GLU C 287 38.12 19.58 -36.63
N VAL C 288 37.13 20.25 -37.22
CA VAL C 288 35.95 19.53 -37.66
C VAL C 288 36.36 18.45 -38.61
N HIS C 289 37.34 18.75 -39.47
CA HIS C 289 37.82 17.78 -40.46
C HIS C 289 39.02 16.98 -39.94
N SER C 290 38.82 16.29 -38.84
CA SER C 290 39.82 15.42 -38.27
C SER C 290 39.01 14.21 -37.86
N PRO C 291 39.63 13.03 -37.81
CA PRO C 291 38.82 11.87 -37.42
C PRO C 291 38.41 11.92 -35.93
N ALA C 292 39.20 12.63 -35.12
CA ALA C 292 38.89 12.82 -33.71
C ALA C 292 37.56 13.54 -33.50
N PHE C 293 37.26 14.55 -34.33
CA PHE C 293 36.02 15.30 -34.17
C PHE C 293 34.82 14.43 -34.49
N LYS C 294 34.99 13.54 -35.48
CA LYS C 294 33.95 12.55 -35.84
C LYS C 294 33.62 11.67 -34.65
N GLU C 295 34.67 11.27 -33.93
CA GLU C 295 34.49 10.50 -32.70
C GLU C 295 33.63 11.27 -31.67
N TYR C 296 33.94 12.55 -31.49
CA TYR C 296 33.18 13.40 -30.58
C TYR C 296 31.71 13.49 -31.00
N THR C 297 31.49 13.73 -32.29
CA THR C 297 30.12 13.80 -32.83
C THR C 297 29.36 12.49 -32.62
N GLN C 298 30.05 11.37 -32.80
CA GLN C 298 29.48 10.04 -32.53
C GLN C 298 29.09 9.98 -31.06
N GLN C 299 29.98 10.42 -30.19
CA GLN C 299 29.71 10.42 -28.76
C GLN C 299 28.46 11.24 -28.39
N VAL C 300 28.26 12.37 -29.07
CA VAL C 300 27.10 13.23 -28.82
C VAL C 300 25.81 12.43 -29.10
N LEU C 301 25.82 11.69 -30.19
CA LEU C 301 24.63 10.90 -30.56
C LEU C 301 24.42 9.74 -29.58
N LEU C 302 25.50 9.07 -29.20
CA LEU C 302 25.42 7.95 -28.25
C LEU C 302 24.85 8.42 -26.93
N ASN C 303 25.36 9.56 -26.43
CA ASN C 303 24.87 10.17 -25.21
C ASN C 303 23.41 10.55 -25.27
N SER C 304 23.01 11.08 -26.42
CA SER C 304 21.65 11.51 -26.61
C SER C 304 20.66 10.34 -26.64
N LYS C 305 21.05 9.23 -27.25
CA LYS C 305 20.22 8.03 -27.33
C LYS C 305 20.07 7.49 -25.90
N ALA C 306 21.21 7.37 -25.21
CA ALA C 306 21.24 6.89 -23.84
C ALA C 306 20.42 7.78 -22.93
N LEU C 307 20.48 9.11 -23.12
CA LEU C 307 19.72 10.03 -22.30
C LEU C 307 18.24 9.84 -22.56
N ALA C 308 17.86 9.68 -23.82
CA ALA C 308 16.47 9.45 -24.15
C ALA C 308 15.93 8.17 -23.52
N LYS C 309 16.70 7.11 -23.66
CA LYS C 309 16.34 5.80 -23.13
C LYS C 309 16.24 5.82 -21.60
N ALA C 310 17.18 6.49 -20.93
CA ALA C 310 17.12 6.60 -19.48
C ALA C 310 15.89 7.41 -19.04
N LEU C 311 15.56 8.46 -19.77
CA LEU C 311 14.36 9.25 -19.44
C LEU C 311 13.12 8.38 -19.57
N ILE C 312 13.08 7.55 -20.59
CA ILE C 312 11.97 6.62 -20.80
C ILE C 312 11.87 5.57 -19.70
N SER C 313 12.99 4.97 -19.30
CA SER C 313 12.99 4.03 -18.17
C SER C 313 12.42 4.59 -16.85
N LYS C 314 12.52 5.92 -16.68
CA LYS C 314 11.93 6.68 -15.57
C LYS C 314 10.55 7.21 -15.91
N GLN C 315 9.91 6.64 -16.93
CA GLN C 315 8.55 7.00 -17.31
C GLN C 315 8.34 8.43 -17.75
N ILE C 316 9.31 8.99 -18.46
CA ILE C 316 9.19 10.35 -18.98
C ILE C 316 9.00 10.29 -20.50
N ASP C 317 7.96 10.97 -20.97
CA ASP C 317 7.63 11.07 -22.38
C ASP C 317 8.50 12.04 -23.19
N LEU C 318 8.97 11.56 -24.35
CA LEU C 318 9.75 12.35 -25.27
C LEU C 318 8.97 12.55 -26.57
N VAL C 319 9.05 13.76 -27.12
CA VAL C 319 8.35 14.06 -28.37
C VAL C 319 8.97 13.22 -29.49
N THR C 320 8.10 12.55 -30.26
CA THR C 320 8.48 11.52 -31.23
C THR C 320 9.06 10.27 -30.56
N ASN C 321 8.96 10.19 -29.24
CA ASN C 321 9.46 9.07 -28.44
C ASN C 321 10.92 8.70 -28.60
N GLY C 322 11.76 9.68 -28.88
CA GLY C 322 13.17 9.39 -29.06
C GLY C 322 13.88 10.46 -29.84
N THR C 323 15.11 10.14 -30.18
CA THR C 323 15.90 11.06 -30.95
C THR C 323 16.76 10.40 -32.04
N ASP C 324 16.95 11.15 -33.13
CA ASP C 324 17.92 10.78 -34.15
C ASP C 324 19.14 11.63 -34.07
N ASN C 325 19.19 12.52 -33.09
CA ASN C 325 20.29 13.44 -32.99
C ASN C 325 20.70 13.78 -31.57
N HIS C 326 21.35 14.93 -31.43
CA HIS C 326 21.84 15.55 -30.21
C HIS C 326 20.78 16.07 -29.23
N LEU C 327 19.52 16.20 -29.67
CA LEU C 327 18.53 16.86 -28.85
C LEU C 327 17.26 16.07 -28.57
N ILE C 328 16.68 16.33 -27.42
CA ILE C 328 15.46 15.67 -26.97
C ILE C 328 14.50 16.76 -26.58
N VAL C 329 13.21 16.52 -26.69
CA VAL C 329 12.22 17.44 -26.13
C VAL C 329 11.36 16.61 -25.21
N VAL C 330 11.22 17.04 -23.97
CA VAL C 330 10.42 16.33 -22.99
C VAL C 330 9.02 16.89 -22.93
N ASP C 331 8.04 16.01 -23.10
CA ASP C 331 6.64 16.38 -22.96
C ASP C 331 6.29 16.21 -21.49
N LEU C 332 5.92 17.31 -20.82
CA LEU C 332 5.65 17.27 -19.38
C LEU C 332 4.17 17.28 -19.00
N ARG C 333 3.27 17.08 -19.97
CA ARG C 333 1.83 17.18 -19.67
C ARG C 333 1.36 16.19 -18.59
N LYS C 334 1.94 14.99 -18.54
CA LYS C 334 1.51 13.96 -17.58
C LYS C 334 1.77 14.32 -16.12
N PHE C 335 2.66 15.29 -15.91
CA PHE C 335 3.01 15.77 -14.59
C PHE C 335 2.29 17.05 -14.23
N SER C 336 1.52 17.61 -15.15
CA SER C 336 0.78 18.85 -14.93
C SER C 336 1.66 20.01 -14.45
N ILE C 337 2.86 20.08 -15.00
CA ILE C 337 3.78 21.17 -14.73
C ILE C 337 4.21 21.76 -16.08
N THR C 338 4.49 23.06 -16.08
CA THR C 338 4.89 23.76 -17.30
C THR C 338 6.39 23.67 -17.48
N GLY C 339 6.85 23.97 -18.69
CA GLY C 339 8.28 24.01 -18.97
C GLY C 339 8.97 25.12 -18.20
N SER C 340 8.29 26.26 -18.03
CA SER C 340 8.83 27.43 -17.31
C SER C 340 9.12 27.06 -15.87
N LYS C 341 8.22 26.30 -15.26
CA LYS C 341 8.44 25.84 -13.89
C LYS C 341 9.69 24.93 -13.77
N LEU C 342 9.83 23.97 -14.69
CA LEU C 342 10.99 23.09 -14.66
C LEU C 342 12.29 23.83 -14.94
N GLN C 343 12.26 24.79 -15.86
CA GLN C 343 13.44 25.63 -16.11
C GLN C 343 13.86 26.38 -14.82
N GLU C 344 12.91 27.03 -14.17
CA GLU C 344 13.21 27.74 -12.91
C GLU C 344 13.81 26.76 -11.91
N THR C 345 13.19 25.60 -11.76
CA THR C 345 13.71 24.58 -10.85
C THR C 345 15.12 24.15 -11.22
N CYS C 346 15.38 24.00 -12.51
CA CYS C 346 16.69 23.54 -12.96
C CYS C 346 17.80 24.60 -12.75
N ASN C 347 17.45 25.87 -12.93
CA ASN C 347 18.37 26.98 -12.62
C ASN C 347 18.79 26.91 -11.17
N ALA C 348 17.84 26.64 -10.29
CA ALA C 348 18.12 26.51 -8.86
C ALA C 348 19.12 25.40 -8.56
N ILE C 349 19.13 24.35 -9.38
CA ILE C 349 20.05 23.23 -9.19
C ILE C 349 21.24 23.24 -10.15
N ASN C 350 21.47 24.39 -10.79
CA ASN C 350 22.54 24.55 -11.78
C ASN C 350 22.47 23.59 -12.99
N VAL C 351 21.25 23.34 -13.46
CA VAL C 351 21.06 22.53 -14.65
C VAL C 351 20.53 23.49 -15.71
N SER C 352 21.27 23.61 -16.80
CA SER C 352 20.86 24.51 -17.88
C SER C 352 20.02 23.80 -18.93
N LEU C 353 18.79 24.27 -19.09
CA LEU C 353 17.91 23.80 -20.13
C LEU C 353 16.90 24.91 -20.47
N ASN C 354 16.10 24.72 -21.53
CA ASN C 354 15.14 25.74 -21.92
C ASN C 354 13.75 25.20 -22.10
N LYS C 355 12.78 26.00 -21.72
CA LYS C 355 11.38 25.70 -21.99
C LYS C 355 11.18 25.61 -23.51
N ASN C 356 10.25 24.74 -23.92
CA ASN C 356 10.03 24.48 -25.32
C ASN C 356 8.58 24.12 -25.57
N THR C 357 8.08 24.45 -26.75
CA THR C 357 6.73 24.05 -27.13
C THR C 357 6.63 22.56 -27.49
N ILE C 358 5.41 22.03 -27.48
CA ILE C 358 5.12 20.68 -27.93
C ILE C 358 3.92 20.74 -28.88
N PRO C 359 3.65 19.65 -29.63
CA PRO C 359 2.58 19.75 -30.62
C PRO C 359 1.23 20.16 -30.07
N SER C 360 0.86 19.66 -28.89
CA SER C 360 -0.43 20.04 -28.31
C SER C 360 -0.49 21.55 -27.93
N ASP C 361 0.66 22.19 -27.66
CA ASP C 361 0.64 23.61 -27.27
C ASP C 361 0.14 24.52 -28.40
N VAL C 362 -0.80 25.40 -28.05
CA VAL C 362 -1.43 26.31 -28.99
C VAL C 362 -0.72 27.68 -28.98
N ASP C 363 -0.43 28.18 -27.78
CA ASP C 363 0.24 29.47 -27.59
C ASP C 363 1.63 29.24 -26.98
N CYS C 364 2.61 30.03 -27.46
CA CYS C 364 3.99 29.99 -26.95
C CYS C 364 4.16 30.33 -25.47
N VAL C 365 3.27 31.13 -24.91
CA VAL C 365 3.21 31.33 -23.45
C VAL C 365 2.68 30.03 -22.83
N SER C 366 3.32 29.62 -21.74
CA SER C 366 3.02 28.34 -21.08
C SER C 366 3.34 27.08 -21.94
N PRO C 367 4.54 26.99 -22.53
CA PRO C 367 4.88 25.75 -23.24
C PRO C 367 5.01 24.53 -22.30
N SER C 368 4.64 23.35 -22.80
CA SER C 368 4.55 22.14 -22.01
C SER C 368 5.78 21.24 -22.06
N GLY C 369 6.92 21.75 -22.55
CA GLY C 369 8.08 20.92 -22.61
C GLY C 369 9.36 21.63 -22.26
N VAL C 370 10.43 20.85 -22.24
CA VAL C 370 11.76 21.39 -22.09
C VAL C 370 12.59 20.73 -23.17
N ARG C 371 13.60 21.43 -23.65
CA ARG C 371 14.49 20.89 -24.62
C ARG C 371 15.85 20.72 -23.97
N ILE C 372 16.46 19.56 -24.21
CA ILE C 372 17.78 19.24 -23.73
C ILE C 372 18.66 18.77 -24.90
N GLY C 373 19.97 18.89 -24.74
CA GLY C 373 20.89 18.43 -25.73
C GLY C 373 22.17 18.00 -25.08
N THR C 374 22.91 17.14 -25.78
CA THR C 374 24.15 16.57 -25.24
C THR C 374 25.47 17.16 -25.70
N PRO C 375 25.49 18.11 -26.66
CA PRO C 375 26.84 18.51 -27.11
C PRO C 375 27.73 19.15 -26.06
N ALA C 376 27.20 20.03 -25.22
CA ALA C 376 28.06 20.65 -24.22
C ALA C 376 28.65 19.60 -23.23
N MET C 377 27.81 18.70 -22.72
CA MET C 377 28.27 17.70 -21.76
C MET C 377 29.17 16.64 -22.39
N THR C 378 28.96 16.39 -23.68
CA THR C 378 29.85 15.52 -24.43
C THR C 378 31.21 16.17 -24.58
N THR C 379 31.21 17.50 -24.70
CA THR C 379 32.47 18.24 -24.73
C THR C 379 33.23 18.16 -23.38
N ARG C 380 32.51 18.14 -22.28
CA ARG C 380 33.12 17.99 -20.95
C ARG C 380 33.65 16.54 -20.70
N GLY C 381 33.29 15.59 -21.56
CA GLY C 381 33.81 14.22 -21.46
C GLY C 381 32.84 13.22 -20.86
N ALA C 382 31.58 13.59 -20.67
CA ALA C 382 30.56 12.66 -20.18
C ALA C 382 30.31 11.55 -21.23
N LYS C 383 30.15 10.32 -20.76
CA LYS C 383 29.94 9.16 -21.60
C LYS C 383 28.54 8.61 -21.38
N GLU C 384 28.23 7.50 -22.03
CA GLU C 384 26.88 6.92 -21.92
C GLU C 384 26.46 6.59 -20.50
N LYS C 385 27.43 6.07 -19.73
CA LYS C 385 27.27 5.75 -18.31
C LYS C 385 26.72 6.93 -17.52
N ASP C 386 27.18 8.14 -17.87
CA ASP C 386 26.83 9.38 -17.19
C ASP C 386 25.43 9.92 -17.43
N MET C 387 24.74 9.40 -18.44
CA MET C 387 23.42 9.89 -18.78
C MET C 387 22.34 9.47 -17.80
N GLU C 388 22.47 8.31 -17.18
CA GLU C 388 21.46 7.89 -16.18
C GLU C 388 21.40 8.90 -15.02
N PHE C 389 22.57 9.35 -14.58
CA PHE C 389 22.69 10.37 -13.55
C PHE C 389 22.04 11.68 -13.98
N ILE C 390 22.23 12.07 -15.24
CA ILE C 390 21.56 13.27 -15.76
C ILE C 390 20.05 13.07 -15.81
N ALA C 391 19.62 11.91 -16.28
CA ALA C 391 18.22 11.58 -16.30
C ALA C 391 17.67 11.54 -14.88
N ASP C 392 18.45 10.96 -13.97
CA ASP C 392 18.13 10.90 -12.57
C ASP C 392 17.95 12.29 -11.99
N VAL C 393 18.91 13.16 -12.24
CA VAL C 393 18.77 14.54 -11.78
C VAL C 393 17.51 15.21 -12.31
N LEU C 394 17.21 15.00 -13.59
CA LEU C 394 16.00 15.62 -14.20
C LEU C 394 14.71 15.08 -13.64
N ALA C 395 14.65 13.78 -13.39
CA ALA C 395 13.48 13.15 -12.75
C ALA C 395 13.21 13.74 -11.33
N ARG C 396 14.28 13.85 -10.54
CA ARG C 396 14.21 14.44 -9.21
C ARG C 396 13.74 15.89 -9.30
N ALA C 397 14.26 16.64 -10.27
CA ALA C 397 13.86 18.03 -10.46
C ALA C 397 12.39 18.13 -10.84
N ILE C 398 11.93 17.20 -11.67
CA ILE C 398 10.51 17.14 -12.01
C ILE C 398 9.66 16.84 -10.78
N LYS C 399 10.09 15.86 -9.98
CA LYS C 399 9.35 15.55 -8.76
C LYS C 399 9.29 16.76 -7.78
N ILE C 400 10.44 17.42 -7.58
CA ILE C 400 10.50 18.62 -6.74
C ILE C 400 9.56 19.70 -7.24
N THR C 401 9.52 19.89 -8.55
CA THR C 401 8.65 20.87 -9.17
C THR C 401 7.18 20.56 -8.91
N VAL C 402 6.81 19.29 -8.94
CA VAL C 402 5.41 18.92 -8.69
C VAL C 402 5.04 19.22 -7.22
N ASP C 403 5.95 18.85 -6.32
CA ASP C 403 5.83 19.09 -4.89
C ASP C 403 5.74 20.57 -4.55
N LEU C 404 6.60 21.40 -5.16
CA LEU C 404 6.55 22.85 -4.97
C LEU C 404 5.24 23.45 -5.52
N GLN C 405 4.78 22.93 -6.66
CA GLN C 405 3.53 23.37 -7.24
C GLN C 405 2.29 22.99 -6.40
N GLU C 406 2.33 21.81 -5.80
CA GLU C 406 1.32 21.37 -4.86
C GLU C 406 1.30 22.33 -3.67
N GLN C 407 2.47 22.64 -3.14
CA GLN C 407 2.58 23.53 -1.98
C GLN C 407 2.22 25.00 -2.23
N TYR C 408 2.78 25.61 -3.28
CA TYR C 408 2.52 27.05 -3.52
C TYR C 408 1.53 27.38 -4.63
N GLY C 409 1.06 26.38 -5.37
CA GLY C 409 0.11 26.61 -6.47
C GLY C 409 0.75 26.82 -7.84
N LYS C 410 -0.12 26.80 -8.85
CA LYS C 410 0.26 26.91 -10.29
C LYS C 410 0.70 28.29 -10.82
N LYS C 411 0.24 29.38 -10.22
CA LYS C 411 0.65 30.71 -10.67
C LYS C 411 2.17 30.78 -10.57
N LEU C 412 2.80 31.33 -11.62
CA LEU C 412 4.26 31.32 -11.70
C LEU C 412 4.92 32.10 -10.57
N VAL C 413 4.43 33.29 -10.28
CA VAL C 413 4.99 34.09 -9.17
C VAL C 413 4.89 33.34 -7.84
N ASP C 414 3.72 32.77 -7.55
CA ASP C 414 3.48 31.98 -6.34
C ASP C 414 4.45 30.78 -6.28
N PHE C 415 4.58 30.04 -7.39
CA PHE C 415 5.47 28.87 -7.49
C PHE C 415 6.93 29.15 -7.15
N LYS C 416 7.47 30.25 -7.69
CA LYS C 416 8.89 30.60 -7.44
C LYS C 416 9.18 30.90 -5.98
N LYS C 417 8.18 31.35 -5.22
CA LYS C 417 8.37 31.64 -3.79
C LYS C 417 8.86 30.42 -3.05
N GLY C 418 8.40 29.24 -3.48
CA GLY C 418 8.83 27.98 -2.89
C GLY C 418 10.29 27.64 -3.08
N LEU C 419 10.89 28.14 -4.17
CA LEU C 419 12.25 27.75 -4.57
C LEU C 419 13.41 28.17 -3.68
N PRO C 420 13.44 29.45 -3.26
CA PRO C 420 14.64 29.83 -2.48
C PRO C 420 14.69 29.18 -1.09
N GLY C 421 15.86 28.64 -0.77
CA GLY C 421 16.08 27.95 0.49
C GLY C 421 15.68 26.48 0.54
N ASN C 422 15.00 25.97 -0.49
CA ASN C 422 14.48 24.59 -0.47
C ASN C 422 15.61 23.61 -0.20
N ALA C 423 15.41 22.78 0.84
CA ALA C 423 16.44 21.82 1.28
C ALA C 423 16.82 20.82 0.20
N GLN C 424 15.82 20.30 -0.53
CA GLN C 424 16.12 19.32 -1.59
C GLN C 424 16.90 19.93 -2.73
N LEU C 425 16.53 21.14 -3.13
CA LEU C 425 17.21 21.85 -4.19
C LEU C 425 18.65 22.19 -3.82
N GLN C 426 18.86 22.67 -2.60
CA GLN C 426 20.22 22.98 -2.13
C GLN C 426 21.05 21.71 -2.21
N GLN C 427 20.47 20.60 -1.76
CA GLN C 427 21.07 19.28 -1.84
C GLN C 427 21.32 18.80 -3.27
N LEU C 428 20.34 19.01 -4.15
CA LEU C 428 20.48 18.58 -5.55
C LEU C 428 21.51 19.44 -6.28
N LYS C 429 21.48 20.75 -6.05
CA LYS C 429 22.50 21.64 -6.57
C LYS C 429 23.92 21.23 -6.18
N GLN C 430 24.13 21.00 -4.89
CA GLN C 430 25.47 20.65 -4.43
C GLN C 430 25.93 19.38 -5.09
N GLU C 431 25.02 18.41 -5.19
CA GLU C 431 25.27 17.16 -5.90
C GLU C 431 25.62 17.43 -7.38
N VAL C 432 24.89 18.35 -8.00
CA VAL C 432 25.17 18.76 -9.37
C VAL C 432 26.54 19.46 -9.49
N VAL C 433 26.78 20.42 -8.60
CA VAL C 433 28.03 21.19 -8.60
C VAL C 433 29.24 20.31 -8.44
N THR C 434 29.16 19.29 -7.58
CA THR C 434 30.33 18.45 -7.31
C THR C 434 30.65 17.62 -8.52
N TRP C 435 29.63 17.09 -9.19
CA TRP C 435 29.87 16.28 -10.39
C TRP C 435 30.36 17.13 -11.57
N ALA C 436 29.67 18.25 -11.81
CA ALA C 436 29.98 19.19 -12.92
C ALA C 436 31.35 19.85 -12.79
N GLY C 437 31.65 20.31 -11.58
CA GLY C 437 32.93 20.94 -11.26
C GLY C 437 34.13 20.06 -11.52
N ALA C 438 33.96 18.74 -11.42
CA ALA C 438 35.02 17.75 -11.65
C ALA C 438 35.42 17.56 -13.13
N LEU C 439 34.47 17.70 -14.02
CA LEU C 439 34.68 17.36 -15.44
C LEU C 439 35.69 18.22 -16.17
N PRO C 440 36.38 17.64 -17.20
CA PRO C 440 37.28 18.51 -17.96
C PRO C 440 36.60 19.73 -18.58
N PHE C 441 37.25 20.87 -18.43
CA PHE C 441 36.71 22.15 -18.85
C PHE C 441 37.71 22.81 -19.78
N PRO C 442 37.33 23.11 -21.03
CA PRO C 442 38.23 23.90 -21.86
C PRO C 442 38.10 25.37 -21.52
#